data_4K6M
#
_entry.id   4K6M
#
_cell.length_a   272.293
_cell.length_b   272.293
_cell.length_c   177.248
_cell.angle_alpha   90.00
_cell.angle_beta   90.00
_cell.angle_gamma   120.00
#
_symmetry.space_group_name_H-M   'H 3'
#
loop_
_entity.id
_entity.type
_entity.pdbx_description
1 polymer Polyprotein
2 non-polymer S-ADENOSYL-L-HOMOCYSTEINE
3 non-polymer 'SULFATE ION'
4 non-polymer 'ZINC ION'
5 water water
#
_entity_poly.entity_id   1
_entity_poly.type   'polypeptide(L)'
_entity_poly.pdbx_seq_one_letter_code
;GRPGGRTLGEQWKEKLNAMSREEFFKYRREAIIEVDRTEARRARRENNIVGGHPVSRGSAKLRWLVEKGFVSPIGKVIDL
GCGRGGWSYYAATLKKVQEVRGYTKGGAGHEEPMLMQSYGWNLVSLKSGVDVFYKPSEPSDTLFCDIGESSPSPEVEEQR
TLRVLEMTSDWLHRGPREFCIKVLCPYMPKVIEKMEVLQRRFGGGLVRLPLSRNSNHEMYWVSGAAGNVVHAVNMTSQVL
LGRMDRTVWRGPKYEEDVNLGSGTRAVGKGEVHSNQEKIKKRIQKLKEEFATTWHKDPEHPYRTWTYHGSYEVKATGSAS
SLVNGVVKLMSKPWDAIANVTTMAMTDTTPFGQQRVFKEKVDTKAPEPPAGAKEVLNETTNWLWAYLSREKRPRLCTKEE
FIKKVNSNAALGAVFAEQNQWSTAREAVDDPRFWEMVDEERENHLRGECHTCIYNMMGKREKKPGEFGKAKGSRAIWFMW
LGARYLEFEALGFLNEDHWLSRENSGGGVEGSGVQKLGYILRDIAGKQGGKMYADDTAGWDTRITRTDLENEAKVLELLD
GEHRMLARAIIELTYRHKVVKVMRPAAEGKTVMDVISREDQRGSGQVVTYALNTFTNIAVQLVRLMEAEGVIGPQHLEQL
PRKNKIAVRTWLFENGEERVTRMAISGDDCVVKPLDDRFATALHFLNAMSKVRKDIQEWKPSHGWHDWQQVPFCSNHFQE
IVMKDGRSIVVPCRGQDELIGRARISPGAGWNVKDTACLAKAYAQMWLLLYFHRRDLRLMANAICSAVPVDWVPTGRTSW
SIHSKGEWMTTEDMLQVWNRVWIEENEWMMDKTPITSWTDVPYVGKREDIWCGSLIGTRSRATWAENIYAAINQVRAVIG
KENYVDYMTSLRRYEDVLIQEDRVIGSSSHHHHHH
;
_entity_poly.pdbx_strand_id   A,B
#
loop_
_chem_comp.id
_chem_comp.type
_chem_comp.name
_chem_comp.formula
SO4 non-polymer 'SULFATE ION' 'O4 S -2'
ZN non-polymer 'ZINC ION' 'Zn 2'
#
# COMPACT_ATOMS: atom_id res chain seq x y z
N GLY A 5 -34.43 -18.51 -10.70
CA GLY A 5 -34.13 -19.86 -11.14
C GLY A 5 -34.82 -20.14 -12.46
N ARG A 6 -35.55 -19.13 -12.98
CA ARG A 6 -36.30 -19.29 -14.22
C ARG A 6 -35.38 -19.62 -15.40
N THR A 7 -34.46 -18.73 -15.75
CA THR A 7 -33.57 -18.97 -16.88
C THR A 7 -32.67 -20.18 -16.64
N LEU A 8 -32.14 -20.74 -17.72
CA LEU A 8 -31.20 -21.85 -17.65
C LEU A 8 -29.86 -21.41 -17.07
N GLY A 9 -29.54 -20.12 -17.25
CA GLY A 9 -28.30 -19.59 -16.74
C GLY A 9 -28.31 -19.61 -15.21
N GLU A 10 -29.42 -19.15 -14.65
CA GLU A 10 -29.65 -19.19 -13.21
C GLU A 10 -29.58 -20.60 -12.64
N GLN A 11 -30.00 -21.59 -13.41
CA GLN A 11 -29.88 -22.98 -12.97
C GLN A 11 -28.43 -23.40 -12.98
N TRP A 12 -27.70 -22.93 -13.99
CA TRP A 12 -26.27 -23.25 -14.11
C TRP A 12 -25.47 -22.63 -12.96
N LYS A 13 -25.81 -21.39 -12.64
CA LYS A 13 -25.13 -20.60 -11.61
C LYS A 13 -25.31 -21.24 -10.25
N GLU A 14 -26.53 -21.67 -9.99
CA GLU A 14 -26.90 -22.28 -8.73
C GLU A 14 -26.17 -23.60 -8.57
N LYS A 15 -26.08 -24.35 -9.65
CA LYS A 15 -25.37 -25.64 -9.60
C LYS A 15 -23.87 -25.38 -9.42
N LEU A 16 -23.41 -24.26 -9.95
CA LEU A 16 -21.99 -23.90 -9.90
C LEU A 16 -21.63 -23.56 -8.47
N ASN A 17 -22.44 -22.66 -7.90
CA ASN A 17 -22.29 -22.19 -6.54
C ASN A 17 -22.31 -23.31 -5.51
N ALA A 18 -22.84 -24.47 -5.87
CA ALA A 18 -22.96 -25.60 -4.96
C ALA A 18 -21.85 -26.63 -5.11
N MET A 19 -20.98 -26.43 -6.08
CA MET A 19 -19.91 -27.39 -6.28
C MET A 19 -18.88 -27.33 -5.14
N SER A 20 -18.26 -28.48 -4.85
CA SER A 20 -17.13 -28.51 -3.93
C SER A 20 -15.97 -27.88 -4.67
N ARG A 21 -14.98 -27.37 -3.95
CA ARG A 21 -13.81 -26.76 -4.58
C ARG A 21 -13.18 -27.73 -5.57
N GLU A 22 -13.08 -29.00 -5.20
CA GLU A 22 -12.40 -29.96 -6.08
C GLU A 22 -13.12 -30.12 -7.40
N GLU A 23 -14.45 -30.22 -7.33
CA GLU A 23 -15.23 -30.46 -8.53
C GLU A 23 -15.24 -29.23 -9.43
N PHE A 24 -15.36 -28.07 -8.79
CA PHE A 24 -15.30 -26.81 -9.49
C PHE A 24 -14.08 -26.70 -10.42
N PHE A 25 -12.92 -27.17 -9.97
CA PHE A 25 -11.74 -27.01 -10.80
C PHE A 25 -11.57 -28.09 -11.87
N LYS A 26 -12.35 -29.17 -11.75
CA LYS A 26 -12.41 -30.16 -12.82
C LYS A 26 -13.39 -29.70 -13.89
N TYR A 27 -14.55 -29.22 -13.44
CA TYR A 27 -15.60 -28.78 -14.35
C TYR A 27 -15.17 -27.55 -15.14
N ARG A 28 -14.47 -26.65 -14.46
CA ARG A 28 -14.02 -25.40 -15.07
C ARG A 28 -13.35 -25.62 -16.42
N ARG A 29 -12.53 -26.67 -16.49
CA ARG A 29 -11.70 -26.91 -17.67
C ARG A 29 -12.22 -28.02 -18.57
N GLU A 30 -13.43 -28.51 -18.29
CA GLU A 30 -13.95 -29.63 -19.07
C GLU A 30 -14.39 -29.26 -20.48
N ALA A 31 -13.87 -29.99 -21.45
CA ALA A 31 -14.25 -29.84 -22.86
C ALA A 31 -13.90 -28.48 -23.46
N ILE A 32 -13.12 -27.68 -22.74
CA ILE A 32 -12.78 -26.38 -23.29
C ILE A 32 -11.51 -26.47 -24.14
N ILE A 33 -11.26 -25.40 -24.88
CA ILE A 33 -9.99 -25.27 -25.55
C ILE A 33 -9.11 -24.41 -24.64
N GLU A 34 -7.88 -24.86 -24.43
CA GLU A 34 -6.97 -24.10 -23.58
C GLU A 34 -5.60 -23.92 -24.21
N VAL A 35 -5.08 -22.70 -24.21
CA VAL A 35 -3.72 -22.49 -24.73
C VAL A 35 -2.70 -22.90 -23.70
N ASP A 36 -1.67 -23.59 -24.14
CA ASP A 36 -0.60 -24.00 -23.25
C ASP A 36 0.21 -22.77 -22.80
N ARG A 37 0.14 -22.49 -21.50
CA ARG A 37 0.73 -21.26 -20.96
C ARG A 37 2.08 -21.48 -20.29
N THR A 38 2.60 -22.70 -20.40
CA THR A 38 3.82 -23.06 -19.70
C THR A 38 5.01 -22.16 -20.04
N GLU A 39 5.29 -22.03 -21.33
CA GLU A 39 6.41 -21.22 -21.77
C GLU A 39 6.24 -19.75 -21.40
N ALA A 40 5.02 -19.23 -21.49
CA ALA A 40 4.78 -17.85 -21.10
C ALA A 40 5.10 -17.61 -19.62
N ARG A 41 4.82 -18.60 -18.78
CA ARG A 41 5.02 -18.40 -17.36
C ARG A 41 6.50 -18.40 -17.01
N ARG A 42 7.27 -19.25 -17.68
CA ARG A 42 8.71 -19.25 -17.53
C ARG A 42 9.30 -17.94 -18.04
N ALA A 43 8.73 -17.41 -19.12
CA ALA A 43 9.17 -16.13 -19.65
C ALA A 43 8.99 -15.04 -18.61
N ARG A 44 7.80 -15.01 -18.00
CA ARG A 44 7.51 -14.03 -16.97
C ARG A 44 8.54 -14.14 -15.85
N ARG A 45 8.87 -15.39 -15.48
CA ARG A 45 9.85 -15.66 -14.43
C ARG A 45 11.26 -15.18 -14.81
N GLU A 46 11.65 -15.42 -16.06
CA GLU A 46 13.00 -15.09 -16.52
C GLU A 46 13.11 -13.68 -17.10
N ASN A 47 12.11 -12.83 -16.84
CA ASN A 47 12.05 -11.46 -17.37
C ASN A 47 12.21 -11.37 -18.87
N ASN A 48 11.76 -12.40 -19.57
CA ASN A 48 11.86 -12.39 -21.01
C ASN A 48 10.64 -11.68 -21.64
N ILE A 49 10.81 -10.43 -22.05
CA ILE A 49 9.72 -9.70 -22.70
C ILE A 49 9.91 -9.55 -24.22
N VAL A 50 10.74 -10.40 -24.82
CA VAL A 50 11.08 -10.28 -26.25
C VAL A 50 10.86 -11.57 -27.04
N GLY A 51 10.40 -12.62 -26.36
CA GLY A 51 10.16 -13.91 -26.99
C GLY A 51 8.77 -14.16 -27.58
N GLY A 52 7.91 -13.15 -27.61
CA GLY A 52 6.61 -13.32 -28.24
C GLY A 52 5.50 -13.85 -27.33
N HIS A 53 5.86 -14.23 -26.10
CA HIS A 53 4.90 -14.80 -25.16
C HIS A 53 3.92 -13.76 -24.63
N PRO A 54 2.61 -13.96 -24.88
CA PRO A 54 1.56 -13.03 -24.45
C PRO A 54 1.46 -12.92 -22.92
N VAL A 55 1.06 -11.75 -22.46
CA VAL A 55 0.93 -11.47 -21.04
C VAL A 55 -0.22 -12.20 -20.33
N SER A 56 -1.25 -12.59 -21.08
CA SER A 56 -2.38 -13.35 -20.54
C SER A 56 -2.96 -14.32 -21.56
N ARG A 57 -4.02 -15.02 -21.17
CA ARG A 57 -4.82 -15.82 -22.10
C ARG A 57 -5.62 -14.93 -23.05
N GLY A 58 -5.65 -13.63 -22.76
CA GLY A 58 -6.49 -12.71 -23.48
C GLY A 58 -6.08 -12.49 -24.91
N SER A 59 -4.81 -12.73 -25.21
CA SER A 59 -4.32 -12.59 -26.57
C SER A 59 -4.89 -13.68 -27.45
N ALA A 60 -4.99 -14.89 -26.90
CA ALA A 60 -5.48 -16.02 -27.67
C ALA A 60 -6.97 -15.89 -27.95
N LYS A 61 -7.70 -15.32 -27.00
CA LYS A 61 -9.14 -15.09 -27.17
C LYS A 61 -9.39 -14.11 -28.30
N LEU A 62 -8.63 -13.03 -28.36
CA LEU A 62 -8.85 -12.04 -29.40
C LEU A 62 -8.40 -12.61 -30.75
N ARG A 63 -7.32 -13.37 -30.74
CA ARG A 63 -6.86 -14.03 -31.96
C ARG A 63 -7.98 -14.88 -32.57
N TRP A 64 -8.62 -15.70 -31.73
CA TRP A 64 -9.72 -16.55 -32.18
C TRP A 64 -10.84 -15.72 -32.80
N LEU A 65 -11.14 -14.58 -32.18
CA LEU A 65 -12.18 -13.72 -32.71
C LEU A 65 -11.84 -13.06 -34.04
N VAL A 66 -10.58 -12.66 -34.26
CA VAL A 66 -10.29 -12.02 -35.55
C VAL A 66 -10.12 -13.08 -36.65
N GLU A 67 -9.50 -14.20 -36.30
CA GLU A 67 -9.35 -15.32 -37.24
C GLU A 67 -10.70 -15.91 -37.68
N LYS A 68 -11.77 -15.50 -37.02
CA LYS A 68 -13.10 -15.95 -37.41
C LYS A 68 -13.96 -14.81 -37.92
N GLY A 69 -13.32 -13.70 -38.24
CA GLY A 69 -14.03 -12.59 -38.84
C GLY A 69 -14.93 -11.83 -37.89
N PHE A 70 -15.02 -12.28 -36.66
CA PHE A 70 -15.93 -11.67 -35.70
C PHE A 70 -15.60 -10.22 -35.34
N VAL A 71 -14.34 -9.86 -35.49
CA VAL A 71 -13.92 -8.46 -35.35
C VAL A 71 -12.68 -8.27 -36.21
N SER A 72 -12.53 -7.09 -36.80
CA SER A 72 -11.36 -6.81 -37.64
C SER A 72 -10.79 -5.49 -37.24
N PRO A 73 -9.88 -5.51 -36.25
CA PRO A 73 -9.34 -4.31 -35.60
C PRO A 73 -8.70 -3.39 -36.63
N ILE A 74 -8.85 -2.09 -36.43
CA ILE A 74 -8.36 -1.16 -37.43
C ILE A 74 -8.17 0.22 -36.83
N GLY A 75 -7.18 0.95 -37.34
CA GLY A 75 -6.97 2.35 -36.97
C GLY A 75 -6.57 2.57 -35.52
N LYS A 76 -7.29 3.45 -34.84
CA LYS A 76 -7.02 3.72 -33.44
C LYS A 76 -7.90 2.82 -32.56
N VAL A 77 -7.26 1.88 -31.87
CA VAL A 77 -7.93 0.95 -31.00
C VAL A 77 -7.96 1.45 -29.55
N ILE A 78 -9.15 1.61 -28.98
CA ILE A 78 -9.25 1.89 -27.55
C ILE A 78 -9.63 0.63 -26.77
N ASP A 79 -8.96 0.39 -25.64
CA ASP A 79 -9.14 -0.85 -24.91
C ASP A 79 -9.49 -0.58 -23.45
N LEU A 80 -10.78 -0.69 -23.13
CA LEU A 80 -11.27 -0.38 -21.79
C LEU A 80 -11.14 -1.58 -20.86
N GLY A 81 -10.56 -1.37 -19.68
CA GLY A 81 -10.19 -2.46 -18.79
C GLY A 81 -9.16 -3.37 -19.42
N CYS A 82 -8.01 -2.81 -19.81
CA CYS A 82 -7.00 -3.59 -20.53
C CYS A 82 -6.24 -4.58 -19.66
N GLY A 83 -6.28 -4.39 -18.34
CA GLY A 83 -5.54 -5.25 -17.42
C GLY A 83 -4.05 -5.29 -17.77
N ARG A 84 -3.51 -6.49 -17.90
CA ARG A 84 -2.10 -6.63 -18.24
C ARG A 84 -1.79 -6.14 -19.62
N GLY A 85 -2.78 -6.16 -20.51
CA GLY A 85 -2.60 -5.59 -21.84
C GLY A 85 -2.67 -6.61 -22.95
N GLY A 86 -3.09 -7.82 -22.59
CA GLY A 86 -3.32 -8.92 -23.53
C GLY A 86 -3.97 -8.59 -24.86
N TRP A 87 -5.08 -7.86 -24.86
CA TRP A 87 -5.71 -7.52 -26.15
C TRP A 87 -4.95 -6.44 -26.90
N SER A 88 -4.54 -5.43 -26.15
CA SER A 88 -3.80 -4.30 -26.69
C SER A 88 -2.57 -4.74 -27.48
N TYR A 89 -1.83 -5.70 -26.94
CA TYR A 89 -0.61 -6.16 -27.60
C TYR A 89 -0.91 -7.02 -28.81
N TYR A 90 -1.98 -7.79 -28.77
CA TYR A 90 -2.34 -8.56 -29.96
C TYR A 90 -2.81 -7.65 -31.10
N ALA A 91 -3.60 -6.63 -30.75
CA ALA A 91 -4.08 -5.70 -31.77
C ALA A 91 -2.91 -5.02 -32.48
N ALA A 92 -1.86 -4.72 -31.74
CA ALA A 92 -0.74 -3.96 -32.28
C ALA A 92 0.08 -4.78 -33.28
N THR A 93 0.00 -6.11 -33.19
CA THR A 93 0.62 -6.95 -34.21
C THR A 93 -0.10 -6.92 -35.59
N LEU A 94 -1.32 -6.38 -35.63
CA LEU A 94 -2.15 -6.45 -36.83
C LEU A 94 -1.95 -5.27 -37.80
N LYS A 95 -1.64 -5.61 -39.05
CA LYS A 95 -1.38 -4.64 -40.12
C LYS A 95 -2.29 -3.40 -40.17
N LYS A 96 -3.60 -3.60 -40.02
CA LYS A 96 -4.53 -2.49 -40.18
C LYS A 96 -4.61 -1.55 -38.97
N VAL A 97 -4.06 -2.01 -37.85
CA VAL A 97 -4.06 -1.25 -36.61
C VAL A 97 -2.87 -0.30 -36.59
N GLN A 98 -3.09 0.96 -36.25
CA GLN A 98 -1.99 1.92 -36.23
C GLN A 98 -1.77 2.59 -34.87
N GLU A 99 -2.69 2.39 -33.95
CA GLU A 99 -2.57 2.99 -32.64
C GLU A 99 -3.43 2.29 -31.58
N VAL A 100 -2.86 1.98 -30.42
CA VAL A 100 -3.60 1.32 -29.34
C VAL A 100 -3.49 2.06 -28.01
N ARG A 101 -4.63 2.40 -27.39
CA ARG A 101 -4.65 3.01 -26.05
C ARG A 101 -5.46 2.17 -25.07
N GLY A 102 -4.81 1.64 -24.04
CA GLY A 102 -5.52 0.89 -23.01
C GLY A 102 -5.70 1.68 -21.73
N TYR A 103 -6.82 1.42 -21.05
CA TYR A 103 -7.06 2.01 -19.75
C TYR A 103 -7.47 0.89 -18.79
N THR A 104 -7.11 1.02 -17.53
CA THR A 104 -7.38 -0.03 -16.56
C THR A 104 -7.27 0.52 -15.13
N LYS A 105 -7.86 -0.19 -14.19
CA LYS A 105 -8.01 0.30 -12.82
C LYS A 105 -6.69 0.17 -12.08
N GLY A 106 -6.11 -1.02 -12.13
CA GLY A 106 -4.86 -1.27 -11.45
C GLY A 106 -5.02 -1.13 -9.94
N GLY A 107 -3.90 -1.03 -9.25
CA GLY A 107 -3.92 -0.86 -7.81
C GLY A 107 -4.13 -2.19 -7.12
N ALA A 108 -4.26 -2.15 -5.80
CA ALA A 108 -4.36 -3.37 -5.00
C ALA A 108 -5.48 -4.29 -5.48
N GLY A 109 -5.13 -5.55 -5.73
CA GLY A 109 -6.10 -6.55 -6.14
C GLY A 109 -6.64 -6.38 -7.57
N HIS A 110 -5.83 -5.78 -8.43
CA HIS A 110 -6.19 -5.66 -9.83
C HIS A 110 -4.93 -5.78 -10.65
N GLU A 111 -5.05 -6.28 -11.88
CA GLU A 111 -3.88 -6.45 -12.70
C GLU A 111 -3.40 -5.11 -13.29
N GLU A 112 -2.09 -4.87 -13.16
CA GLU A 112 -1.45 -3.69 -13.73
C GLU A 112 -1.00 -4.01 -15.16
N PRO A 113 -0.90 -3.00 -16.02
CA PRO A 113 -0.33 -3.23 -17.36
C PRO A 113 1.10 -3.79 -17.27
N MET A 114 1.42 -4.78 -18.09
CA MET A 114 2.77 -5.29 -18.20
C MET A 114 3.44 -4.69 -19.45
N LEU A 115 4.70 -4.29 -19.32
CA LEU A 115 5.41 -3.71 -20.44
C LEU A 115 6.08 -4.78 -21.27
N MET A 116 5.65 -4.94 -22.52
CA MET A 116 6.23 -5.96 -23.38
C MET A 116 6.93 -5.38 -24.60
N GLN A 117 7.78 -6.19 -25.21
CA GLN A 117 8.38 -5.81 -26.49
C GLN A 117 7.86 -6.71 -27.61
N SER A 118 6.56 -7.01 -27.59
CA SER A 118 5.94 -7.73 -28.68
C SER A 118 5.89 -6.84 -29.94
N TYR A 119 5.84 -7.48 -31.11
CA TYR A 119 5.81 -6.77 -32.38
C TYR A 119 4.79 -5.64 -32.41
N GLY A 120 5.26 -4.42 -32.62
CA GLY A 120 4.38 -3.27 -32.67
C GLY A 120 4.19 -2.60 -31.32
N TRP A 121 5.02 -2.97 -30.35
CA TRP A 121 4.88 -2.45 -28.99
C TRP A 121 4.91 -0.93 -28.95
N ASN A 122 5.54 -0.33 -29.96
CA ASN A 122 5.63 1.13 -29.98
C ASN A 122 4.31 1.82 -30.35
N LEU A 123 3.33 1.05 -30.80
CA LEU A 123 2.02 1.63 -31.14
C LEU A 123 1.14 1.67 -29.91
N VAL A 124 1.55 0.95 -28.87
CA VAL A 124 0.72 0.77 -27.68
C VAL A 124 0.99 1.80 -26.58
N SER A 125 -0.06 2.23 -25.91
CA SER A 125 0.03 3.17 -24.79
C SER A 125 -0.96 2.73 -23.70
N LEU A 126 -0.46 2.15 -22.63
CA LEU A 126 -1.29 1.67 -21.52
C LEU A 126 -1.32 2.65 -20.36
N LYS A 127 -2.48 2.78 -19.70
CA LYS A 127 -2.64 3.72 -18.60
C LYS A 127 -3.34 3.05 -17.43
N SER A 128 -2.83 3.25 -16.22
CA SER A 128 -3.40 2.57 -15.06
C SER A 128 -4.00 3.59 -14.09
N GLY A 129 -4.72 3.10 -13.08
CA GLY A 129 -5.36 3.98 -12.12
C GLY A 129 -6.54 4.73 -12.69
N VAL A 130 -7.15 4.16 -13.72
CA VAL A 130 -8.29 4.81 -14.38
C VAL A 130 -9.59 4.08 -14.03
N ASP A 131 -10.63 4.84 -13.68
CA ASP A 131 -11.97 4.27 -13.56
C ASP A 131 -12.72 4.65 -14.82
N VAL A 132 -12.87 3.71 -15.74
CA VAL A 132 -13.36 4.08 -17.05
C VAL A 132 -14.84 4.45 -17.00
N PHE A 133 -15.52 4.04 -15.93
CA PHE A 133 -16.94 4.37 -15.79
C PHE A 133 -17.14 5.87 -15.77
N TYR A 134 -16.13 6.59 -15.32
CA TYR A 134 -16.23 8.03 -15.23
C TYR A 134 -15.19 8.73 -16.08
N LYS A 135 -14.63 8.00 -17.04
CA LYS A 135 -13.74 8.60 -18.01
C LYS A 135 -14.55 9.02 -19.22
N PRO A 136 -14.45 10.30 -19.61
CA PRO A 136 -15.11 10.85 -20.79
C PRO A 136 -14.76 10.05 -22.03
N SER A 137 -15.76 9.82 -22.88
CA SER A 137 -15.58 9.05 -24.11
C SER A 137 -14.71 9.81 -25.09
N GLU A 138 -14.05 9.05 -25.96
CA GLU A 138 -13.16 9.59 -26.96
C GLU A 138 -13.50 8.89 -28.26
N PRO A 139 -13.20 9.55 -29.40
CA PRO A 139 -13.38 8.94 -30.72
C PRO A 139 -12.40 7.81 -30.92
N SER A 140 -12.82 6.75 -31.62
CA SER A 140 -11.94 5.62 -31.93
C SER A 140 -12.46 4.84 -33.13
N ASP A 141 -11.63 3.99 -33.72
CA ASP A 141 -12.07 3.19 -34.86
C ASP A 141 -12.43 1.77 -34.44
N THR A 142 -11.71 1.26 -33.45
CA THR A 142 -11.96 -0.06 -32.89
C THR A 142 -12.07 0.09 -31.39
N LEU A 143 -13.12 -0.47 -30.79
CA LEU A 143 -13.34 -0.35 -29.35
C LEU A 143 -13.37 -1.71 -28.67
N PHE A 144 -12.60 -1.86 -27.58
CA PHE A 144 -12.56 -3.11 -26.81
C PHE A 144 -12.98 -2.86 -25.38
N CYS A 145 -13.71 -3.78 -24.79
CA CYS A 145 -13.97 -3.70 -23.36
C CYS A 145 -14.05 -5.10 -22.76
N ASP A 146 -13.20 -5.38 -21.76
CA ASP A 146 -13.15 -6.71 -21.13
C ASP A 146 -13.50 -6.60 -19.64
N ILE A 147 -14.29 -5.61 -19.29
CA ILE A 147 -14.68 -5.37 -17.90
C ILE A 147 -15.92 -6.17 -17.50
N GLY A 148 -15.86 -6.80 -16.33
CA GLY A 148 -16.98 -7.56 -15.78
C GLY A 148 -16.53 -8.45 -14.64
N GLU A 149 -16.71 -7.97 -13.40
CA GLU A 149 -16.24 -8.73 -12.26
C GLU A 149 -17.32 -9.72 -11.80
N SER A 150 -16.95 -10.98 -11.67
CA SER A 150 -17.89 -12.02 -11.32
C SER A 150 -18.43 -11.86 -9.89
N SER A 151 -19.39 -12.73 -9.54
CA SER A 151 -20.13 -12.67 -8.28
C SER A 151 -20.99 -13.92 -8.21
N PRO A 152 -21.19 -14.49 -7.00
CA PRO A 152 -22.02 -15.69 -6.93
C PRO A 152 -23.50 -15.36 -7.13
N SER A 153 -23.83 -14.07 -7.12
CA SER A 153 -25.21 -13.61 -7.29
C SER A 153 -25.45 -13.07 -8.69
N PRO A 154 -26.29 -13.76 -9.47
CA PRO A 154 -26.73 -13.34 -10.80
C PRO A 154 -27.26 -11.93 -10.77
N GLU A 155 -27.88 -11.53 -9.68
CA GLU A 155 -28.45 -10.19 -9.59
C GLU A 155 -27.34 -9.12 -9.63
N VAL A 156 -26.23 -9.44 -8.97
CA VAL A 156 -25.11 -8.52 -8.86
C VAL A 156 -24.44 -8.41 -10.22
N GLU A 157 -24.15 -9.57 -10.81
CA GLU A 157 -23.54 -9.64 -12.14
C GLU A 157 -24.40 -8.91 -13.18
N GLU A 158 -25.71 -9.10 -13.06
CA GLU A 158 -26.65 -8.44 -13.95
C GLU A 158 -26.45 -6.93 -13.89
N GLN A 159 -26.39 -6.38 -12.68
CA GLN A 159 -26.28 -4.93 -12.57
C GLN A 159 -24.90 -4.45 -13.07
N ARG A 160 -23.86 -5.22 -12.76
CA ARG A 160 -22.51 -4.92 -13.25
C ARG A 160 -22.46 -4.94 -14.77
N THR A 161 -22.97 -6.02 -15.37
CA THR A 161 -23.04 -6.11 -16.83
C THR A 161 -23.74 -4.90 -17.46
N LEU A 162 -24.92 -4.56 -16.96
CA LEU A 162 -25.68 -3.42 -17.45
C LEU A 162 -24.88 -2.15 -17.41
N ARG A 163 -24.14 -1.97 -16.31
CA ARG A 163 -23.34 -0.77 -16.13
C ARG A 163 -22.25 -0.66 -17.21
N VAL A 164 -21.65 -1.79 -17.56
CA VAL A 164 -20.70 -1.82 -18.67
C VAL A 164 -21.34 -1.48 -20.01
N LEU A 165 -22.41 -2.20 -20.37
CA LEU A 165 -23.16 -1.94 -21.62
C LEU A 165 -23.61 -0.49 -21.69
N GLU A 166 -24.18 0.02 -20.60
CA GLU A 166 -24.52 1.44 -20.55
C GLU A 166 -23.30 2.32 -20.87
N MET A 167 -22.16 1.96 -20.30
CA MET A 167 -20.93 2.73 -20.45
C MET A 167 -20.36 2.65 -21.86
N THR A 168 -20.29 1.45 -22.41
CA THR A 168 -19.74 1.28 -23.75
C THR A 168 -20.55 1.99 -24.83
N SER A 169 -21.86 2.11 -24.59
CA SER A 169 -22.74 2.79 -25.53
C SER A 169 -22.25 4.22 -25.79
N ASP A 170 -21.80 4.91 -24.75
CA ASP A 170 -21.25 6.25 -24.92
C ASP A 170 -20.07 6.28 -25.89
N TRP A 171 -19.23 5.23 -25.84
CA TRP A 171 -18.06 5.11 -26.72
C TRP A 171 -18.41 4.67 -28.15
N LEU A 172 -19.41 3.79 -28.29
CA LEU A 172 -19.86 3.35 -29.60
C LEU A 172 -20.51 4.49 -30.38
N HIS A 173 -21.13 5.42 -29.64
CA HIS A 173 -21.77 6.59 -30.21
C HIS A 173 -20.77 7.52 -30.94
N ARG A 174 -19.49 7.19 -30.85
CA ARG A 174 -18.45 8.03 -31.45
C ARG A 174 -17.71 7.38 -32.59
N GLY A 175 -18.39 6.51 -33.33
CA GLY A 175 -17.79 6.01 -34.55
C GLY A 175 -17.31 4.57 -34.70
N PRO A 176 -16.86 3.91 -33.62
CA PRO A 176 -16.19 2.62 -33.87
C PRO A 176 -17.09 1.61 -34.57
N ARG A 177 -16.73 1.22 -35.79
CA ARG A 177 -17.55 0.23 -36.49
C ARG A 177 -17.07 -1.15 -36.12
N GLU A 178 -15.89 -1.22 -35.53
CA GLU A 178 -15.35 -2.48 -35.03
C GLU A 178 -15.39 -2.47 -33.51
N PHE A 179 -15.92 -3.53 -32.91
CA PHE A 179 -15.95 -3.63 -31.45
C PHE A 179 -16.02 -5.04 -30.90
N CYS A 180 -15.60 -5.16 -29.65
CA CYS A 180 -15.61 -6.42 -28.96
C CYS A 180 -15.75 -6.10 -27.49
N ILE A 181 -16.93 -6.38 -26.94
CA ILE A 181 -17.29 -5.96 -25.60
C ILE A 181 -17.76 -7.14 -24.78
N LYS A 182 -17.13 -7.35 -23.63
CA LYS A 182 -17.50 -8.45 -22.75
C LYS A 182 -18.89 -8.25 -22.17
N VAL A 183 -19.68 -9.32 -22.18
CA VAL A 183 -20.99 -9.31 -21.53
C VAL A 183 -20.93 -10.40 -20.47
N LEU A 184 -20.61 -9.98 -19.25
CA LEU A 184 -20.36 -10.90 -18.14
C LEU A 184 -21.54 -11.82 -17.82
N CYS A 185 -22.71 -11.24 -17.60
CA CYS A 185 -23.91 -12.03 -17.33
C CYS A 185 -24.99 -11.84 -18.40
N PRO A 186 -24.95 -12.65 -19.46
CA PRO A 186 -25.85 -12.37 -20.58
C PRO A 186 -27.28 -12.92 -20.38
N TYR A 187 -27.47 -13.92 -19.52
CA TYR A 187 -28.79 -14.56 -19.37
C TYR A 187 -29.85 -13.83 -18.54
N MET A 188 -29.48 -12.76 -17.85
CA MET A 188 -30.43 -12.09 -16.97
C MET A 188 -31.29 -11.11 -17.74
N PRO A 189 -32.59 -11.07 -17.39
CA PRO A 189 -33.62 -10.31 -18.12
C PRO A 189 -33.22 -8.90 -18.55
N LYS A 190 -32.80 -8.04 -17.63
CA LYS A 190 -32.44 -6.67 -18.00
C LYS A 190 -31.27 -6.60 -18.98
N VAL A 191 -30.38 -7.58 -18.93
CA VAL A 191 -29.25 -7.62 -19.86
C VAL A 191 -29.72 -8.02 -21.25
N ILE A 192 -30.59 -9.03 -21.30
CA ILE A 192 -31.22 -9.45 -22.55
C ILE A 192 -31.89 -8.26 -23.23
N GLU A 193 -32.69 -7.53 -22.47
CA GLU A 193 -33.36 -6.34 -23.02
C GLU A 193 -32.36 -5.33 -23.54
N LYS A 194 -31.29 -5.11 -22.78
CA LYS A 194 -30.29 -4.10 -23.14
C LYS A 194 -29.55 -4.50 -24.41
N MET A 195 -29.23 -5.78 -24.51
CA MET A 195 -28.55 -6.30 -25.67
C MET A 195 -29.39 -6.13 -26.93
N GLU A 196 -30.69 -6.39 -26.80
CA GLU A 196 -31.60 -6.31 -27.93
C GLU A 196 -31.68 -4.87 -28.46
N VAL A 197 -31.79 -3.92 -27.54
CA VAL A 197 -31.82 -2.51 -27.92
C VAL A 197 -30.48 -2.09 -28.52
N LEU A 198 -29.38 -2.55 -27.92
CA LEU A 198 -28.05 -2.22 -28.41
C LEU A 198 -27.72 -2.86 -29.77
N GLN A 199 -28.10 -4.12 -29.96
CA GLN A 199 -27.90 -4.80 -31.25
C GLN A 199 -28.65 -4.11 -32.38
N ARG A 200 -29.86 -3.64 -32.09
CA ARG A 200 -30.65 -2.94 -33.06
C ARG A 200 -29.88 -1.70 -33.51
N ARG A 201 -29.42 -0.92 -32.53
CA ARG A 201 -28.76 0.36 -32.76
C ARG A 201 -27.36 0.26 -33.39
N PHE A 202 -26.57 -0.73 -32.97
CA PHE A 202 -25.16 -0.80 -33.37
C PHE A 202 -24.77 -2.08 -34.10
N GLY A 203 -25.66 -3.06 -34.11
CA GLY A 203 -25.38 -4.28 -34.86
C GLY A 203 -24.61 -5.30 -34.06
N GLY A 204 -23.95 -6.21 -34.78
CA GLY A 204 -23.18 -7.25 -34.16
C GLY A 204 -24.04 -8.28 -33.47
N GLY A 205 -23.39 -9.21 -32.76
CA GLY A 205 -24.08 -10.27 -32.08
C GLY A 205 -23.28 -10.75 -30.89
N LEU A 206 -23.87 -11.65 -30.12
CA LEU A 206 -23.25 -12.24 -28.95
C LEU A 206 -22.59 -13.56 -29.31
N VAL A 207 -21.33 -13.72 -28.91
CA VAL A 207 -20.58 -14.92 -29.23
C VAL A 207 -19.98 -15.55 -27.96
N ARG A 208 -19.98 -16.88 -27.91
CA ARG A 208 -19.32 -17.58 -26.85
C ARG A 208 -18.04 -18.27 -27.31
N LEU A 209 -16.91 -17.79 -26.80
CA LEU A 209 -15.59 -18.33 -27.10
C LEU A 209 -15.44 -19.72 -26.53
N PRO A 210 -14.97 -20.67 -27.34
CA PRO A 210 -14.53 -21.98 -26.85
C PRO A 210 -13.30 -21.91 -25.93
N LEU A 211 -12.68 -20.75 -25.82
CA LEU A 211 -11.48 -20.57 -24.99
C LEU A 211 -11.89 -20.24 -23.56
N SER A 212 -13.12 -19.76 -23.40
CA SER A 212 -13.68 -19.42 -22.10
C SER A 212 -13.82 -20.66 -21.25
N ARG A 213 -13.57 -20.55 -19.95
CA ARG A 213 -13.79 -21.71 -19.09
C ARG A 213 -15.23 -21.83 -18.58
N ASN A 214 -15.62 -23.05 -18.21
CA ASN A 214 -17.01 -23.35 -17.86
C ASN A 214 -17.48 -22.68 -16.56
N SER A 215 -16.56 -22.03 -15.85
CA SER A 215 -16.90 -21.37 -14.59
C SER A 215 -17.49 -19.98 -14.79
N ASN A 216 -17.58 -19.53 -16.03
CA ASN A 216 -18.34 -18.31 -16.29
C ASN A 216 -19.24 -18.46 -17.51
N HIS A 217 -20.12 -17.49 -17.69
CA HIS A 217 -21.10 -17.53 -18.77
C HIS A 217 -20.85 -16.35 -19.67
N GLU A 218 -19.62 -15.83 -19.63
CA GLU A 218 -19.30 -14.62 -20.38
C GLU A 218 -19.48 -14.83 -21.89
N MET A 219 -20.07 -13.83 -22.54
CA MET A 219 -20.16 -13.82 -23.99
C MET A 219 -19.67 -12.47 -24.50
N TYR A 220 -19.18 -12.44 -25.74
CA TYR A 220 -18.69 -11.20 -26.30
C TYR A 220 -19.62 -10.60 -27.36
N TRP A 221 -20.06 -9.38 -27.12
CA TRP A 221 -20.82 -8.66 -28.11
C TRP A 221 -19.83 -8.14 -29.15
N VAL A 222 -19.72 -8.83 -30.28
CA VAL A 222 -18.75 -8.43 -31.31
C VAL A 222 -19.39 -7.92 -32.60
N SER A 223 -18.73 -6.94 -33.22
CA SER A 223 -19.33 -6.20 -34.33
C SER A 223 -19.59 -7.05 -35.58
N GLY A 224 -18.81 -8.10 -35.79
CA GLY A 224 -18.95 -8.90 -37.00
C GLY A 224 -19.68 -10.19 -36.78
N ALA A 225 -20.50 -10.24 -35.75
CA ALA A 225 -21.38 -11.37 -35.55
C ALA A 225 -22.80 -10.87 -35.78
N ALA A 226 -23.74 -11.80 -35.81
CA ALA A 226 -25.15 -11.45 -35.82
C ALA A 226 -25.93 -12.66 -35.40
N GLY A 227 -27.20 -12.44 -35.07
CA GLY A 227 -28.04 -13.53 -34.66
C GLY A 227 -28.97 -13.11 -33.56
N ASN A 228 -29.85 -14.02 -33.19
CA ASN A 228 -30.81 -13.73 -32.16
C ASN A 228 -30.11 -13.87 -30.81
N VAL A 229 -30.19 -12.81 -30.01
CA VAL A 229 -29.54 -12.77 -28.72
C VAL A 229 -29.96 -13.92 -27.80
N VAL A 230 -31.28 -13.99 -27.54
CA VAL A 230 -31.85 -15.06 -26.72
C VAL A 230 -31.40 -16.44 -27.19
N HIS A 231 -31.53 -16.71 -28.48
CA HIS A 231 -31.16 -18.04 -28.97
C HIS A 231 -29.71 -18.37 -28.61
N ALA A 232 -28.84 -17.39 -28.87
CA ALA A 232 -27.40 -17.49 -28.63
C ALA A 232 -27.09 -17.85 -27.16
N VAL A 233 -27.64 -17.04 -26.24
CA VAL A 233 -27.50 -17.31 -24.83
C VAL A 233 -27.92 -18.71 -24.42
N ASN A 234 -29.15 -19.11 -24.77
CA ASN A 234 -29.63 -20.44 -24.39
C ASN A 234 -28.76 -21.59 -24.90
N MET A 235 -28.25 -21.44 -26.11
CA MET A 235 -27.35 -22.45 -26.65
C MET A 235 -26.11 -22.58 -25.75
N THR A 236 -25.68 -21.46 -25.18
CA THR A 236 -24.51 -21.47 -24.31
C THR A 236 -24.84 -22.17 -22.99
N SER A 237 -25.89 -21.69 -22.33
CA SER A 237 -26.42 -22.34 -21.13
C SER A 237 -26.50 -23.84 -21.28
N GLN A 238 -27.03 -24.31 -22.41
CA GLN A 238 -27.18 -25.75 -22.57
C GLN A 238 -25.84 -26.47 -22.60
N VAL A 239 -24.86 -25.87 -23.25
CA VAL A 239 -23.53 -26.49 -23.36
C VAL A 239 -22.93 -26.61 -21.99
N LEU A 240 -22.99 -25.48 -21.29
CA LEU A 240 -22.59 -25.36 -19.89
C LEU A 240 -23.23 -26.42 -18.99
N LEU A 241 -24.56 -26.47 -18.96
CA LEU A 241 -25.27 -27.47 -18.16
C LEU A 241 -24.88 -28.88 -18.57
N GLY A 242 -24.76 -29.11 -19.87
CA GLY A 242 -24.33 -30.43 -20.33
C GLY A 242 -22.99 -30.91 -19.78
N ARG A 243 -22.12 -29.98 -19.43
CA ARG A 243 -20.77 -30.37 -19.06
C ARG A 243 -20.66 -30.72 -17.58
N MET A 244 -21.72 -30.42 -16.84
CA MET A 244 -21.81 -30.81 -15.45
C MET A 244 -22.09 -32.32 -15.28
N ASP A 245 -21.74 -32.85 -14.11
CA ASP A 245 -22.11 -34.21 -13.69
C ASP A 245 -21.45 -35.39 -14.44
N ARG A 246 -20.48 -35.14 -15.33
CA ARG A 246 -19.76 -36.20 -16.06
C ARG A 246 -19.34 -37.37 -15.15
N THR A 247 -19.39 -38.59 -15.70
CA THR A 247 -18.89 -39.77 -15.00
C THR A 247 -17.37 -39.75 -15.03
N VAL A 248 -16.82 -39.36 -16.17
CA VAL A 248 -15.38 -39.25 -16.33
C VAL A 248 -15.02 -37.89 -16.92
N TRP A 249 -14.21 -37.12 -16.19
CA TRP A 249 -13.71 -35.84 -16.71
C TRP A 249 -12.58 -36.04 -17.71
N ARG A 250 -12.75 -35.49 -18.91
CA ARG A 250 -11.80 -35.72 -19.99
C ARG A 250 -10.80 -34.56 -20.14
N GLY A 251 -11.10 -33.45 -19.47
CA GLY A 251 -10.21 -32.30 -19.51
C GLY A 251 -10.42 -31.43 -20.74
N PRO A 252 -9.49 -30.50 -20.95
CA PRO A 252 -9.58 -29.58 -22.07
C PRO A 252 -8.79 -30.07 -23.28
N LYS A 253 -8.98 -29.42 -24.42
CA LYS A 253 -8.17 -29.70 -25.60
C LYS A 253 -7.13 -28.60 -25.72
N TYR A 254 -5.87 -28.99 -25.89
CA TYR A 254 -4.78 -28.02 -25.84
C TYR A 254 -4.44 -27.43 -27.18
N GLU A 255 -4.20 -26.11 -27.19
CA GLU A 255 -3.72 -25.41 -28.37
C GLU A 255 -2.39 -24.76 -28.05
N GLU A 256 -1.68 -24.35 -29.10
CA GLU A 256 -0.47 -23.57 -28.95
C GLU A 256 -0.89 -22.12 -28.68
N ASP A 257 -0.17 -21.41 -27.82
CA ASP A 257 -0.49 -20.02 -27.55
C ASP A 257 -0.04 -19.20 -28.75
N VAL A 258 -0.53 -17.97 -28.88
CA VAL A 258 -0.09 -17.08 -29.95
C VAL A 258 1.34 -16.61 -29.69
N ASN A 259 2.11 -16.39 -30.76
CA ASN A 259 3.46 -15.83 -30.67
C ASN A 259 3.42 -14.42 -31.26
N LEU A 260 3.57 -13.42 -30.40
CA LEU A 260 3.39 -12.02 -30.81
C LEU A 260 4.66 -11.43 -31.41
N GLY A 261 5.69 -12.26 -31.56
CA GLY A 261 6.98 -11.82 -32.02
C GLY A 261 7.54 -10.65 -31.22
N SER A 262 8.25 -9.76 -31.90
CA SER A 262 8.99 -8.68 -31.22
C SER A 262 9.44 -7.65 -32.24
N GLY A 263 9.78 -6.45 -31.77
CA GLY A 263 10.32 -5.43 -32.65
C GLY A 263 9.32 -4.32 -32.86
N THR A 264 9.81 -3.14 -33.21
CA THR A 264 8.94 -1.99 -33.43
C THR A 264 8.27 -2.11 -34.80
N ARG A 265 7.29 -1.26 -35.05
CA ARG A 265 6.60 -1.24 -36.33
C ARG A 265 6.72 0.15 -36.93
N ALA A 266 6.78 0.22 -38.25
CA ALA A 266 6.84 1.49 -38.95
C ALA A 266 5.56 2.31 -38.83
N VAL A 267 5.72 3.62 -38.77
CA VAL A 267 4.62 4.57 -38.80
C VAL A 267 4.45 5.13 -40.21
N GLY A 268 3.21 5.22 -40.69
CA GLY A 268 2.94 5.70 -42.05
C GLY A 268 3.52 7.06 -42.39
N LYS A 269 3.46 7.41 -43.68
CA LYS A 269 4.09 8.62 -44.23
C LYS A 269 5.53 8.85 -43.73
N GLY A 270 5.77 10.02 -43.12
CA GLY A 270 7.08 10.37 -42.64
C GLY A 270 8.04 10.76 -43.74
N SER A 274 14.23 18.15 -46.52
CA SER A 274 15.26 17.18 -46.86
C SER A 274 16.61 17.85 -47.18
N ASN A 275 17.07 18.73 -46.29
CA ASN A 275 18.36 19.43 -46.46
C ASN A 275 19.56 18.53 -46.09
N GLN A 276 19.78 17.49 -46.90
CA GLN A 276 20.80 16.49 -46.63
C GLN A 276 22.22 17.03 -46.82
N GLU A 277 22.37 18.15 -47.52
CA GLU A 277 23.69 18.70 -47.80
C GLU A 277 24.52 18.95 -46.54
N LYS A 278 23.96 19.74 -45.62
CA LYS A 278 24.71 20.16 -44.45
C LYS A 278 24.90 19.08 -43.37
N ILE A 279 24.35 17.89 -43.58
CA ILE A 279 24.57 16.82 -42.61
C ILE A 279 25.24 15.60 -43.23
N LYS A 280 25.43 15.65 -44.55
CA LYS A 280 25.88 14.50 -45.32
C LYS A 280 27.22 13.92 -44.83
N LYS A 281 28.17 14.80 -44.56
CA LYS A 281 29.48 14.40 -44.09
C LYS A 281 29.39 13.62 -42.81
N ARG A 282 28.68 14.17 -41.83
CA ARG A 282 28.51 13.51 -40.53
C ARG A 282 27.94 12.12 -40.71
N ILE A 283 26.88 12.01 -41.50
CA ILE A 283 26.24 10.72 -41.71
C ILE A 283 27.21 9.75 -42.36
N GLN A 284 27.84 10.23 -43.43
CA GLN A 284 28.81 9.44 -44.17
C GLN A 284 29.93 8.93 -43.26
N LYS A 285 30.47 9.82 -42.43
CA LYS A 285 31.52 9.41 -41.51
C LYS A 285 31.05 8.34 -40.53
N LEU A 286 29.78 8.41 -40.10
CA LEU A 286 29.23 7.41 -39.17
C LEU A 286 28.98 6.09 -39.87
N LYS A 287 28.35 6.18 -41.05
CA LYS A 287 28.09 4.99 -41.85
C LYS A 287 29.38 4.20 -42.12
N GLU A 288 30.47 4.93 -42.35
CA GLU A 288 31.73 4.31 -42.64
C GLU A 288 32.36 3.72 -41.39
N GLU A 289 32.39 4.48 -40.30
CA GLU A 289 32.94 3.99 -39.06
C GLU A 289 32.20 2.76 -38.51
N PHE A 290 30.90 2.67 -38.76
CA PHE A 290 30.14 1.51 -38.27
C PHE A 290 29.52 0.76 -39.42
N ALA A 291 30.29 0.56 -40.49
CA ALA A 291 29.76 -0.08 -41.69
C ALA A 291 29.49 -1.55 -41.47
N THR A 292 30.29 -2.18 -40.64
CA THR A 292 30.20 -3.61 -40.38
C THR A 292 28.76 -4.14 -40.24
N THR A 293 27.93 -3.51 -39.41
CA THR A 293 26.54 -3.94 -39.24
C THR A 293 25.53 -2.87 -39.63
N TRP A 294 25.96 -1.87 -40.38
CA TRP A 294 25.07 -0.78 -40.76
C TRP A 294 23.97 -1.25 -41.73
N HIS A 295 22.75 -0.74 -41.53
CA HIS A 295 21.59 -1.17 -42.30
C HIS A 295 20.46 -0.18 -42.11
N LYS A 296 19.49 -0.19 -43.04
CA LYS A 296 18.30 0.63 -42.93
C LYS A 296 17.08 -0.19 -42.53
N ASP A 297 16.73 -0.17 -41.23
CA ASP A 297 15.58 -0.90 -40.71
C ASP A 297 14.27 -0.33 -41.26
N PRO A 298 13.51 -1.14 -41.99
CA PRO A 298 12.22 -0.70 -42.53
C PRO A 298 11.20 -0.45 -41.42
N GLU A 299 11.37 -1.14 -40.29
CA GLU A 299 10.41 -1.05 -39.19
C GLU A 299 10.77 -0.04 -38.10
N HIS A 300 11.64 0.90 -38.42
CA HIS A 300 12.03 1.92 -37.43
C HIS A 300 10.78 2.69 -37.05
N PRO A 301 10.76 3.24 -35.82
CA PRO A 301 9.50 3.82 -35.31
C PRO A 301 9.45 5.34 -35.39
N TYR A 302 10.36 5.96 -36.13
CA TYR A 302 10.38 7.42 -36.13
C TYR A 302 9.32 8.00 -37.07
N ARG A 303 8.63 9.04 -36.62
CA ARG A 303 7.55 9.65 -37.38
C ARG A 303 7.88 11.07 -37.80
N THR A 304 8.52 11.82 -36.90
CA THR A 304 8.82 13.22 -37.15
C THR A 304 10.32 13.48 -37.30
N TRP A 305 11.15 12.51 -36.91
CA TRP A 305 12.59 12.59 -37.11
C TRP A 305 12.89 11.91 -38.42
N THR A 306 13.90 12.39 -39.14
CA THR A 306 14.27 11.66 -40.33
C THR A 306 15.32 10.63 -39.99
N TYR A 307 15.18 9.44 -40.57
CA TYR A 307 15.96 8.26 -40.22
C TYR A 307 17.04 7.99 -41.27
N HIS A 308 18.25 7.64 -40.82
CA HIS A 308 19.36 7.44 -41.76
C HIS A 308 19.87 6.00 -41.77
N GLY A 309 19.85 5.34 -40.62
CA GLY A 309 20.32 3.96 -40.55
C GLY A 309 20.60 3.54 -39.13
N SER A 310 21.00 2.28 -38.96
CA SER A 310 21.19 1.70 -37.64
C SER A 310 22.38 0.74 -37.63
N TYR A 311 23.02 0.58 -36.49
CA TYR A 311 23.98 -0.49 -36.37
C TYR A 311 23.84 -1.12 -35.00
N GLU A 312 24.28 -2.37 -34.88
CA GLU A 312 24.23 -3.08 -33.63
C GLU A 312 25.18 -2.51 -32.61
N VAL A 313 24.74 -2.51 -31.35
CA VAL A 313 25.54 -2.08 -30.20
C VAL A 313 25.10 -2.86 -28.99
N LYS A 314 25.91 -2.79 -27.94
CA LYS A 314 25.56 -3.33 -26.64
C LYS A 314 24.65 -2.34 -25.95
N ALA A 315 23.57 -2.85 -25.35
CA ALA A 315 22.63 -2.02 -24.60
C ALA A 315 23.28 -1.39 -23.38
N THR A 316 22.83 -0.18 -23.08
CA THR A 316 23.38 0.59 -21.99
C THR A 316 22.22 0.97 -21.02
N GLY A 317 22.52 1.60 -19.90
CA GLY A 317 21.44 2.06 -19.05
C GLY A 317 21.05 1.11 -17.94
N SER A 318 20.17 1.55 -17.04
CA SER A 318 19.77 0.73 -15.90
C SER A 318 18.26 0.77 -15.66
N ALA A 319 17.72 -0.28 -15.07
CA ALA A 319 16.30 -0.30 -14.78
C ALA A 319 16.04 -0.54 -13.30
N SER A 320 17.11 -0.48 -12.51
CA SER A 320 17.01 -0.77 -11.09
C SER A 320 16.69 0.49 -10.30
N SER A 321 15.97 0.35 -9.18
CA SER A 321 15.98 1.34 -8.11
C SER A 321 16.28 0.59 -6.83
N LEU A 322 17.23 1.12 -6.07
CA LEU A 322 17.55 0.51 -4.78
C LEU A 322 17.23 1.49 -3.65
N VAL A 323 16.90 0.94 -2.49
CA VAL A 323 16.59 1.75 -1.33
C VAL A 323 17.85 2.16 -0.55
N ASN A 324 17.89 3.40 -0.08
CA ASN A 324 18.94 3.85 0.82
C ASN A 324 18.63 3.38 2.24
N GLY A 325 19.41 2.43 2.74
CA GLY A 325 19.16 1.81 4.02
C GLY A 325 19.20 2.74 5.21
N VAL A 326 20.04 3.75 5.18
CA VAL A 326 20.13 4.60 6.37
C VAL A 326 18.92 5.50 6.47
N VAL A 327 18.60 6.24 5.41
CA VAL A 327 17.38 7.04 5.37
C VAL A 327 16.13 6.24 5.74
N LYS A 328 15.99 5.04 5.20
CA LYS A 328 14.83 4.23 5.51
C LYS A 328 14.69 3.88 7.00
N LEU A 329 15.81 3.47 7.60
CA LEU A 329 15.83 3.20 9.04
C LEU A 329 15.39 4.40 9.89
N MET A 330 15.68 5.62 9.43
CA MET A 330 15.31 6.84 10.16
C MET A 330 13.97 7.39 9.72
N SER A 331 13.20 6.64 8.95
CA SER A 331 11.96 7.17 8.46
C SER A 331 10.82 6.16 8.54
N LYS A 332 10.80 5.36 9.61
CA LYS A 332 9.79 4.30 9.74
C LYS A 332 8.29 4.69 9.50
N PRO A 333 7.83 5.86 9.97
CA PRO A 333 6.42 6.20 9.70
C PRO A 333 6.10 6.37 8.22
N TRP A 334 7.13 6.66 7.41
CA TRP A 334 6.86 6.87 5.99
C TRP A 334 6.82 5.56 5.22
N ASP A 335 7.09 4.46 5.92
CA ASP A 335 6.95 3.13 5.34
C ASP A 335 5.52 2.88 4.90
N ALA A 336 4.59 3.60 5.51
CA ALA A 336 3.17 3.43 5.26
C ALA A 336 2.60 4.42 4.25
N ILE A 337 3.42 5.35 3.78
CA ILE A 337 2.93 6.37 2.86
C ILE A 337 3.20 5.92 1.43
N ALA A 338 2.15 5.58 0.70
CA ALA A 338 2.29 5.11 -0.68
C ALA A 338 3.09 6.09 -1.57
N ASN A 339 2.85 7.38 -1.36
CA ASN A 339 3.55 8.40 -2.13
C ASN A 339 5.06 8.36 -1.96
N VAL A 340 5.56 7.88 -0.83
CA VAL A 340 7.00 7.78 -0.71
C VAL A 340 7.55 6.45 -1.22
N THR A 341 6.86 5.35 -0.94
CA THR A 341 7.44 4.04 -1.24
C THR A 341 7.27 3.58 -2.69
N THR A 342 6.33 4.15 -3.39
CA THR A 342 6.15 3.78 -4.79
C THR A 342 7.03 4.61 -5.73
N MET A 343 7.88 5.46 -5.17
CA MET A 343 8.83 6.18 -6.00
C MET A 343 9.93 5.22 -6.45
N ALA A 344 10.47 5.49 -7.63
CA ALA A 344 11.51 4.65 -8.22
C ALA A 344 12.47 5.46 -9.09
N MET A 345 13.69 4.94 -9.28
CA MET A 345 14.57 5.44 -10.33
C MET A 345 13.92 5.17 -11.68
N THR A 346 14.06 6.10 -12.61
CA THR A 346 13.55 5.87 -13.97
C THR A 346 14.39 4.86 -14.76
N ASP A 347 13.75 4.18 -15.69
CA ASP A 347 14.41 3.17 -16.52
C ASP A 347 15.14 3.82 -17.70
N THR A 348 16.47 3.68 -17.73
CA THR A 348 17.26 4.30 -18.79
C THR A 348 17.81 3.30 -19.78
N THR A 349 17.35 2.05 -19.73
CA THR A 349 17.68 1.09 -20.77
C THR A 349 17.11 1.63 -22.07
N PRO A 350 17.53 1.06 -23.22
CA PRO A 350 16.96 1.65 -24.43
C PRO A 350 15.43 1.50 -24.53
N PHE A 351 14.89 0.37 -24.10
CA PHE A 351 13.44 0.19 -24.04
C PHE A 351 12.82 1.22 -23.09
N GLY A 352 13.50 1.44 -21.96
CA GLY A 352 13.10 2.48 -21.03
C GLY A 352 12.92 3.84 -21.66
N GLN A 353 13.92 4.36 -22.37
CA GLN A 353 13.80 5.73 -22.86
C GLN A 353 12.95 5.82 -24.13
N GLN A 354 13.00 4.76 -24.92
CA GLN A 354 12.27 4.75 -26.18
C GLN A 354 10.74 4.76 -25.95
N ARG A 355 10.29 4.07 -24.90
CA ARG A 355 8.85 4.07 -24.63
C ARG A 355 8.33 5.42 -24.14
N VAL A 356 9.23 6.31 -23.73
CA VAL A 356 8.84 7.70 -23.49
C VAL A 356 9.06 8.53 -24.74
N PHE A 357 10.10 8.19 -25.50
CA PHE A 357 10.47 8.93 -26.69
C PHE A 357 9.29 9.04 -27.68
N LYS A 358 8.62 7.92 -27.91
CA LYS A 358 7.51 7.85 -28.86
C LYS A 358 6.33 8.72 -28.50
N GLU A 359 6.25 9.16 -27.25
CA GLU A 359 5.12 10.01 -26.83
C GLU A 359 5.53 11.47 -26.75
N LYS A 360 6.67 11.70 -26.12
CA LYS A 360 7.11 13.05 -25.78
C LYS A 360 8.00 13.75 -26.81
N VAL A 361 8.87 13.01 -27.50
CA VAL A 361 9.90 13.61 -28.38
C VAL A 361 9.61 13.47 -29.87
N ASP A 362 8.94 12.39 -30.28
CA ASP A 362 8.63 12.17 -31.68
C ASP A 362 7.36 12.92 -32.10
N THR A 363 7.29 14.21 -31.74
CA THR A 363 6.14 15.04 -32.10
C THR A 363 6.58 16.24 -32.93
N LYS A 364 5.67 16.75 -33.75
CA LYS A 364 5.96 17.94 -34.52
C LYS A 364 5.11 19.10 -33.99
N ALA A 365 5.77 20.15 -33.53
CA ALA A 365 5.09 21.36 -33.14
C ALA A 365 4.90 22.22 -34.38
N PRO A 366 3.64 22.55 -34.70
CA PRO A 366 3.37 23.33 -35.91
C PRO A 366 4.03 24.72 -35.86
N GLU A 367 4.43 25.22 -37.04
CA GLU A 367 5.00 26.55 -37.10
C GLU A 367 3.89 27.55 -36.83
N PRO A 368 4.21 28.65 -36.15
CA PRO A 368 3.20 29.69 -35.89
C PRO A 368 2.76 30.36 -37.19
N PRO A 369 1.54 30.94 -37.21
CA PRO A 369 1.04 31.54 -38.46
C PRO A 369 1.64 32.91 -38.69
N ALA A 370 1.49 33.46 -39.90
CA ALA A 370 2.25 34.64 -40.34
C ALA A 370 2.17 35.82 -39.39
N GLY A 371 0.97 36.08 -38.89
CA GLY A 371 0.76 37.18 -37.97
C GLY A 371 1.49 37.00 -36.66
N ALA A 372 1.48 35.76 -36.16
CA ALA A 372 2.21 35.43 -34.94
C ALA A 372 3.72 35.63 -35.13
N LYS A 373 4.23 35.18 -36.28
CA LYS A 373 5.63 35.41 -36.61
C LYS A 373 6.03 36.87 -36.54
N GLU A 374 5.24 37.74 -37.19
CA GLU A 374 5.59 39.15 -37.25
C GLU A 374 5.69 39.76 -35.85
N VAL A 375 4.86 39.30 -34.92
CA VAL A 375 4.88 39.81 -33.56
C VAL A 375 6.09 39.28 -32.78
N LEU A 376 6.43 38.01 -32.98
CA LEU A 376 7.61 37.45 -32.35
C LEU A 376 8.85 38.17 -32.86
N ASN A 377 8.82 38.50 -34.14
CA ASN A 377 9.90 39.22 -34.80
C ASN A 377 10.19 40.55 -34.11
N GLU A 378 9.16 41.33 -33.85
CA GLU A 378 9.33 42.64 -33.21
C GLU A 378 9.76 42.46 -31.75
N THR A 379 9.23 41.44 -31.11
CA THR A 379 9.54 41.18 -29.72
C THR A 379 11.01 40.77 -29.56
N THR A 380 11.43 39.82 -30.38
CA THR A 380 12.80 39.32 -30.31
C THR A 380 13.81 40.38 -30.78
N ASN A 381 13.42 41.20 -31.76
CA ASN A 381 14.23 42.38 -32.08
C ASN A 381 14.38 43.27 -30.85
N TRP A 382 13.27 43.55 -30.18
CA TRP A 382 13.32 44.40 -28.99
C TRP A 382 14.19 43.78 -27.91
N LEU A 383 14.05 42.47 -27.72
CA LEU A 383 14.72 41.77 -26.63
C LEU A 383 16.23 41.66 -26.81
N TRP A 384 16.66 41.41 -28.04
CA TRP A 384 18.10 41.35 -28.34
C TRP A 384 18.72 42.72 -28.15
N ALA A 385 18.03 43.74 -28.67
CA ALA A 385 18.45 45.12 -28.48
C ALA A 385 18.60 45.42 -26.99
N TYR A 386 17.59 45.06 -26.21
CA TYR A 386 17.60 45.37 -24.78
C TYR A 386 18.69 44.62 -24.00
N LEU A 387 18.94 43.36 -24.34
CA LEU A 387 19.96 42.58 -23.64
C LEU A 387 21.38 43.09 -23.94
N SER A 388 21.56 43.61 -25.15
CA SER A 388 22.86 44.07 -25.61
C SER A 388 23.04 45.57 -25.45
N ARG A 389 22.21 46.19 -24.62
CA ARG A 389 22.31 47.62 -24.38
C ARG A 389 23.60 48.02 -23.66
N GLU A 390 24.17 47.11 -22.89
CA GLU A 390 25.30 47.45 -22.04
C GLU A 390 26.41 46.44 -22.18
N LYS A 391 26.05 45.22 -22.59
CA LYS A 391 27.01 44.13 -22.69
C LYS A 391 27.52 43.92 -24.10
N ARG A 392 28.77 43.49 -24.19
CA ARG A 392 29.41 43.24 -25.48
C ARG A 392 29.80 41.79 -25.65
N PRO A 393 29.35 41.18 -26.76
CA PRO A 393 29.70 39.79 -27.08
C PRO A 393 31.20 39.59 -27.13
N ARG A 394 31.67 38.35 -27.02
CA ARG A 394 33.10 38.04 -27.04
C ARG A 394 33.33 36.54 -27.21
N LEU A 395 34.53 36.15 -27.64
CA LEU A 395 34.88 34.74 -27.65
C LEU A 395 35.19 34.30 -26.23
N CYS A 396 34.88 33.05 -25.93
CA CYS A 396 35.34 32.47 -24.68
C CYS A 396 36.60 31.65 -25.02
N THR A 397 37.46 31.46 -24.03
CA THR A 397 38.77 30.91 -24.35
C THR A 397 38.95 29.48 -23.88
N LYS A 398 39.93 28.81 -24.49
CA LYS A 398 40.40 27.51 -24.04
C LYS A 398 40.65 27.46 -22.54
N GLU A 399 41.35 28.46 -22.00
CA GLU A 399 41.70 28.44 -20.59
C GLU A 399 40.43 28.51 -19.75
N GLU A 400 39.55 29.47 -20.07
CA GLU A 400 38.24 29.58 -19.44
C GLU A 400 37.50 28.24 -19.42
N PHE A 401 37.52 27.55 -20.57
CA PHE A 401 36.92 26.22 -20.68
C PHE A 401 37.57 25.21 -19.72
N ILE A 402 38.90 25.11 -19.76
CA ILE A 402 39.62 24.20 -18.88
C ILE A 402 39.36 24.46 -17.40
N LYS A 403 39.22 25.72 -17.03
CA LYS A 403 39.00 26.03 -15.63
C LYS A 403 37.58 25.67 -15.22
N LYS A 404 36.60 25.90 -16.08
CA LYS A 404 35.22 25.64 -15.68
C LYS A 404 34.70 24.26 -16.06
N VAL A 405 35.46 23.50 -16.83
CA VAL A 405 35.03 22.14 -17.10
C VAL A 405 35.11 21.33 -15.81
N ASN A 406 34.03 20.67 -15.47
CA ASN A 406 34.02 19.78 -14.31
C ASN A 406 34.98 18.65 -14.63
N SER A 407 35.83 18.25 -13.68
CA SER A 407 36.81 17.20 -13.99
C SER A 407 36.11 15.91 -14.46
N ASN A 408 34.80 15.83 -14.19
CA ASN A 408 33.96 14.69 -14.55
C ASN A 408 32.79 14.99 -15.49
N ALA A 409 32.99 15.90 -16.44
CA ALA A 409 31.96 16.23 -17.42
C ALA A 409 31.92 15.09 -18.42
N ALA A 410 30.80 14.91 -19.10
CA ALA A 410 30.70 13.79 -20.03
C ALA A 410 31.66 13.98 -21.20
N LEU A 411 32.37 12.91 -21.56
CA LEU A 411 33.17 12.93 -22.77
C LEU A 411 32.27 12.99 -24.02
N GLY A 412 31.20 12.19 -24.00
CA GLY A 412 30.23 12.16 -25.07
C GLY A 412 30.72 11.61 -26.39
N ALA A 413 31.69 10.70 -26.36
CA ALA A 413 32.25 10.16 -27.60
C ALA A 413 31.18 9.62 -28.57
N VAL A 414 31.34 9.94 -29.85
CA VAL A 414 30.43 9.53 -30.89
C VAL A 414 31.18 8.68 -31.92
N PHE A 415 32.51 8.84 -31.93
CA PHE A 415 33.43 8.08 -32.79
C PHE A 415 34.54 7.51 -31.93
N ALA A 416 35.12 6.39 -32.35
CA ALA A 416 36.24 5.80 -31.60
C ALA A 416 37.34 6.82 -31.32
N GLU A 417 37.71 7.61 -32.33
CA GLU A 417 38.70 8.67 -32.16
C GLU A 417 38.41 9.64 -31.00
N GLN A 418 37.15 9.80 -30.63
CA GLN A 418 36.82 10.73 -29.55
C GLN A 418 36.84 10.04 -28.18
N ASN A 419 37.10 8.75 -28.20
CA ASN A 419 37.05 7.95 -26.98
C ASN A 419 38.41 7.60 -26.41
N GLN A 420 39.35 8.54 -26.43
CA GLN A 420 40.72 8.22 -26.03
C GLN A 420 41.01 8.52 -24.58
N TRP A 421 40.07 9.18 -23.92
CA TRP A 421 40.31 9.62 -22.57
C TRP A 421 39.28 8.97 -21.67
N SER A 422 39.60 8.88 -20.38
CA SER A 422 38.70 8.19 -19.48
C SER A 422 37.94 9.20 -18.61
N THR A 423 38.43 10.44 -18.58
CA THR A 423 37.71 11.54 -17.94
C THR A 423 37.89 12.83 -18.72
N ALA A 424 36.96 13.77 -18.52
CA ALA A 424 37.02 15.10 -19.11
C ALA A 424 38.32 15.82 -18.75
N ARG A 425 38.70 15.78 -17.48
CA ARG A 425 39.93 16.41 -17.04
C ARG A 425 41.15 15.93 -17.85
N GLU A 426 41.24 14.62 -18.09
CA GLU A 426 42.34 14.12 -18.91
C GLU A 426 42.30 14.65 -20.34
N ALA A 427 41.11 14.74 -20.93
CA ALA A 427 41.00 15.21 -22.30
C ALA A 427 41.54 16.62 -22.44
N VAL A 428 41.06 17.53 -21.60
CA VAL A 428 41.48 18.92 -21.71
C VAL A 428 42.95 19.13 -21.35
N ASP A 429 43.58 18.10 -20.78
CA ASP A 429 45.00 18.18 -20.45
C ASP A 429 45.88 17.56 -21.53
N ASP A 430 45.27 17.13 -22.63
CA ASP A 430 45.99 16.40 -23.65
C ASP A 430 46.02 17.21 -24.94
N PRO A 431 47.23 17.66 -25.36
CA PRO A 431 47.43 18.46 -26.59
C PRO A 431 46.75 17.85 -27.79
N ARG A 432 46.64 16.52 -27.81
CA ARG A 432 46.03 15.76 -28.91
C ARG A 432 44.50 16.00 -29.01
N PHE A 433 43.87 16.26 -27.87
CA PHE A 433 42.47 16.68 -27.83
C PHE A 433 42.31 18.03 -28.53
N TRP A 434 43.11 19.00 -28.12
CA TRP A 434 43.01 20.32 -28.71
C TRP A 434 43.35 20.31 -30.19
N GLU A 435 44.15 19.35 -30.61
CA GLU A 435 44.38 19.22 -32.05
C GLU A 435 43.11 18.78 -32.75
N MET A 436 42.32 17.92 -32.10
CA MET A 436 41.06 17.48 -32.69
C MET A 436 40.12 18.67 -32.79
N VAL A 437 40.09 19.47 -31.73
CA VAL A 437 39.26 20.67 -31.72
C VAL A 437 39.63 21.61 -32.86
N ASP A 438 40.92 21.97 -32.93
CA ASP A 438 41.41 22.86 -33.97
C ASP A 438 40.99 22.39 -35.35
N GLU A 439 41.24 21.12 -35.63
CA GLU A 439 40.83 20.56 -36.90
C GLU A 439 39.33 20.75 -37.23
N GLU A 440 38.44 20.52 -36.26
CA GLU A 440 37.00 20.72 -36.50
C GLU A 440 36.71 22.21 -36.53
N ARG A 441 37.42 22.99 -35.72
CA ARG A 441 37.28 24.44 -35.75
C ARG A 441 37.47 24.97 -37.16
N GLU A 442 38.61 24.67 -37.77
CA GLU A 442 38.90 25.15 -39.12
C GLU A 442 37.85 24.69 -40.14
N ASN A 443 37.22 23.54 -39.89
CA ASN A 443 36.11 23.08 -40.74
C ASN A 443 34.92 24.01 -40.62
N HIS A 444 34.63 24.41 -39.38
CA HIS A 444 33.52 25.31 -39.10
C HIS A 444 33.75 26.64 -39.78
N LEU A 445 34.97 27.16 -39.65
CA LEU A 445 35.32 28.42 -40.31
C LEU A 445 35.13 28.33 -41.82
N ARG A 446 35.24 27.13 -42.39
CA ARG A 446 34.91 26.95 -43.81
C ARG A 446 33.45 26.57 -44.07
N GLY A 447 32.58 26.74 -43.08
CA GLY A 447 31.17 26.40 -43.24
C GLY A 447 30.84 24.92 -43.40
N GLU A 448 31.67 24.07 -42.82
CA GLU A 448 31.41 22.63 -42.83
C GLU A 448 31.43 22.13 -41.42
N CYS A 449 30.71 21.04 -41.16
CA CYS A 449 30.78 20.37 -39.87
C CYS A 449 30.93 18.88 -40.08
N HIS A 450 31.94 18.30 -39.44
CA HIS A 450 32.29 16.92 -39.68
C HIS A 450 31.94 15.99 -38.52
N THR A 451 32.04 16.48 -37.30
CA THR A 451 31.97 15.57 -36.15
C THR A 451 31.07 16.01 -35.00
N CYS A 452 30.32 17.10 -35.16
CA CYS A 452 29.45 17.59 -34.08
C CYS A 452 28.07 16.89 -34.16
N ILE A 453 27.88 15.92 -33.26
CA ILE A 453 26.77 14.98 -33.32
C ILE A 453 26.27 14.69 -31.89
N TYR A 454 24.96 14.64 -31.68
CA TYR A 454 24.44 14.39 -30.32
C TYR A 454 24.39 12.92 -30.00
N ASN A 455 24.69 12.57 -28.76
CA ASN A 455 24.21 11.32 -28.19
C ASN A 455 22.93 11.64 -27.44
N MET A 456 21.88 10.84 -27.66
CA MET A 456 20.65 10.97 -26.87
C MET A 456 20.50 9.76 -25.99
N MET A 457 20.33 9.98 -24.69
CA MET A 457 20.04 8.85 -23.79
C MET A 457 19.04 9.18 -22.68
N GLY A 458 18.67 8.16 -21.91
CA GLY A 458 17.80 8.36 -20.77
C GLY A 458 18.51 8.99 -19.59
N LYS A 459 17.84 9.95 -18.96
CA LYS A 459 18.33 10.56 -17.74
C LYS A 459 17.88 9.74 -16.53
N ARG A 460 18.82 9.37 -15.66
CA ARG A 460 18.46 8.69 -14.43
C ARG A 460 17.87 9.67 -13.42
N GLU A 461 16.60 9.48 -13.08
CA GLU A 461 15.83 10.41 -12.23
C GLU A 461 15.02 9.67 -11.17
N LYS A 462 14.84 10.30 -10.02
CA LYS A 462 13.92 9.77 -9.00
C LYS A 462 12.49 10.30 -9.22
N LYS A 463 11.56 9.40 -9.57
CA LYS A 463 10.21 9.81 -9.99
C LYS A 463 9.12 8.92 -9.37
N PRO A 464 7.86 9.39 -9.39
CA PRO A 464 6.77 8.49 -8.99
C PRO A 464 6.75 7.27 -9.90
N GLY A 465 6.33 6.13 -9.37
CA GLY A 465 6.30 4.89 -10.12
C GLY A 465 5.21 4.83 -11.18
N GLU A 466 5.03 3.64 -11.76
CA GLU A 466 4.10 3.44 -12.85
C GLU A 466 3.86 1.94 -12.98
N PHE A 467 2.59 1.54 -12.95
CA PHE A 467 2.20 0.14 -13.01
C PHE A 467 2.90 -0.63 -11.92
N GLY A 468 3.02 -0.03 -10.75
CA GLY A 468 3.78 -0.63 -9.67
C GLY A 468 5.26 -0.82 -9.93
N LYS A 469 5.81 -0.13 -10.93
CA LYS A 469 7.22 -0.26 -11.26
C LYS A 469 7.85 1.09 -11.65
N ALA A 470 8.94 1.09 -12.40
CA ALA A 470 9.63 2.34 -12.70
C ALA A 470 9.04 3.03 -13.92
N LYS A 471 9.04 4.35 -13.93
CA LYS A 471 8.70 5.07 -15.15
C LYS A 471 9.83 4.95 -16.15
N GLY A 472 9.55 5.20 -17.42
CA GLY A 472 10.58 5.28 -18.43
C GLY A 472 11.31 6.61 -18.28
N SER A 473 12.39 6.79 -19.03
CA SER A 473 13.23 7.95 -18.79
C SER A 473 13.03 9.10 -19.77
N ARG A 474 13.27 10.30 -19.28
CA ARG A 474 13.32 11.50 -20.11
C ARG A 474 14.64 11.51 -20.90
N ALA A 475 14.57 11.96 -22.14
CA ALA A 475 15.71 11.95 -23.03
C ALA A 475 16.55 13.21 -22.84
N ILE A 476 17.84 13.00 -22.63
CA ILE A 476 18.80 14.09 -22.70
C ILE A 476 19.74 13.88 -23.89
N TRP A 477 20.17 14.97 -24.49
CA TRP A 477 21.09 14.87 -25.62
C TRP A 477 22.09 16.00 -25.66
N PHE A 478 23.32 15.66 -26.04
CA PHE A 478 24.42 16.61 -26.10
C PHE A 478 25.51 16.11 -27.02
N MET A 479 26.38 17.02 -27.43
CA MET A 479 27.48 16.69 -28.32
C MET A 479 28.73 16.38 -27.49
N TRP A 480 29.81 15.94 -28.13
CA TRP A 480 30.99 15.51 -27.38
C TRP A 480 31.77 16.70 -26.85
N LEU A 481 32.67 16.45 -25.89
CA LEU A 481 33.46 17.51 -25.24
C LEU A 481 34.04 18.52 -26.24
N GLY A 482 34.59 18.02 -27.35
CA GLY A 482 35.14 18.91 -28.36
C GLY A 482 34.10 19.84 -28.96
N ALA A 483 32.91 19.30 -29.27
CA ALA A 483 31.87 20.12 -29.88
C ALA A 483 31.36 21.12 -28.86
N ARG A 484 31.36 20.70 -27.61
CA ARG A 484 30.85 21.57 -26.58
C ARG A 484 31.80 22.73 -26.35
N TYR A 485 33.11 22.48 -26.44
CA TYR A 485 34.07 23.57 -26.41
C TYR A 485 33.77 24.61 -27.50
N LEU A 486 33.57 24.14 -28.73
CA LEU A 486 33.33 25.04 -29.83
C LEU A 486 32.07 25.88 -29.60
N GLU A 487 31.02 25.27 -29.03
CA GLU A 487 29.78 25.98 -28.69
C GLU A 487 30.11 27.07 -27.68
N PHE A 488 30.77 26.65 -26.61
CA PHE A 488 31.15 27.52 -25.52
C PHE A 488 31.99 28.71 -26.02
N GLU A 489 32.92 28.45 -26.93
CA GLU A 489 33.76 29.51 -27.46
C GLU A 489 32.95 30.58 -28.19
N ALA A 490 32.01 30.14 -29.03
CA ALA A 490 31.21 31.07 -29.81
C ALA A 490 30.05 31.70 -29.04
N LEU A 491 29.27 30.90 -28.31
CA LEU A 491 28.05 31.43 -27.69
C LEU A 491 28.07 31.54 -26.17
N GLY A 492 29.13 31.02 -25.55
CA GLY A 492 29.20 30.93 -24.10
C GLY A 492 29.27 32.25 -23.37
N PHE A 493 29.48 33.34 -24.11
CA PHE A 493 29.46 34.66 -23.50
C PHE A 493 28.11 34.92 -22.82
N LEU A 494 27.04 34.45 -23.47
CA LEU A 494 25.69 34.53 -22.91
C LEU A 494 25.64 34.04 -21.47
N ASN A 495 26.36 32.95 -21.19
CA ASN A 495 26.42 32.41 -19.84
C ASN A 495 27.43 33.14 -18.99
N GLU A 496 28.67 33.18 -19.46
CA GLU A 496 29.78 33.65 -18.64
C GLU A 496 29.69 35.12 -18.28
N ASP A 497 29.10 35.91 -19.17
CA ASP A 497 28.90 37.33 -18.89
C ASP A 497 27.45 37.63 -18.47
N HIS A 498 26.74 36.58 -18.07
CA HIS A 498 25.42 36.66 -17.43
C HIS A 498 24.39 37.53 -18.15
N TRP A 499 24.20 37.27 -19.44
CA TRP A 499 23.25 38.01 -20.25
C TRP A 499 21.79 37.84 -19.84
N LEU A 500 21.48 36.82 -19.04
CA LEU A 500 20.10 36.66 -18.58
C LEU A 500 19.99 36.76 -17.08
N SER A 501 20.97 37.42 -16.47
CA SER A 501 20.86 37.75 -15.04
C SER A 501 19.66 38.67 -14.90
N ARG A 502 19.19 38.86 -13.66
CA ARG A 502 18.02 39.71 -13.46
C ARG A 502 18.38 41.16 -13.81
N GLU A 503 19.58 41.56 -13.40
CA GLU A 503 20.08 42.90 -13.66
C GLU A 503 20.07 43.25 -15.15
N ASN A 504 20.39 42.27 -15.99
CA ASN A 504 20.46 42.53 -17.41
C ASN A 504 19.18 42.23 -18.17
N SER A 505 18.44 41.23 -17.72
CA SER A 505 17.30 40.78 -18.50
C SER A 505 15.99 41.31 -17.95
N GLY A 506 16.02 41.81 -16.72
CA GLY A 506 14.79 42.25 -16.07
C GLY A 506 13.98 41.09 -15.57
N GLY A 507 13.51 40.24 -16.49
CA GLY A 507 12.75 39.04 -16.19
C GLY A 507 13.52 37.81 -15.71
N GLY A 508 14.75 37.60 -16.19
CA GLY A 508 15.48 36.40 -15.82
C GLY A 508 15.95 36.36 -14.38
N VAL A 509 16.48 35.21 -13.95
CA VAL A 509 16.99 35.03 -12.59
C VAL A 509 18.31 34.23 -12.59
N GLU A 510 19.05 34.30 -13.68
CA GLU A 510 20.31 33.57 -13.81
C GLU A 510 21.26 33.81 -12.64
N GLY A 511 21.85 32.74 -12.12
CA GLY A 511 22.81 32.87 -11.05
C GLY A 511 22.23 32.64 -9.67
N SER A 512 20.97 33.01 -9.48
CA SER A 512 20.36 32.99 -8.14
C SER A 512 20.17 31.57 -7.60
N GLY A 513 20.56 31.34 -6.34
CA GLY A 513 20.22 30.11 -5.64
C GLY A 513 18.72 30.08 -5.35
N VAL A 514 18.18 28.98 -4.81
CA VAL A 514 16.75 28.92 -4.54
C VAL A 514 16.39 29.96 -3.50
N GLN A 515 17.28 30.13 -2.53
CA GLN A 515 17.10 31.05 -1.42
C GLN A 515 16.82 32.49 -1.80
N LYS A 516 17.06 32.84 -3.05
CA LYS A 516 16.76 34.19 -3.51
C LYS A 516 15.38 34.24 -4.15
N LEU A 517 14.93 33.08 -4.64
CA LEU A 517 13.76 33.02 -5.51
C LEU A 517 12.48 33.56 -4.87
N GLY A 518 12.27 33.25 -3.58
CA GLY A 518 11.06 33.67 -2.90
C GLY A 518 10.97 35.18 -2.83
N TYR A 519 12.04 35.79 -2.33
CA TYR A 519 12.17 37.24 -2.28
C TYR A 519 11.88 37.92 -3.63
N ILE A 520 12.33 37.32 -4.72
CA ILE A 520 12.06 37.86 -6.04
C ILE A 520 10.58 37.72 -6.39
N LEU A 521 9.98 36.61 -6.00
CA LEU A 521 8.55 36.44 -6.20
C LEU A 521 7.75 37.47 -5.40
N ARG A 522 8.21 37.75 -4.19
CA ARG A 522 7.58 38.74 -3.32
C ARG A 522 7.67 40.14 -3.92
N ASP A 523 8.86 40.51 -4.39
CA ASP A 523 9.06 41.79 -5.07
C ASP A 523 8.08 41.98 -6.22
N ILE A 524 7.82 40.92 -6.96
CA ILE A 524 6.88 40.99 -8.08
C ILE A 524 5.45 41.18 -7.56
N ALA A 525 5.18 40.60 -6.39
CA ALA A 525 3.87 40.68 -5.76
C ALA A 525 3.54 42.12 -5.34
N GLY A 526 4.58 42.87 -4.94
CA GLY A 526 4.44 44.27 -4.57
C GLY A 526 4.02 45.25 -5.65
N LYS A 527 4.04 44.83 -6.92
CA LYS A 527 3.59 45.70 -8.02
C LYS A 527 2.07 45.63 -8.12
N GLN A 528 1.44 46.73 -8.53
CA GLN A 528 -0.02 46.69 -8.72
C GLN A 528 -0.36 45.88 -9.96
N GLY A 529 -1.41 45.08 -9.86
CA GLY A 529 -1.83 44.26 -10.98
C GLY A 529 -2.77 43.15 -10.53
N GLY A 530 -3.13 42.27 -11.46
CA GLY A 530 -4.00 41.15 -11.18
C GLY A 530 -3.35 40.02 -10.39
N LYS A 531 -3.74 38.79 -10.71
CA LYS A 531 -3.22 37.61 -10.03
C LYS A 531 -1.85 37.22 -10.57
N MET A 532 -1.09 36.48 -9.78
CA MET A 532 0.16 35.92 -10.27
C MET A 532 -0.09 34.61 -11.03
N TYR A 533 0.44 34.50 -12.24
CA TYR A 533 0.30 33.26 -13.03
C TYR A 533 1.61 32.49 -13.19
N ALA A 534 1.49 31.17 -13.38
CA ALA A 534 2.68 30.34 -13.52
C ALA A 534 2.43 29.11 -14.37
N ASP A 535 2.08 29.31 -15.63
CA ASP A 535 1.76 28.19 -16.51
C ASP A 535 2.97 27.43 -17.00
N ASP A 536 2.96 26.12 -16.78
CA ASP A 536 4.00 25.25 -17.27
C ASP A 536 3.68 24.90 -18.71
N THR A 537 4.64 25.09 -19.61
CA THR A 537 4.53 24.59 -20.97
C THR A 537 4.83 23.10 -20.97
N ALA A 538 4.03 22.31 -21.68
CA ALA A 538 4.30 20.87 -21.74
C ALA A 538 5.44 20.58 -22.71
N GLY A 539 6.53 19.99 -22.19
CA GLY A 539 7.65 19.60 -23.02
C GLY A 539 8.27 20.73 -23.83
N TRP A 540 8.76 21.74 -23.12
CA TRP A 540 9.26 22.96 -23.72
C TRP A 540 10.26 22.75 -24.88
N ASP A 541 11.30 21.96 -24.65
CA ASP A 541 12.33 21.77 -25.65
C ASP A 541 11.79 21.18 -26.96
N THR A 542 10.72 20.40 -26.86
CA THR A 542 10.15 19.75 -28.04
C THR A 542 9.23 20.71 -28.80
N ARG A 543 9.03 21.90 -28.24
CA ARG A 543 8.10 22.88 -28.81
C ARG A 543 8.81 24.11 -29.35
N ILE A 544 10.14 24.11 -29.29
CA ILE A 544 10.93 25.17 -29.91
C ILE A 544 10.91 25.01 -31.43
N THR A 545 10.27 25.96 -32.12
CA THR A 545 10.06 25.84 -33.56
C THR A 545 11.22 26.41 -34.40
N ARG A 546 11.19 26.18 -35.71
CA ARG A 546 12.13 26.83 -36.62
C ARG A 546 12.11 28.34 -36.40
N THR A 547 10.92 28.89 -36.24
CA THR A 547 10.75 30.31 -35.98
C THR A 547 11.49 30.73 -34.72
N ASP A 548 11.35 29.94 -33.67
CA ASP A 548 12.01 30.25 -32.41
C ASP A 548 13.52 30.23 -32.60
N LEU A 549 13.99 29.24 -33.34
CA LEU A 549 15.41 29.15 -33.64
C LEU A 549 15.86 30.33 -34.50
N GLU A 550 15.06 30.71 -35.51
CA GLU A 550 15.41 31.83 -36.39
C GLU A 550 15.57 33.13 -35.59
N ASN A 551 14.72 33.31 -34.60
CA ASN A 551 14.81 34.50 -33.76
C ASN A 551 15.99 34.46 -32.81
N GLU A 552 16.35 33.27 -32.33
CA GLU A 552 17.52 33.15 -31.48
C GLU A 552 18.78 33.39 -32.31
N ALA A 553 18.74 32.95 -33.56
CA ALA A 553 19.83 33.14 -34.52
C ALA A 553 20.21 34.60 -34.77
N LYS A 554 19.39 35.53 -34.29
CA LYS A 554 19.69 36.94 -34.45
C LYS A 554 20.82 37.44 -33.55
N VAL A 555 21.44 36.55 -32.77
CA VAL A 555 22.70 36.91 -32.10
C VAL A 555 23.77 37.21 -33.12
N LEU A 556 23.68 36.57 -34.28
CA LEU A 556 24.69 36.74 -35.31
C LEU A 556 24.84 38.21 -35.69
N GLU A 557 23.73 38.94 -35.64
CA GLU A 557 23.73 40.36 -35.96
C GLU A 557 24.45 41.19 -34.91
N LEU A 558 24.75 40.57 -33.78
CA LEU A 558 25.52 41.22 -32.72
C LEU A 558 27.00 40.86 -32.83
N LEU A 559 27.33 40.12 -33.90
CA LEU A 559 28.68 39.57 -34.03
C LEU A 559 29.29 39.93 -35.39
N ASP A 560 30.61 39.85 -35.47
CA ASP A 560 31.31 40.13 -36.72
C ASP A 560 32.57 39.31 -36.87
N GLY A 561 33.02 39.15 -38.11
CA GLY A 561 34.30 38.56 -38.41
C GLY A 561 34.40 37.09 -38.11
N GLU A 562 35.52 36.69 -37.52
CA GLU A 562 35.74 35.32 -37.13
C GLU A 562 34.65 34.87 -36.12
N HIS A 563 34.42 35.70 -35.10
CA HIS A 563 33.45 35.38 -34.06
C HIS A 563 32.09 35.01 -34.64
N ARG A 564 31.64 35.78 -35.63
CA ARG A 564 30.35 35.53 -36.26
C ARG A 564 30.36 34.21 -37.00
N MET A 565 31.47 33.89 -37.65
CA MET A 565 31.53 32.72 -38.52
C MET A 565 31.48 31.44 -37.68
N LEU A 566 32.15 31.49 -36.53
CA LEU A 566 32.17 30.33 -35.65
C LEU A 566 30.75 30.11 -35.11
N ALA A 567 30.21 31.15 -34.50
CA ALA A 567 28.82 31.17 -34.06
C ALA A 567 27.82 30.72 -35.12
N ARG A 568 28.06 31.11 -36.38
CA ARG A 568 27.14 30.74 -37.45
C ARG A 568 27.17 29.23 -37.67
N ALA A 569 28.32 28.62 -37.45
CA ALA A 569 28.49 27.18 -37.67
C ALA A 569 27.77 26.39 -36.58
N ILE A 570 27.90 26.85 -35.34
CA ILE A 570 27.18 26.28 -34.23
C ILE A 570 25.67 26.37 -34.47
N ILE A 571 25.20 27.57 -34.83
CA ILE A 571 23.78 27.80 -34.95
C ILE A 571 23.17 27.10 -36.16
N GLU A 572 23.83 27.15 -37.30
CA GLU A 572 23.26 26.56 -38.51
C GLU A 572 23.58 25.08 -38.66
N LEU A 573 24.79 24.69 -38.30
CA LEU A 573 25.20 23.32 -38.58
C LEU A 573 24.94 22.40 -37.40
N THR A 574 24.71 22.98 -36.24
CA THR A 574 24.75 22.23 -34.99
C THR A 574 23.47 22.31 -34.14
N TYR A 575 22.79 23.45 -34.20
CA TYR A 575 21.57 23.68 -33.45
C TYR A 575 20.37 23.52 -34.36
N ARG A 576 20.57 23.78 -35.64
CA ARG A 576 19.49 23.60 -36.60
C ARG A 576 19.62 22.26 -37.31
N HIS A 577 20.77 21.98 -37.90
CA HIS A 577 20.92 20.68 -38.55
C HIS A 577 21.49 19.61 -37.60
N LYS A 578 20.69 19.24 -36.61
CA LYS A 578 21.13 18.27 -35.61
C LYS A 578 21.16 16.82 -36.12
N VAL A 579 22.26 16.12 -35.86
CA VAL A 579 22.37 14.68 -36.09
C VAL A 579 22.50 14.02 -34.73
N VAL A 580 21.74 12.94 -34.51
CA VAL A 580 21.56 12.38 -33.18
C VAL A 580 21.73 10.88 -33.21
N LYS A 581 22.45 10.32 -32.23
CA LYS A 581 22.49 8.86 -32.08
C LYS A 581 21.70 8.39 -30.84
N VAL A 582 20.75 7.47 -31.02
CA VAL A 582 19.90 6.92 -29.95
C VAL A 582 19.80 5.41 -30.06
N MET A 583 19.88 4.73 -28.92
CA MET A 583 19.64 3.29 -28.90
C MET A 583 18.15 2.97 -29.00
N ARG A 584 17.86 1.78 -29.48
CA ARG A 584 16.51 1.29 -29.63
C ARG A 584 16.56 -0.23 -29.56
N PRO A 585 15.52 -0.86 -28.95
CA PRO A 585 15.33 -2.31 -28.97
C PRO A 585 15.01 -2.86 -30.39
N ALA A 586 15.86 -3.74 -30.89
CA ALA A 586 15.58 -4.43 -32.15
C ALA A 586 14.84 -5.71 -31.77
N ALA A 587 14.70 -6.64 -32.71
CA ALA A 587 13.97 -7.86 -32.40
C ALA A 587 14.84 -8.82 -31.58
N GLU A 588 14.18 -9.81 -30.99
CA GLU A 588 14.84 -10.90 -30.29
C GLU A 588 15.88 -10.52 -29.23
N GLY A 589 15.64 -9.44 -28.48
CA GLY A 589 16.51 -9.11 -27.37
C GLY A 589 17.76 -8.30 -27.73
N LYS A 590 17.97 -8.05 -29.03
CA LYS A 590 19.15 -7.30 -29.45
C LYS A 590 18.81 -5.83 -29.53
N THR A 591 19.84 -4.99 -29.43
CA THR A 591 19.60 -3.58 -29.47
C THR A 591 20.48 -2.89 -30.52
N VAL A 592 20.04 -1.72 -30.98
CA VAL A 592 20.58 -1.11 -32.17
C VAL A 592 20.79 0.38 -31.94
N MET A 593 21.72 1.00 -32.66
CA MET A 593 21.95 2.44 -32.55
C MET A 593 21.35 3.09 -33.77
N ASP A 594 20.36 3.95 -33.58
CA ASP A 594 19.74 4.62 -34.71
C ASP A 594 20.41 5.97 -34.89
N VAL A 595 20.54 6.39 -36.15
CA VAL A 595 21.07 7.70 -36.47
C VAL A 595 19.96 8.46 -37.12
N ILE A 596 19.51 9.52 -36.46
CA ILE A 596 18.34 10.29 -36.91
C ILE A 596 18.65 11.77 -36.84
N SER A 597 17.82 12.59 -37.49
CA SER A 597 18.01 14.04 -37.50
C SER A 597 16.70 14.83 -37.60
N ARG A 598 16.76 16.11 -37.21
CA ARG A 598 15.64 17.03 -37.44
C ARG A 598 16.08 18.48 -37.28
N GLU A 599 15.35 19.38 -37.92
CA GLU A 599 15.73 20.79 -37.97
C GLU A 599 15.22 21.66 -36.81
N ASP A 600 14.11 21.28 -36.19
CA ASP A 600 13.60 22.04 -35.04
C ASP A 600 13.90 21.34 -33.70
N GLN A 601 13.22 21.79 -32.65
CA GLN A 601 13.48 21.37 -31.27
C GLN A 601 14.81 21.87 -30.73
N ARG A 602 14.92 21.86 -29.41
CA ARG A 602 16.11 22.30 -28.73
C ARG A 602 16.73 21.09 -28.04
N GLY A 603 18.03 20.90 -28.19
CA GLY A 603 18.71 19.82 -27.51
C GLY A 603 18.93 20.20 -26.06
N SER A 604 18.57 19.30 -25.16
CA SER A 604 18.66 19.59 -23.74
C SER A 604 20.05 20.03 -23.29
N GLY A 605 21.08 19.39 -23.82
CA GLY A 605 22.44 19.64 -23.34
C GLY A 605 23.34 20.52 -24.21
N GLN A 606 22.73 21.35 -25.05
CA GLN A 606 23.46 22.42 -25.72
C GLN A 606 24.02 23.35 -24.65
N VAL A 607 25.16 23.98 -24.92
CA VAL A 607 25.84 24.80 -23.92
C VAL A 607 25.02 26.02 -23.52
N VAL A 608 24.15 26.47 -24.41
CA VAL A 608 23.36 27.66 -24.13
C VAL A 608 21.85 27.39 -24.07
N THR A 609 21.47 26.16 -23.70
CA THR A 609 20.07 25.78 -23.66
C THR A 609 19.29 26.66 -22.68
N TYR A 610 19.77 26.75 -21.45
CA TYR A 610 19.17 27.58 -20.42
C TYR A 610 19.02 29.02 -20.86
N ALA A 611 20.05 29.53 -21.54
CA ALA A 611 20.05 30.93 -21.92
C ALA A 611 18.98 31.16 -22.97
N LEU A 612 19.06 30.40 -24.06
CA LEU A 612 18.13 30.55 -25.16
C LEU A 612 16.69 30.25 -24.74
N ASN A 613 16.53 29.32 -23.80
CA ASN A 613 15.22 29.01 -23.28
C ASN A 613 14.66 30.19 -22.52
N THR A 614 15.46 30.71 -21.60
CA THR A 614 15.09 31.90 -20.88
C THR A 614 14.73 33.04 -21.85
N PHE A 615 15.61 33.28 -22.82
CA PHE A 615 15.38 34.33 -23.81
C PHE A 615 14.00 34.18 -24.48
N THR A 616 13.74 33.00 -25.05
CA THR A 616 12.51 32.76 -25.79
C THR A 616 11.27 32.83 -24.89
N ASN A 617 11.40 32.28 -23.68
CA ASN A 617 10.30 32.31 -22.72
C ASN A 617 9.91 33.75 -22.37
N ILE A 618 10.90 34.63 -22.18
CA ILE A 618 10.61 36.05 -21.96
C ILE A 618 9.82 36.63 -23.13
N ALA A 619 10.29 36.38 -24.35
CA ALA A 619 9.58 36.85 -25.52
C ALA A 619 8.14 36.32 -25.58
N VAL A 620 7.94 35.05 -25.20
CA VAL A 620 6.60 34.48 -25.23
C VAL A 620 5.68 35.21 -24.25
N GLN A 621 6.17 35.47 -23.04
CA GLN A 621 5.38 36.15 -22.03
C GLN A 621 5.04 37.58 -22.45
N LEU A 622 6.00 38.25 -23.09
CA LEU A 622 5.78 39.59 -23.63
C LEU A 622 4.65 39.57 -24.66
N VAL A 623 4.62 38.53 -25.48
CA VAL A 623 3.57 38.42 -26.48
C VAL A 623 2.24 38.17 -25.81
N ARG A 624 2.22 37.32 -24.79
CA ARG A 624 0.97 37.02 -24.13
C ARG A 624 0.41 38.28 -23.48
N LEU A 625 1.27 39.02 -22.79
CA LEU A 625 0.85 40.27 -22.15
C LEU A 625 0.27 41.27 -23.15
N MET A 626 0.81 41.30 -24.37
CA MET A 626 0.29 42.20 -25.39
C MET A 626 -1.11 41.76 -25.83
N GLU A 627 -1.35 40.46 -25.96
CA GLU A 627 -2.69 39.97 -26.28
C GLU A 627 -3.63 40.32 -25.13
N ALA A 628 -3.14 40.14 -23.91
CA ALA A 628 -3.90 40.44 -22.71
C ALA A 628 -4.24 41.93 -22.61
N GLU A 629 -3.28 42.79 -22.93
CA GLU A 629 -3.49 44.24 -22.84
C GLU A 629 -4.18 44.82 -24.08
N GLY A 630 -4.58 43.95 -25.02
CA GLY A 630 -5.40 44.37 -26.13
C GLY A 630 -4.73 44.74 -27.44
N VAL A 631 -3.41 44.93 -27.43
CA VAL A 631 -2.64 45.29 -28.63
C VAL A 631 -2.86 44.36 -29.84
N ILE A 632 -3.11 43.09 -29.56
CA ILE A 632 -3.33 42.09 -30.60
C ILE A 632 -4.43 41.12 -30.17
N GLY A 633 -5.00 40.42 -31.14
CA GLY A 633 -6.03 39.43 -30.85
C GLY A 633 -6.11 38.43 -31.98
N PRO A 634 -6.99 37.42 -31.84
CA PRO A 634 -7.07 36.29 -32.78
C PRO A 634 -7.23 36.73 -34.23
N GLN A 635 -7.81 37.92 -34.42
CA GLN A 635 -8.05 38.46 -35.76
C GLN A 635 -6.74 38.82 -36.48
N HIS A 636 -5.63 38.71 -35.76
CA HIS A 636 -4.34 39.09 -36.27
C HIS A 636 -3.40 37.88 -36.45
N LEU A 637 -3.90 36.68 -36.17
CA LEU A 637 -3.06 35.49 -36.21
C LEU A 637 -2.61 35.16 -37.63
N GLU A 638 -3.52 35.27 -38.58
CA GLU A 638 -3.21 34.92 -39.97
C GLU A 638 -2.52 36.03 -40.74
N GLN A 639 -2.75 37.27 -40.33
CA GLN A 639 -2.06 38.40 -40.94
C GLN A 639 -2.03 39.56 -39.97
N LEU A 640 -0.87 40.19 -39.82
CA LEU A 640 -0.76 41.35 -38.97
C LEU A 640 -0.87 42.61 -39.82
N PRO A 641 -1.86 43.46 -39.52
CA PRO A 641 -2.00 44.76 -40.17
C PRO A 641 -0.85 45.69 -39.80
N ARG A 642 -0.49 46.59 -40.72
CA ARG A 642 0.61 47.52 -40.51
C ARG A 642 0.44 48.34 -39.23
N LYS A 643 -0.80 48.70 -38.90
CA LYS A 643 -1.07 49.62 -37.79
C LYS A 643 -0.74 49.07 -36.39
N ASN A 644 -1.13 47.83 -36.11
CA ASN A 644 -0.84 47.22 -34.81
C ASN A 644 0.55 46.59 -34.80
N LYS A 645 1.07 46.28 -35.98
CA LYS A 645 2.49 45.96 -36.14
C LYS A 645 3.31 47.10 -35.54
N ILE A 646 2.84 48.33 -35.72
CA ILE A 646 3.50 49.50 -35.18
C ILE A 646 3.20 49.68 -33.69
N ALA A 647 1.98 49.34 -33.30
CA ALA A 647 1.57 49.43 -31.90
C ALA A 647 2.42 48.49 -31.04
N VAL A 648 2.63 47.28 -31.56
CA VAL A 648 3.54 46.32 -30.95
C VAL A 648 4.88 47.00 -30.72
N ARG A 649 5.44 47.59 -31.77
CA ARG A 649 6.75 48.25 -31.70
C ARG A 649 6.80 49.31 -30.60
N THR A 650 5.76 50.12 -30.55
CA THR A 650 5.69 51.22 -29.59
C THR A 650 5.40 50.68 -28.19
N TRP A 651 4.54 49.66 -28.12
CA TRP A 651 4.23 49.02 -26.86
C TRP A 651 5.52 48.52 -26.24
N LEU A 652 6.27 47.75 -27.02
CA LEU A 652 7.56 47.24 -26.58
C LEU A 652 8.49 48.36 -26.19
N PHE A 653 8.58 49.37 -27.05
CA PHE A 653 9.50 50.49 -26.83
C PHE A 653 9.18 51.25 -25.56
N GLU A 654 7.90 51.50 -25.33
CA GLU A 654 7.49 52.28 -24.17
C GLU A 654 7.40 51.44 -22.90
N ASN A 655 6.95 50.20 -23.02
CA ASN A 655 6.60 49.40 -21.84
C ASN A 655 7.56 48.27 -21.45
N GLY A 656 8.14 47.61 -22.44
CA GLY A 656 9.03 46.48 -22.25
C GLY A 656 9.81 46.41 -20.95
N GLU A 657 10.61 47.45 -20.68
CA GLU A 657 11.46 47.46 -19.50
C GLU A 657 10.71 47.28 -18.19
N GLU A 658 9.51 47.84 -18.10
CA GLU A 658 8.69 47.69 -16.91
C GLU A 658 8.12 46.29 -16.87
N ARG A 659 7.60 45.87 -18.02
CA ARG A 659 6.89 44.62 -18.12
C ARG A 659 7.75 43.41 -17.72
N VAL A 660 9.01 43.37 -18.17
CA VAL A 660 9.86 42.25 -17.81
C VAL A 660 10.14 42.15 -16.30
N THR A 661 10.03 43.27 -15.58
CA THR A 661 10.22 43.25 -14.12
C THR A 661 9.05 42.55 -13.40
N ARG A 662 7.98 42.26 -14.15
CA ARG A 662 6.83 41.55 -13.63
C ARG A 662 6.94 40.05 -13.84
N MET A 663 8.10 39.62 -14.33
CA MET A 663 8.34 38.21 -14.64
C MET A 663 9.47 37.65 -13.82
N ALA A 664 9.39 36.36 -13.52
CA ALA A 664 10.53 35.59 -13.07
C ALA A 664 10.67 34.38 -14.00
N ILE A 665 11.67 34.43 -14.87
CA ILE A 665 11.87 33.43 -15.92
C ILE A 665 13.17 32.66 -15.69
N SER A 666 13.04 31.36 -15.49
CA SER A 666 14.19 30.47 -15.38
C SER A 666 13.98 29.34 -16.35
N GLY A 667 14.41 29.53 -17.58
CA GLY A 667 14.30 28.50 -18.59
C GLY A 667 12.86 28.42 -19.05
N ASP A 668 12.27 27.24 -18.90
CA ASP A 668 10.87 27.06 -19.26
C ASP A 668 9.95 27.38 -18.09
N ASP A 669 10.52 27.57 -16.90
CA ASP A 669 9.78 27.97 -15.70
C ASP A 669 9.48 29.45 -15.70
N CYS A 670 8.20 29.81 -15.56
CA CYS A 670 7.79 31.21 -15.54
C CYS A 670 6.75 31.59 -14.48
N VAL A 671 6.88 32.82 -13.99
CA VAL A 671 5.89 33.47 -13.15
C VAL A 671 5.70 34.87 -13.73
N VAL A 672 4.45 35.31 -13.86
CA VAL A 672 4.15 36.61 -14.46
C VAL A 672 2.99 37.26 -13.73
N LYS A 673 3.16 38.52 -13.32
CA LYS A 673 2.05 39.30 -12.76
C LYS A 673 1.57 40.36 -13.75
N PRO A 674 0.57 40.03 -14.58
CA PRO A 674 0.05 40.97 -15.59
C PRO A 674 -0.64 42.17 -14.97
N LEU A 675 -1.13 43.10 -15.78
CA LEU A 675 -1.85 44.26 -15.24
C LEU A 675 -3.21 43.86 -14.64
N ASP A 676 -4.07 43.23 -15.44
CA ASP A 676 -5.32 42.71 -14.93
C ASP A 676 -5.39 41.21 -15.17
N ASP A 677 -6.60 40.66 -15.26
CA ASP A 677 -6.74 39.23 -15.43
C ASP A 677 -7.40 38.84 -16.74
N ARG A 678 -7.17 39.67 -17.76
CA ARG A 678 -7.52 39.29 -19.12
C ARG A 678 -6.43 38.34 -19.61
N PHE A 679 -5.34 38.29 -18.84
CA PHE A 679 -4.19 37.44 -19.11
C PHE A 679 -4.62 36.00 -19.14
N ALA A 680 -5.58 35.67 -18.28
CA ALA A 680 -6.00 34.29 -18.12
C ALA A 680 -6.65 33.75 -19.40
N THR A 681 -7.07 34.65 -20.26
CA THR A 681 -7.74 34.24 -21.49
C THR A 681 -6.92 34.64 -22.69
N ALA A 682 -5.77 35.27 -22.43
CA ALA A 682 -4.82 35.61 -23.49
C ALA A 682 -4.08 34.34 -23.90
N LEU A 683 -4.73 33.54 -24.74
CA LEU A 683 -4.25 32.21 -25.06
C LEU A 683 -4.18 31.97 -26.56
N HIS A 684 -4.61 32.93 -27.36
CA HIS A 684 -4.63 32.71 -28.80
C HIS A 684 -3.24 32.69 -29.40
N PHE A 685 -2.42 33.64 -29.01
CA PHE A 685 -1.03 33.64 -29.48
C PHE A 685 -0.21 32.54 -28.80
N LEU A 686 -0.40 32.37 -27.50
CA LEU A 686 0.28 31.31 -26.74
C LEU A 686 0.11 29.96 -27.42
N ASN A 687 -1.10 29.64 -27.85
CA ASN A 687 -1.35 28.36 -28.50
C ASN A 687 -0.83 28.29 -29.93
N ALA A 688 -0.86 29.42 -30.63
CA ALA A 688 -0.43 29.47 -32.03
C ALA A 688 1.08 29.29 -32.15
N MET A 689 1.80 29.75 -31.13
CA MET A 689 3.24 29.64 -31.03
C MET A 689 3.65 28.25 -30.54
N SER A 690 2.68 27.34 -30.47
CA SER A 690 2.88 25.97 -30.00
C SER A 690 3.31 25.84 -28.54
N LYS A 691 3.29 26.92 -27.78
CA LYS A 691 3.66 26.86 -26.36
C LYS A 691 2.47 26.44 -25.48
N VAL A 692 1.86 25.31 -25.82
CA VAL A 692 0.67 24.79 -25.13
C VAL A 692 0.93 24.55 -23.65
N ARG A 693 -0.08 24.81 -22.84
CA ARG A 693 0.07 24.69 -21.39
C ARG A 693 -0.12 23.26 -20.93
N LYS A 694 0.65 22.89 -19.91
CA LYS A 694 0.65 21.53 -19.39
C LYS A 694 -0.53 21.28 -18.45
N ASP A 695 -1.15 20.12 -18.58
CA ASP A 695 -2.19 19.67 -17.65
C ASP A 695 -3.42 20.61 -17.55
N ILE A 696 -4.01 20.91 -18.70
CA ILE A 696 -5.17 21.79 -18.77
C ILE A 696 -5.68 21.80 -20.21
N GLN A 697 -7.01 21.79 -20.37
CA GLN A 697 -7.61 21.81 -21.70
C GLN A 697 -7.07 23.03 -22.46
N GLU A 698 -6.94 22.90 -23.78
CA GLU A 698 -6.30 23.92 -24.58
C GLU A 698 -6.84 25.34 -24.37
N TRP A 699 -8.14 25.47 -24.21
CA TRP A 699 -8.75 26.81 -24.14
C TRP A 699 -9.31 27.22 -22.77
N LYS A 700 -9.20 26.35 -21.78
CA LYS A 700 -9.59 26.72 -20.43
C LYS A 700 -8.66 27.79 -19.88
N PRO A 701 -9.22 28.87 -19.32
CA PRO A 701 -8.41 29.96 -18.74
C PRO A 701 -7.43 29.47 -17.69
N SER A 702 -6.37 30.23 -17.49
CA SER A 702 -5.30 29.82 -16.61
C SER A 702 -5.71 30.18 -15.21
N HIS A 703 -5.33 29.34 -14.25
CA HIS A 703 -5.55 29.66 -12.86
C HIS A 703 -4.48 30.64 -12.38
N GLY A 704 -4.89 31.65 -11.61
CA GLY A 704 -3.96 32.59 -11.03
C GLY A 704 -4.01 32.47 -9.51
N TRP A 705 -3.03 33.04 -8.82
CA TRP A 705 -3.05 33.05 -7.37
C TRP A 705 -3.23 34.45 -6.82
N HIS A 706 -3.83 34.56 -5.64
CA HIS A 706 -3.90 35.86 -4.96
C HIS A 706 -2.74 35.95 -3.98
N ASP A 707 -2.46 34.82 -3.34
CA ASP A 707 -1.37 34.70 -2.38
C ASP A 707 -0.08 34.32 -3.12
N TRP A 708 0.90 35.23 -3.13
CA TRP A 708 2.15 34.97 -3.85
C TRP A 708 2.91 33.81 -3.21
N GLN A 709 2.49 33.45 -1.99
CA GLN A 709 3.15 32.41 -1.22
C GLN A 709 2.73 31.02 -1.64
N GLN A 710 1.79 30.95 -2.58
CA GLN A 710 1.33 29.69 -3.11
C GLN A 710 1.70 29.52 -4.58
N VAL A 711 2.44 30.49 -5.11
CA VAL A 711 2.88 30.41 -6.49
C VAL A 711 4.01 29.41 -6.63
N PRO A 712 3.87 28.45 -7.55
CA PRO A 712 4.89 27.44 -7.87
C PRO A 712 5.95 28.00 -8.83
N PHE A 713 7.22 27.90 -8.48
CA PHE A 713 8.28 28.37 -9.36
C PHE A 713 9.49 27.53 -9.09
N CYS A 714 9.96 26.83 -10.14
CA CYS A 714 11.12 25.98 -10.01
C CYS A 714 10.91 24.92 -8.92
N SER A 715 9.77 24.23 -8.99
CA SER A 715 9.46 23.11 -8.11
C SER A 715 9.25 23.46 -6.63
N ASN A 716 9.27 24.75 -6.29
CA ASN A 716 8.99 25.15 -4.92
C ASN A 716 7.92 26.23 -4.88
N HIS A 717 7.35 26.43 -3.70
CA HIS A 717 6.62 27.67 -3.44
C HIS A 717 7.27 28.28 -2.21
N PHE A 718 6.94 29.51 -1.90
CA PHE A 718 7.70 30.21 -0.88
C PHE A 718 6.84 30.81 0.21
N GLN A 719 7.33 30.69 1.43
CA GLN A 719 6.57 31.06 2.61
C GLN A 719 7.34 32.13 3.38
N GLU A 720 6.63 33.18 3.78
CA GLU A 720 7.24 34.14 4.69
C GLU A 720 6.95 33.76 6.13
N ILE A 721 8.00 33.73 6.94
CA ILE A 721 7.92 33.32 8.33
C ILE A 721 8.61 34.36 9.19
N VAL A 722 7.95 34.79 10.26
CA VAL A 722 8.59 35.71 11.21
C VAL A 722 9.35 34.93 12.28
N MET A 723 10.65 35.22 12.41
CA MET A 723 11.52 34.53 13.37
C MET A 723 11.26 34.95 14.82
N LYS A 724 11.97 34.32 15.76
CA LYS A 724 11.78 34.62 17.18
C LYS A 724 12.19 36.06 17.48
N ASP A 725 13.31 36.50 16.91
CA ASP A 725 13.80 37.86 17.14
C ASP A 725 13.13 38.94 16.27
N GLY A 726 12.01 38.61 15.63
CA GLY A 726 11.22 39.62 14.94
C GLY A 726 11.54 39.84 13.48
N ARG A 727 12.62 39.23 13.01
CA ARG A 727 12.97 39.30 11.58
C ARG A 727 12.19 38.27 10.78
N SER A 728 11.91 38.57 9.51
CA SER A 728 11.21 37.61 8.64
C SER A 728 12.11 37.09 7.53
N ILE A 729 11.89 35.84 7.12
CA ILE A 729 12.62 35.26 5.99
C ILE A 729 11.65 34.62 5.00
N VAL A 730 12.05 34.54 3.74
CA VAL A 730 11.25 33.84 2.74
C VAL A 730 11.93 32.54 2.34
N VAL A 731 11.26 31.42 2.57
CA VAL A 731 11.88 30.13 2.41
C VAL A 731 11.13 29.30 1.38
N PRO A 732 11.85 28.37 0.73
CA PRO A 732 11.23 27.46 -0.23
C PRO A 732 10.49 26.31 0.46
N CYS A 733 9.38 25.90 -0.14
CA CYS A 733 8.58 24.84 0.45
C CYS A 733 7.97 23.98 -0.64
N ARG A 734 7.89 22.67 -0.37
CA ARG A 734 7.38 21.69 -1.31
C ARG A 734 7.02 20.39 -0.61
N GLY A 735 6.31 19.51 -1.32
CA GLY A 735 5.87 18.24 -0.79
C GLY A 735 6.93 17.45 -0.06
N GLN A 736 6.69 17.22 1.22
CA GLN A 736 7.59 16.46 2.08
C GLN A 736 7.63 14.98 1.68
N ASP A 737 6.58 14.49 1.05
CA ASP A 737 6.53 13.08 0.72
C ASP A 737 7.63 12.76 -0.29
N GLU A 738 7.71 13.56 -1.34
CA GLU A 738 8.71 13.32 -2.36
C GLU A 738 10.14 13.59 -1.88
N LEU A 739 10.32 14.61 -1.05
CA LEU A 739 11.62 14.87 -0.44
C LEU A 739 12.13 13.62 0.27
N ILE A 740 11.26 13.00 1.06
CA ILE A 740 11.64 11.79 1.76
C ILE A 740 11.72 10.62 0.78
N GLY A 741 10.77 10.54 -0.14
CA GLY A 741 10.80 9.54 -1.17
C GLY A 741 12.12 9.48 -1.94
N ARG A 742 12.68 10.64 -2.28
CA ARG A 742 13.92 10.68 -3.05
C ARG A 742 15.12 10.36 -2.20
N ALA A 743 15.14 10.88 -0.99
CA ALA A 743 16.20 10.51 -0.04
C ALA A 743 16.19 9.01 0.22
N ARG A 744 15.03 8.38 0.15
CA ARG A 744 14.99 6.92 0.35
C ARG A 744 15.55 6.09 -0.82
N ILE A 745 15.85 6.72 -1.94
CA ILE A 745 16.35 5.97 -3.09
C ILE A 745 17.86 6.12 -3.31
N SER A 746 18.54 4.98 -3.46
CA SER A 746 19.96 4.94 -3.87
C SER A 746 20.11 4.89 -5.39
N PRO A 747 21.14 5.59 -5.93
CA PRO A 747 21.30 5.79 -7.37
C PRO A 747 21.58 4.53 -8.20
N GLY A 748 22.03 3.45 -7.56
CA GLY A 748 22.17 2.18 -8.26
C GLY A 748 22.51 1.01 -7.36
N ALA A 749 22.77 -0.16 -7.97
CA ALA A 749 23.13 -1.38 -7.22
C ALA A 749 24.59 -1.35 -6.72
N GLY A 750 24.90 -2.19 -5.75
CA GLY A 750 26.27 -2.35 -5.27
C GLY A 750 26.87 -1.30 -4.33
N TRP A 751 26.06 -0.37 -3.84
CA TRP A 751 26.59 0.67 -2.98
C TRP A 751 26.85 0.19 -1.55
N ASN A 752 28.10 0.36 -1.09
CA ASN A 752 28.48 -0.07 0.24
C ASN A 752 27.97 0.88 1.32
N VAL A 753 27.98 0.40 2.55
CA VAL A 753 27.49 1.14 3.71
C VAL A 753 27.98 2.59 3.77
N LYS A 754 29.28 2.80 3.61
CA LYS A 754 29.82 4.16 3.71
C LYS A 754 29.25 5.11 2.66
N ASP A 755 29.15 4.64 1.42
CA ASP A 755 28.69 5.50 0.34
C ASP A 755 27.23 5.92 0.48
N THR A 756 26.39 4.98 0.88
CA THR A 756 24.99 5.32 1.07
C THR A 756 24.81 6.24 2.29
N ALA A 757 25.58 5.98 3.35
CA ALA A 757 25.63 6.88 4.50
C ALA A 757 25.99 8.31 4.13
N CYS A 758 26.90 8.47 3.17
CA CYS A 758 27.33 9.79 2.75
C CYS A 758 26.28 10.48 1.90
N LEU A 759 25.51 9.69 1.14
CA LEU A 759 24.38 10.26 0.40
C LEU A 759 23.24 10.64 1.36
N ALA A 760 22.97 9.80 2.35
CA ALA A 760 21.98 10.17 3.34
C ALA A 760 22.40 11.47 3.99
N LYS A 761 23.70 11.62 4.24
CA LYS A 761 24.17 12.81 4.94
C LYS A 761 24.00 14.07 4.10
N ALA A 762 24.13 13.95 2.79
CA ALA A 762 23.89 15.07 1.88
C ALA A 762 22.39 15.45 1.85
N TYR A 763 21.51 14.46 1.85
CA TYR A 763 20.09 14.79 1.87
C TYR A 763 19.75 15.46 3.18
N ALA A 764 20.23 14.91 4.29
CA ALA A 764 20.01 15.51 5.60
C ALA A 764 20.47 16.96 5.61
N GLN A 765 21.69 17.20 5.15
CA GLN A 765 22.23 18.55 5.23
C GLN A 765 21.54 19.52 4.26
N MET A 766 21.11 19.03 3.10
CA MET A 766 20.35 19.90 2.21
C MET A 766 19.02 20.31 2.86
N TRP A 767 18.48 19.41 3.69
CA TRP A 767 17.24 19.70 4.40
C TRP A 767 17.44 20.83 5.40
N LEU A 768 18.53 20.70 6.17
CA LEU A 768 18.88 21.70 7.17
C LEU A 768 19.03 23.09 6.60
N LEU A 769 19.61 23.17 5.40
CA LEU A 769 19.88 24.47 4.77
C LEU A 769 18.68 25.04 4.02
N LEU A 770 17.78 24.19 3.53
CA LEU A 770 16.64 24.69 2.75
C LEU A 770 15.24 24.47 3.34
N TYR A 771 15.06 23.37 4.08
CA TYR A 771 13.73 23.02 4.59
C TYR A 771 13.76 22.77 6.08
N PHE A 772 14.50 23.62 6.79
CA PHE A 772 14.70 23.52 8.23
C PHE A 772 13.41 23.85 8.94
N HIS A 773 12.55 24.56 8.21
CA HIS A 773 11.27 25.01 8.70
C HIS A 773 10.17 23.94 8.62
N ARG A 774 10.54 22.76 8.13
CA ARG A 774 9.60 21.65 8.07
C ARG A 774 9.90 20.76 9.25
N ARG A 775 8.96 20.69 10.19
CA ARG A 775 9.17 20.00 11.48
C ARG A 775 9.76 18.61 11.35
N ASP A 776 9.08 17.74 10.60
CA ASP A 776 9.55 16.38 10.37
C ASP A 776 10.99 16.32 9.85
N LEU A 777 11.33 17.17 8.88
CA LEU A 777 12.63 17.09 8.23
C LEU A 777 13.78 17.48 9.16
N ARG A 778 13.57 18.52 9.97
CA ARG A 778 14.61 18.96 10.90
C ARG A 778 14.92 17.85 11.90
N LEU A 779 13.88 17.18 12.36
CA LEU A 779 14.08 16.05 13.24
C LEU A 779 14.83 14.97 12.50
N MET A 780 14.33 14.61 11.30
CA MET A 780 14.95 13.52 10.55
C MET A 780 16.39 13.83 10.13
N ALA A 781 16.67 15.08 9.79
CA ALA A 781 18.00 15.49 9.42
C ALA A 781 18.97 15.33 10.59
N ASN A 782 18.63 15.87 11.76
CA ASN A 782 19.54 15.75 12.90
C ASN A 782 19.73 14.30 13.29
N ALA A 783 18.68 13.52 13.07
CA ALA A 783 18.74 12.10 13.36
C ALA A 783 19.69 11.38 12.40
N ILE A 784 19.71 11.81 11.15
CA ILE A 784 20.56 11.18 10.15
C ILE A 784 22.02 11.55 10.45
N CYS A 785 22.26 12.83 10.68
CA CYS A 785 23.59 13.31 10.99
C CYS A 785 24.10 12.76 12.31
N SER A 786 23.20 12.34 13.19
CA SER A 786 23.66 11.76 14.45
C SER A 786 24.05 10.30 14.27
N ALA A 787 23.64 9.71 13.16
CA ALA A 787 23.86 8.28 12.91
C ALA A 787 24.96 8.06 11.89
N VAL A 788 25.44 9.16 11.31
CA VAL A 788 26.50 9.08 10.34
C VAL A 788 27.75 9.69 10.95
N PRO A 789 28.88 8.98 10.85
CA PRO A 789 30.18 9.43 11.38
C PRO A 789 30.49 10.87 10.99
N VAL A 790 30.83 11.70 11.98
CA VAL A 790 31.05 13.13 11.77
C VAL A 790 32.06 13.45 10.67
N ASP A 791 33.09 12.61 10.56
CA ASP A 791 34.19 12.84 9.64
C ASP A 791 33.74 12.69 8.20
N TRP A 792 32.80 11.78 7.96
CA TRP A 792 32.41 11.42 6.61
C TRP A 792 31.86 12.58 5.79
N VAL A 793 32.20 12.58 4.51
CA VAL A 793 31.95 13.73 3.68
C VAL A 793 30.79 13.42 2.74
N PRO A 794 29.80 14.33 2.69
CA PRO A 794 28.61 14.17 1.85
C PRO A 794 29.00 14.02 0.40
N THR A 795 28.42 13.03 -0.28
CA THR A 795 28.65 12.78 -1.69
C THR A 795 27.32 12.51 -2.34
N GLY A 796 27.20 12.83 -3.63
CA GLY A 796 26.03 12.44 -4.39
C GLY A 796 25.16 13.62 -4.74
N ARG A 797 24.22 13.41 -5.66
CA ARG A 797 23.30 14.45 -6.10
C ARG A 797 22.07 14.43 -5.20
N THR A 798 21.60 15.62 -4.81
CA THR A 798 20.34 15.72 -4.08
C THR A 798 19.33 16.53 -4.88
N SER A 799 19.81 17.23 -5.90
CA SER A 799 18.91 17.96 -6.78
C SER A 799 19.46 18.09 -8.19
N TRP A 800 18.56 18.34 -9.15
CA TRP A 800 18.95 18.56 -10.54
C TRP A 800 18.73 20.01 -10.87
N SER A 801 18.15 20.76 -9.95
CA SER A 801 17.78 22.13 -10.29
C SER A 801 19.02 22.98 -10.41
N ILE A 802 19.02 23.85 -11.42
CA ILE A 802 20.10 24.79 -11.61
C ILE A 802 20.18 25.74 -10.41
N HIS A 803 19.06 25.91 -9.71
CA HIS A 803 19.05 26.80 -8.58
C HIS A 803 19.55 26.13 -7.28
N SER A 804 19.82 24.84 -7.32
CA SER A 804 20.52 24.20 -6.20
C SER A 804 22.00 24.49 -6.29
N LYS A 805 22.54 25.17 -5.29
CA LYS A 805 23.95 25.56 -5.32
C LYS A 805 24.85 24.68 -4.45
N GLY A 806 24.26 23.74 -3.73
CA GLY A 806 25.06 22.72 -3.06
C GLY A 806 25.87 23.10 -1.83
N GLU A 807 25.56 24.25 -1.23
CA GLU A 807 26.25 24.73 -0.02
C GLU A 807 26.33 23.69 1.09
N TRP A 808 25.42 22.73 1.08
CA TRP A 808 25.40 21.68 2.10
C TRP A 808 26.40 20.57 1.80
N MET A 809 27.01 20.60 0.62
CA MET A 809 27.97 19.55 0.29
C MET A 809 29.29 19.87 0.98
N THR A 810 29.28 19.83 2.31
CA THR A 810 30.39 20.29 3.10
C THR A 810 30.45 19.54 4.42
N THR A 811 31.55 19.74 5.11
CA THR A 811 31.84 19.07 6.36
C THR A 811 31.80 20.11 7.48
N GLU A 812 31.53 21.35 7.06
CA GLU A 812 31.42 22.49 7.96
C GLU A 812 30.12 22.37 8.75
N ASP A 813 30.05 23.05 9.90
CA ASP A 813 28.87 23.00 10.74
C ASP A 813 27.71 23.69 10.04
N MET A 814 26.56 23.04 10.03
CA MET A 814 25.44 23.51 9.23
C MET A 814 24.81 24.82 9.67
N LEU A 815 24.95 25.15 10.95
CA LEU A 815 24.45 26.43 11.44
C LEU A 815 25.27 27.58 10.86
N GLN A 816 26.58 27.38 10.76
CA GLN A 816 27.45 28.40 10.20
C GLN A 816 27.03 28.70 8.77
N VAL A 817 26.85 27.66 7.96
CA VAL A 817 26.43 27.88 6.57
C VAL A 817 25.01 28.43 6.49
N TRP A 818 24.16 28.12 7.48
CA TRP A 818 22.84 28.71 7.55
C TRP A 818 22.94 30.23 7.58
N ASN A 819 23.74 30.72 8.52
CA ASN A 819 23.98 32.15 8.68
C ASN A 819 24.58 32.77 7.44
N ARG A 820 25.46 32.03 6.78
CA ARG A 820 26.07 32.52 5.56
C ARG A 820 25.02 32.80 4.49
N VAL A 821 24.10 31.87 4.24
CA VAL A 821 23.17 32.07 3.15
C VAL A 821 21.90 32.82 3.53
N TRP A 822 21.46 32.66 4.78
CA TRP A 822 20.18 33.25 5.20
C TRP A 822 20.30 34.64 5.81
N ILE A 823 21.41 34.89 6.50
CA ILE A 823 21.71 36.20 7.07
C ILE A 823 22.74 36.94 6.23
N GLU A 824 23.98 36.45 6.29
CA GLU A 824 25.14 37.14 5.72
C GLU A 824 24.96 37.57 4.26
N GLU A 825 24.71 36.60 3.37
CA GLU A 825 24.63 36.86 1.94
C GLU A 825 23.22 37.16 1.46
N ASN A 826 22.29 37.35 2.39
CA ASN A 826 20.90 37.57 2.02
C ASN A 826 20.60 39.06 1.93
N GLU A 827 20.60 39.58 0.71
CA GLU A 827 20.45 41.02 0.51
C GLU A 827 19.09 41.55 0.96
N TRP A 828 18.13 40.66 1.17
CA TRP A 828 16.83 41.07 1.69
C TRP A 828 16.74 40.94 3.21
N MET A 829 17.89 40.85 3.86
CA MET A 829 17.94 40.78 5.30
C MET A 829 18.88 41.86 5.81
N MET A 830 18.29 42.99 6.21
CA MET A 830 19.07 44.15 6.64
C MET A 830 19.83 43.86 7.93
N ASP A 831 19.10 43.43 8.94
CA ASP A 831 19.72 43.11 10.22
C ASP A 831 20.64 41.90 10.08
N LYS A 832 21.95 42.12 10.14
CA LYS A 832 22.89 41.00 9.98
C LYS A 832 23.23 40.29 11.29
N THR A 833 22.34 40.38 12.27
CA THR A 833 22.60 39.74 13.57
C THR A 833 22.60 38.22 13.44
N PRO A 834 23.75 37.59 13.69
CA PRO A 834 23.91 36.13 13.59
C PRO A 834 22.96 35.35 14.49
N ILE A 835 22.57 34.14 14.04
CA ILE A 835 21.79 33.23 14.86
C ILE A 835 22.76 32.23 15.46
N THR A 836 22.62 31.98 16.75
CA THR A 836 23.66 31.28 17.48
C THR A 836 23.23 29.87 17.87
N SER A 837 21.94 29.59 17.73
CA SER A 837 21.38 28.30 18.09
C SER A 837 20.20 27.93 17.18
N TRP A 838 20.03 26.63 16.94
CA TRP A 838 18.98 26.15 16.05
C TRP A 838 17.57 26.52 16.51
N THR A 839 17.35 26.45 17.82
CA THR A 839 16.05 26.79 18.41
C THR A 839 15.52 28.17 18.01
N ASP A 840 16.42 29.06 17.60
CA ASP A 840 16.01 30.39 17.17
C ASP A 840 15.81 30.45 15.66
N VAL A 841 15.80 29.29 15.01
CA VAL A 841 15.50 29.19 13.57
C VAL A 841 14.08 28.70 13.39
N PRO A 842 13.24 29.50 12.73
CA PRO A 842 11.79 29.32 12.69
C PRO A 842 11.31 28.04 11.97
N TYR A 843 10.02 27.75 12.13
CA TYR A 843 9.35 26.71 11.36
C TYR A 843 8.25 27.39 10.56
N VAL A 844 7.65 26.69 9.61
CA VAL A 844 6.42 27.21 9.01
C VAL A 844 5.29 26.94 9.99
N GLY A 845 4.17 27.59 9.76
CA GLY A 845 2.98 27.34 10.56
C GLY A 845 2.58 25.89 10.38
N LYS A 846 2.07 25.27 11.45
CA LYS A 846 1.62 23.89 11.37
C LYS A 846 0.54 23.71 10.31
N ARG A 847 -0.23 24.75 10.02
CA ARG A 847 -1.25 24.61 8.98
C ARG A 847 -0.55 24.30 7.66
N GLU A 848 0.49 25.07 7.35
CA GLU A 848 1.26 24.88 6.12
C GLU A 848 2.09 23.60 6.14
N ASP A 849 2.67 23.30 7.31
CA ASP A 849 3.47 22.09 7.44
C ASP A 849 2.62 20.88 7.09
N ILE A 850 1.43 20.78 7.68
CA ILE A 850 0.52 19.66 7.42
C ILE A 850 0.00 19.62 5.98
N TRP A 851 -0.26 20.79 5.41
CA TRP A 851 -0.72 20.88 4.03
C TRP A 851 0.35 20.34 3.09
N CYS A 852 1.60 20.55 3.45
CA CYS A 852 2.65 20.06 2.58
C CYS A 852 3.26 18.76 3.08
N GLY A 853 2.42 17.95 3.74
CA GLY A 853 2.70 16.55 3.96
C GLY A 853 3.21 16.16 5.33
N SER A 854 3.33 17.13 6.22
CA SER A 854 3.86 16.84 7.56
C SER A 854 3.00 15.85 8.33
N LEU A 855 3.66 15.10 9.20
CA LEU A 855 3.02 14.02 9.92
C LEU A 855 2.88 14.36 11.40
N ILE A 856 3.17 15.62 11.77
CA ILE A 856 2.97 16.08 13.14
C ILE A 856 1.52 15.90 13.55
N GLY A 857 1.29 15.63 14.84
CA GLY A 857 -0.05 15.47 15.35
C GLY A 857 -0.58 14.07 15.16
N THR A 858 0.26 13.22 14.60
CA THR A 858 -0.08 11.83 14.25
C THR A 858 0.55 10.94 15.31
N ARG A 859 -0.03 9.77 15.58
CA ARG A 859 0.60 8.96 16.62
C ARG A 859 1.81 8.13 16.15
N SER A 860 1.83 7.77 14.88
CA SER A 860 3.00 7.20 14.24
C SER A 860 4.21 8.12 14.40
N ARG A 861 4.02 9.39 14.06
CA ARG A 861 5.09 10.35 14.23
C ARG A 861 5.56 10.46 15.68
N ALA A 862 4.59 10.51 16.60
CA ALA A 862 4.87 10.60 18.03
C ALA A 862 5.77 9.46 18.50
N THR A 863 5.38 8.23 18.21
CA THR A 863 6.19 7.05 18.52
C THR A 863 7.61 7.19 17.94
N TRP A 864 7.69 7.57 16.67
CA TRP A 864 8.93 7.80 15.97
C TRP A 864 9.80 8.83 16.71
N ALA A 865 9.20 9.97 17.01
CA ALA A 865 9.92 11.05 17.68
C ALA A 865 10.46 10.64 19.05
N GLU A 866 9.66 9.90 19.81
CA GLU A 866 10.02 9.54 21.17
C GLU A 866 11.10 8.47 21.20
N ASN A 867 11.20 7.69 20.12
CA ASN A 867 12.10 6.56 20.10
C ASN A 867 13.25 6.75 19.12
N ILE A 868 13.52 7.99 18.77
CA ILE A 868 14.44 8.33 17.70
C ILE A 868 15.85 7.81 17.99
N TYR A 869 16.25 7.82 19.26
CA TYR A 869 17.57 7.35 19.64
C TYR A 869 17.79 5.86 19.32
N ALA A 870 16.75 5.06 19.44
CA ALA A 870 16.88 3.64 19.11
C ALA A 870 17.19 3.49 17.64
N ALA A 871 16.52 4.31 16.82
CA ALA A 871 16.73 4.32 15.39
C ALA A 871 18.17 4.71 15.07
N ILE A 872 18.62 5.81 15.65
CA ILE A 872 20.00 6.28 15.49
C ILE A 872 21.00 5.18 15.86
N ASN A 873 20.77 4.50 16.96
CA ASN A 873 21.69 3.45 17.35
C ASN A 873 21.66 2.26 16.41
N GLN A 874 20.50 1.98 15.81
CA GLN A 874 20.41 0.87 14.85
C GLN A 874 21.38 1.10 13.68
N VAL A 875 21.39 2.33 13.19
CA VAL A 875 22.25 2.70 12.07
C VAL A 875 23.72 2.68 12.49
N ARG A 876 24.01 3.28 13.65
CA ARG A 876 25.35 3.21 14.24
C ARG A 876 25.91 1.80 14.36
N ALA A 877 25.07 0.84 14.72
CA ALA A 877 25.51 -0.55 14.76
C ALA A 877 25.92 -1.03 13.38
N VAL A 878 25.04 -0.87 12.40
CA VAL A 878 25.32 -1.30 11.04
C VAL A 878 26.60 -0.68 10.48
N ILE A 879 26.75 0.63 10.62
CA ILE A 879 27.97 1.32 10.22
C ILE A 879 29.19 0.88 11.05
N GLY A 880 29.02 0.82 12.37
CA GLY A 880 30.03 0.27 13.26
C GLY A 880 30.79 1.28 14.10
N LYS A 881 31.75 0.79 14.89
CA LYS A 881 32.61 1.64 15.72
C LYS A 881 33.26 2.74 14.90
N GLU A 882 32.92 3.99 15.21
CA GLU A 882 33.44 5.16 14.52
C GLU A 882 33.17 6.36 15.41
N ASN A 883 33.53 7.56 14.96
CA ASN A 883 33.31 8.74 15.77
C ASN A 883 32.00 9.43 15.45
N TYR A 884 31.09 9.43 16.42
CA TYR A 884 29.75 9.95 16.23
C TYR A 884 29.53 11.20 17.07
N VAL A 885 28.43 11.90 16.82
CA VAL A 885 28.06 13.12 17.53
C VAL A 885 26.53 13.21 17.60
N ASP A 886 25.99 13.59 18.77
CA ASP A 886 24.54 13.70 18.94
C ASP A 886 24.04 15.10 18.64
N TYR A 887 23.30 15.26 17.55
CA TYR A 887 22.76 16.56 17.19
C TYR A 887 21.30 16.72 17.62
N MET A 888 20.72 15.67 18.19
CA MET A 888 19.30 15.69 18.58
C MET A 888 18.99 16.79 19.60
N THR A 889 19.99 17.11 20.41
CA THR A 889 19.86 18.10 21.46
C THR A 889 19.75 19.55 20.95
N SER A 890 19.95 19.74 19.64
CA SER A 890 19.75 21.06 19.04
C SER A 890 18.27 21.34 18.79
N LEU A 891 17.44 20.31 18.92
CA LEU A 891 15.98 20.48 18.88
C LEU A 891 15.50 20.62 20.33
N ARG A 892 14.46 21.41 20.55
CA ARG A 892 14.01 21.70 21.91
C ARG A 892 13.64 20.44 22.67
N ARG A 893 12.86 19.58 22.03
CA ARG A 893 12.28 18.42 22.69
C ARG A 893 13.30 17.37 23.12
N TYR A 894 14.58 17.58 22.79
CA TYR A 894 15.59 16.64 23.23
C TYR A 894 16.65 17.24 24.16
N GLU A 895 16.40 18.46 24.65
CA GLU A 895 17.26 19.07 25.67
C GLU A 895 16.98 18.49 27.06
N GLY B 5 45.66 -13.64 -5.78
CA GLY B 5 44.65 -12.87 -6.49
C GLY B 5 43.21 -13.09 -6.02
N ARG B 6 42.26 -12.73 -6.88
CA ARG B 6 40.83 -12.97 -6.63
C ARG B 6 40.57 -14.47 -6.41
N THR B 7 39.77 -14.82 -5.41
CA THR B 7 39.43 -16.23 -5.15
C THR B 7 38.62 -16.88 -6.28
N LEU B 8 38.46 -18.20 -6.21
CA LEU B 8 37.68 -18.92 -7.22
C LEU B 8 36.25 -18.41 -7.27
N GLY B 9 35.56 -18.47 -6.12
CA GLY B 9 34.27 -17.84 -5.95
C GLY B 9 34.13 -16.49 -6.63
N GLU B 10 35.11 -15.60 -6.42
CA GLU B 10 35.06 -14.27 -7.02
C GLU B 10 35.18 -14.30 -8.54
N GLN B 11 35.82 -15.36 -9.06
CA GLN B 11 35.99 -15.52 -10.50
C GLN B 11 34.66 -15.91 -11.12
N TRP B 12 33.99 -16.83 -10.42
CA TRP B 12 32.64 -17.24 -10.74
C TRP B 12 31.71 -16.05 -10.76
N LYS B 13 31.75 -15.24 -9.70
CA LYS B 13 30.88 -14.07 -9.59
C LYS B 13 31.02 -13.06 -10.73
N GLU B 14 32.26 -12.76 -11.11
CA GLU B 14 32.55 -11.79 -12.15
C GLU B 14 32.08 -12.29 -13.51
N LYS B 15 32.24 -13.60 -13.70
CA LYS B 15 31.80 -14.26 -14.93
C LYS B 15 30.27 -14.21 -15.01
N LEU B 16 29.61 -14.65 -13.94
CA LEU B 16 28.16 -14.59 -13.82
C LEU B 16 27.60 -13.22 -14.16
N ASN B 17 28.21 -12.17 -13.61
CA ASN B 17 27.78 -10.81 -13.91
C ASN B 17 27.97 -10.38 -15.35
N ALA B 18 28.76 -11.13 -16.12
CA ALA B 18 29.02 -10.74 -17.50
C ALA B 18 28.05 -11.42 -18.46
N MET B 19 27.25 -12.35 -17.95
CA MET B 19 26.38 -13.15 -18.81
C MET B 19 25.20 -12.34 -19.37
N SER B 20 24.75 -12.67 -20.57
CA SER B 20 23.55 -12.08 -21.13
C SER B 20 22.38 -12.67 -20.36
N ARG B 21 21.22 -12.00 -20.41
CA ARG B 21 20.04 -12.50 -19.71
C ARG B 21 19.76 -13.93 -20.14
N GLU B 22 19.80 -14.14 -21.46
CA GLU B 22 19.50 -15.45 -22.03
C GLU B 22 20.44 -16.54 -21.51
N GLU B 23 21.74 -16.26 -21.50
CA GLU B 23 22.70 -17.28 -21.09
C GLU B 23 22.67 -17.51 -19.58
N PHE B 24 22.36 -16.44 -18.84
CA PHE B 24 22.18 -16.52 -17.41
C PHE B 24 21.18 -17.62 -17.03
N PHE B 25 20.04 -17.67 -17.72
CA PHE B 25 18.99 -18.63 -17.36
C PHE B 25 19.18 -20.05 -17.85
N LYS B 26 20.05 -20.24 -18.85
CA LYS B 26 20.42 -21.59 -19.24
C LYS B 26 21.44 -22.14 -18.24
N TYR B 27 22.34 -21.25 -17.83
CA TYR B 27 23.42 -21.62 -16.93
C TYR B 27 22.89 -21.90 -15.53
N ARG B 28 21.86 -21.16 -15.14
CA ARG B 28 21.27 -21.27 -13.82
C ARG B 28 20.84 -22.68 -13.51
N ARG B 29 20.32 -23.35 -14.52
CA ARG B 29 19.69 -24.65 -14.31
C ARG B 29 20.50 -25.83 -14.82
N GLU B 30 21.74 -25.59 -15.20
CA GLU B 30 22.59 -26.64 -15.76
C GLU B 30 23.19 -27.63 -14.75
N ALA B 31 22.89 -28.91 -14.97
CA ALA B 31 23.42 -30.02 -14.16
C ALA B 31 22.91 -30.08 -12.73
N ILE B 32 22.07 -29.12 -12.35
CA ILE B 32 21.50 -29.10 -11.02
C ILE B 32 20.38 -30.11 -10.93
N ILE B 33 19.87 -30.35 -9.75
CA ILE B 33 18.65 -31.13 -9.64
C ILE B 33 17.49 -30.22 -9.27
N GLU B 34 16.36 -30.42 -9.93
CA GLU B 34 15.18 -29.59 -9.75
C GLU B 34 14.05 -30.50 -9.30
N VAL B 35 13.17 -30.00 -8.44
CA VAL B 35 11.93 -30.73 -8.20
C VAL B 35 10.87 -30.18 -9.15
N ASP B 36 9.91 -31.02 -9.51
CA ASP B 36 8.82 -30.63 -10.40
C ASP B 36 7.80 -29.83 -9.61
N ARG B 37 7.66 -28.56 -9.97
CA ARG B 37 6.78 -27.69 -9.22
C ARG B 37 5.42 -27.50 -9.91
N THR B 38 5.18 -28.28 -10.97
CA THR B 38 3.98 -28.07 -11.77
C THR B 38 2.66 -28.26 -10.99
N GLU B 39 2.49 -29.40 -10.33
CA GLU B 39 1.27 -29.61 -9.57
C GLU B 39 1.10 -28.65 -8.38
N ALA B 40 2.22 -28.24 -7.80
CA ALA B 40 2.19 -27.30 -6.69
C ALA B 40 1.70 -25.94 -7.18
N ARG B 41 2.09 -25.60 -8.39
CA ARG B 41 1.69 -24.33 -8.97
C ARG B 41 0.22 -24.34 -9.36
N ARG B 42 -0.27 -25.48 -9.83
CA ARG B 42 -1.69 -25.64 -10.09
C ARG B 42 -2.46 -25.58 -8.78
N ALA B 43 -1.94 -26.26 -7.75
CA ALA B 43 -2.60 -26.31 -6.45
C ALA B 43 -2.78 -24.92 -5.89
N ARG B 44 -1.74 -24.11 -6.05
CA ARG B 44 -1.81 -22.75 -5.60
C ARG B 44 -2.93 -21.98 -6.32
N ARG B 45 -3.09 -22.26 -7.62
CA ARG B 45 -4.06 -21.58 -8.47
C ARG B 45 -5.49 -22.08 -8.21
N GLU B 46 -5.61 -23.33 -7.81
CA GLU B 46 -6.90 -23.89 -7.43
C GLU B 46 -7.13 -23.84 -5.91
N ASN B 47 -6.39 -22.98 -5.21
CA ASN B 47 -6.49 -22.87 -3.74
C ASN B 47 -6.50 -24.19 -2.98
N ASN B 48 -5.69 -25.14 -3.44
CA ASN B 48 -5.61 -26.45 -2.82
C ASN B 48 -4.49 -26.48 -1.80
N ILE B 49 -4.86 -26.52 -0.52
CA ILE B 49 -3.88 -26.55 0.56
C ILE B 49 -3.92 -27.85 1.32
N VAL B 50 -4.57 -28.86 0.75
CA VAL B 50 -4.72 -30.16 1.43
C VAL B 50 -4.05 -31.30 0.66
N GLY B 51 -3.46 -30.99 -0.49
CA GLY B 51 -2.84 -32.00 -1.34
C GLY B 51 -1.39 -32.30 -1.01
N GLY B 52 -0.86 -31.65 0.02
CA GLY B 52 0.52 -31.90 0.45
C GLY B 52 1.56 -31.24 -0.41
N HIS B 53 1.16 -30.28 -1.24
CA HIS B 53 2.09 -29.56 -2.10
C HIS B 53 2.85 -28.47 -1.35
N PRO B 54 4.18 -28.47 -1.45
CA PRO B 54 4.93 -27.47 -0.67
C PRO B 54 4.74 -26.06 -1.20
N VAL B 55 4.86 -25.06 -0.33
CA VAL B 55 4.65 -23.69 -0.72
C VAL B 55 5.81 -23.13 -1.52
N SER B 56 6.95 -23.83 -1.49
CA SER B 56 8.14 -23.37 -2.19
C SER B 56 9.07 -24.53 -2.47
N ARG B 57 10.21 -24.25 -3.08
CA ARG B 57 11.27 -25.24 -3.29
C ARG B 57 12.05 -25.53 -2.02
N GLY B 58 11.78 -24.77 -0.96
CA GLY B 58 12.54 -24.88 0.27
C GLY B 58 12.33 -26.21 0.96
N SER B 59 11.11 -26.74 0.84
CA SER B 59 10.79 -27.98 1.51
C SER B 59 11.66 -29.12 1.00
N ALA B 60 11.81 -29.18 -0.31
CA ALA B 60 12.66 -30.17 -0.95
C ALA B 60 14.11 -30.04 -0.48
N LYS B 61 14.57 -28.79 -0.35
CA LYS B 61 15.94 -28.49 0.03
C LYS B 61 16.25 -29.02 1.43
N LEU B 62 15.38 -28.70 2.38
CA LEU B 62 15.51 -29.16 3.75
C LEU B 62 15.37 -30.68 3.82
N ARG B 63 14.40 -31.24 3.10
CA ARG B 63 14.20 -32.69 3.08
C ARG B 63 15.48 -33.37 2.69
N TRP B 64 16.26 -32.73 1.82
CA TRP B 64 17.55 -33.28 1.41
C TRP B 64 18.56 -33.28 2.56
N LEU B 65 18.62 -32.18 3.29
CA LEU B 65 19.52 -32.06 4.41
C LEU B 65 19.19 -33.02 5.53
N VAL B 66 17.91 -33.21 5.85
CA VAL B 66 17.60 -34.15 6.93
C VAL B 66 17.80 -35.60 6.50
N GLU B 67 17.49 -35.91 5.25
CA GLU B 67 17.68 -37.26 4.74
C GLU B 67 19.17 -37.61 4.60
N LYS B 68 20.03 -36.61 4.52
CA LYS B 68 21.47 -36.87 4.55
C LYS B 68 22.05 -36.83 5.97
N GLY B 69 21.22 -36.58 6.98
CA GLY B 69 21.69 -36.54 8.35
C GLY B 69 22.36 -35.24 8.77
N PHE B 70 22.54 -34.33 7.82
CA PHE B 70 23.14 -33.01 8.07
C PHE B 70 22.41 -32.15 9.11
N VAL B 71 21.13 -32.44 9.36
CA VAL B 71 20.38 -31.82 10.44
C VAL B 71 19.22 -32.73 10.83
N SER B 72 18.86 -32.76 12.10
CA SER B 72 17.78 -33.65 12.55
C SER B 72 16.84 -32.92 13.50
N PRO B 73 15.88 -32.18 12.92
CA PRO B 73 15.03 -31.24 13.65
C PRO B 73 14.35 -31.87 14.85
N ILE B 74 14.17 -31.10 15.92
CA ILE B 74 13.65 -31.67 17.16
C ILE B 74 13.06 -30.61 18.10
N GLY B 75 12.01 -30.99 18.83
CA GLY B 75 11.37 -30.11 19.80
C GLY B 75 10.84 -28.80 19.24
N LYS B 76 11.39 -27.69 19.72
CA LYS B 76 10.90 -26.39 19.31
C LYS B 76 11.79 -25.79 18.22
N VAL B 77 11.26 -25.71 17.01
CA VAL B 77 11.99 -25.18 15.86
C VAL B 77 11.70 -23.70 15.69
N ILE B 78 12.75 -22.90 15.54
CA ILE B 78 12.59 -21.49 15.17
C ILE B 78 13.20 -21.21 13.79
N ASP B 79 12.39 -20.59 12.93
CA ASP B 79 12.71 -20.41 11.51
C ASP B 79 12.80 -18.90 11.23
N LEU B 80 14.02 -18.39 11.08
CA LEU B 80 14.25 -16.97 10.85
C LEU B 80 14.19 -16.69 9.37
N GLY B 81 13.35 -15.73 8.95
CA GLY B 81 13.13 -15.45 7.55
C GLY B 81 12.45 -16.62 6.87
N CYS B 82 11.28 -17.02 7.40
CA CYS B 82 10.58 -18.20 6.88
C CYS B 82 9.93 -18.00 5.50
N GLY B 83 9.71 -16.75 5.09
CA GLY B 83 9.06 -16.49 3.83
C GLY B 83 7.66 -17.08 3.78
N ARG B 84 7.38 -17.85 2.73
CA ARG B 84 6.09 -18.52 2.62
C ARG B 84 5.92 -19.60 3.68
N GLY B 85 7.03 -20.14 4.18
CA GLY B 85 6.99 -21.16 5.21
C GLY B 85 7.43 -22.56 4.79
N GLY B 86 8.08 -22.66 3.64
CA GLY B 86 8.52 -23.94 3.14
C GLY B 86 9.25 -24.83 4.15
N TRP B 87 10.27 -24.29 4.81
CA TRP B 87 11.00 -25.06 5.81
C TRP B 87 10.12 -25.38 7.04
N SER B 88 9.31 -24.43 7.45
CA SER B 88 8.51 -24.61 8.64
C SER B 88 7.48 -25.71 8.46
N TYR B 89 6.81 -25.73 7.31
CA TYR B 89 5.80 -26.74 7.06
C TYR B 89 6.41 -28.13 6.96
N TYR B 90 7.56 -28.26 6.32
CA TYR B 90 8.22 -29.55 6.26
C TYR B 90 8.62 -30.05 7.66
N ALA B 91 9.20 -29.17 8.46
CA ALA B 91 9.65 -29.56 9.79
C ALA B 91 8.51 -30.10 10.64
N ALA B 92 7.34 -29.48 10.54
CA ALA B 92 6.19 -29.92 11.32
C ALA B 92 5.69 -31.31 10.93
N THR B 93 6.24 -31.88 9.87
CA THR B 93 5.88 -33.25 9.50
C THR B 93 6.79 -34.27 10.17
N LEU B 94 7.87 -33.80 10.79
CA LEU B 94 8.89 -34.68 11.36
C LEU B 94 8.52 -35.10 12.79
N LYS B 95 8.80 -36.37 13.11
CA LYS B 95 8.26 -36.98 14.32
C LYS B 95 8.75 -36.34 15.61
N LYS B 96 10.02 -35.99 15.64
CA LYS B 96 10.61 -35.44 16.84
C LYS B 96 10.35 -33.94 17.04
N VAL B 97 9.70 -33.32 16.06
CA VAL B 97 9.41 -31.89 16.14
C VAL B 97 8.13 -31.69 16.92
N GLN B 98 8.10 -30.71 17.82
CA GLN B 98 6.87 -30.47 18.58
C GLN B 98 6.23 -29.10 18.37
N GLU B 99 6.99 -28.17 17.81
CA GLU B 99 6.53 -26.81 17.70
C GLU B 99 7.40 -26.04 16.72
N VAL B 100 6.78 -25.24 15.86
CA VAL B 100 7.54 -24.42 14.93
C VAL B 100 7.04 -22.99 14.97
N ARG B 101 7.95 -22.03 15.18
CA ARG B 101 7.63 -20.60 15.04
C ARG B 101 8.51 -19.98 13.98
N GLY B 102 7.91 -19.52 12.89
CA GLY B 102 8.64 -18.81 11.85
C GLY B 102 8.40 -17.31 11.89
N TYR B 103 9.41 -16.53 11.56
CA TYR B 103 9.32 -15.08 11.52
C TYR B 103 9.84 -14.58 10.19
N THR B 104 9.18 -13.57 9.62
CA THR B 104 9.59 -13.09 8.32
C THR B 104 9.18 -11.63 8.12
N LYS B 105 9.87 -10.95 7.21
CA LYS B 105 9.69 -9.53 7.00
C LYS B 105 8.30 -9.25 6.42
N GLY B 106 7.97 -9.97 5.34
CA GLY B 106 6.72 -9.76 4.67
C GLY B 106 6.71 -8.38 4.04
N GLY B 107 5.52 -7.91 3.65
CA GLY B 107 5.37 -6.58 3.09
C GLY B 107 5.65 -6.55 1.60
N ALA B 108 5.41 -5.41 0.97
CA ALA B 108 5.62 -5.27 -0.46
C ALA B 108 7.04 -5.64 -0.84
N GLY B 109 7.17 -6.51 -1.85
CA GLY B 109 8.47 -6.95 -2.29
C GLY B 109 8.98 -8.20 -1.58
N HIS B 110 8.29 -8.63 -0.53
CA HIS B 110 8.72 -9.84 0.18
C HIS B 110 7.62 -10.89 0.28
N GLU B 111 7.99 -12.17 0.24
CA GLU B 111 6.97 -13.20 0.28
C GLU B 111 6.36 -13.25 1.68
N GLU B 112 5.03 -13.35 1.71
CA GLU B 112 4.25 -13.44 2.94
C GLU B 112 4.07 -14.88 3.29
N PRO B 113 3.86 -15.18 4.57
CA PRO B 113 3.60 -16.57 4.97
C PRO B 113 2.31 -17.09 4.32
N MET B 114 2.30 -18.36 3.94
CA MET B 114 1.12 -18.97 3.34
C MET B 114 0.48 -19.97 4.30
N LEU B 115 -0.84 -19.91 4.45
CA LEU B 115 -1.51 -20.78 5.38
C LEU B 115 -1.80 -22.16 4.78
N MET B 116 -1.11 -23.19 5.24
CA MET B 116 -1.32 -24.53 4.69
C MET B 116 -1.90 -25.51 5.68
N GLN B 117 -2.36 -26.64 5.14
CA GLN B 117 -2.92 -27.72 5.93
C GLN B 117 -2.08 -28.96 5.69
N SER B 118 -0.78 -28.77 5.51
CA SER B 118 0.11 -29.91 5.44
C SER B 118 0.09 -30.65 6.79
N TYR B 119 0.48 -31.92 6.76
CA TYR B 119 0.50 -32.71 7.98
C TYR B 119 1.26 -32.00 9.10
N GLY B 120 0.58 -31.78 10.23
CA GLY B 120 1.23 -31.19 11.39
C GLY B 120 1.13 -29.69 11.42
N TRP B 121 0.22 -29.15 10.62
CA TRP B 121 0.07 -27.71 10.49
C TRP B 121 -0.31 -27.05 11.81
N ASN B 122 -0.92 -27.81 12.72
CA ASN B 122 -1.34 -27.23 14.00
C ASN B 122 -0.17 -26.89 14.92
N LEU B 123 1.00 -27.45 14.64
CA LEU B 123 2.21 -27.13 15.40
C LEU B 123 2.86 -25.86 14.85
N VAL B 124 2.48 -25.46 13.64
CA VAL B 124 3.14 -24.34 12.98
C VAL B 124 2.52 -23.04 13.39
N SER B 125 3.34 -22.02 13.53
CA SER B 125 2.83 -20.73 13.90
C SER B 125 3.76 -19.71 13.25
N LEU B 126 3.23 -18.98 12.27
CA LEU B 126 4.01 -18.01 11.51
C LEU B 126 3.60 -16.60 11.87
N LYS B 127 4.55 -15.68 11.78
CA LYS B 127 4.29 -14.28 12.00
C LYS B 127 5.08 -13.47 10.97
N SER B 128 4.43 -12.44 10.42
CA SER B 128 5.04 -11.59 9.41
C SER B 128 5.22 -10.20 10.01
N GLY B 129 5.77 -9.27 9.23
CA GLY B 129 5.98 -7.93 9.73
C GLY B 129 7.19 -7.79 10.63
N VAL B 130 8.00 -8.84 10.73
CA VAL B 130 9.14 -8.88 11.65
C VAL B 130 10.49 -8.72 10.96
N ASP B 131 11.29 -7.75 11.39
CA ASP B 131 12.71 -7.67 10.97
C ASP B 131 13.54 -8.40 12.04
N VAL B 132 14.08 -9.57 11.69
CA VAL B 132 14.70 -10.43 12.69
C VAL B 132 16.02 -9.89 13.21
N PHE B 133 16.64 -8.95 12.48
CA PHE B 133 17.86 -8.33 12.99
C PHE B 133 17.63 -7.58 14.30
N TYR B 134 16.39 -7.22 14.58
CA TYR B 134 16.12 -6.48 15.79
C TYR B 134 15.17 -7.24 16.74
N LYS B 135 15.01 -8.53 16.49
CA LYS B 135 14.25 -9.37 17.39
C LYS B 135 15.14 -10.03 18.44
N PRO B 136 14.80 -9.87 19.72
CA PRO B 136 15.46 -10.56 20.83
C PRO B 136 15.50 -12.08 20.66
N SER B 137 16.70 -12.65 20.64
CA SER B 137 16.86 -14.09 20.55
C SER B 137 16.25 -14.81 21.75
N GLU B 138 15.81 -16.05 21.52
CA GLU B 138 15.10 -16.84 22.51
C GLU B 138 15.65 -18.24 22.48
N PRO B 139 15.44 -19.00 23.56
CA PRO B 139 15.85 -20.40 23.53
C PRO B 139 15.12 -21.17 22.43
N SER B 140 15.77 -22.21 21.90
CA SER B 140 15.16 -23.11 20.92
C SER B 140 15.97 -24.40 20.86
N ASP B 141 15.34 -25.47 20.38
CA ASP B 141 16.04 -26.75 20.20
C ASP B 141 16.59 -26.89 18.78
N THR B 142 15.86 -26.36 17.79
CA THR B 142 16.34 -26.36 16.41
C THR B 142 16.28 -24.94 15.85
N LEU B 143 17.29 -24.54 15.08
CA LEU B 143 17.33 -23.20 14.53
C LEU B 143 17.60 -23.16 13.01
N PHE B 144 16.63 -22.63 12.26
CA PHE B 144 16.76 -22.41 10.81
C PHE B 144 16.92 -20.93 10.55
N CYS B 145 17.67 -20.61 9.52
CA CYS B 145 17.71 -19.24 9.03
C CYS B 145 18.04 -19.26 7.54
N ASP B 146 17.24 -18.55 6.75
CA ASP B 146 17.37 -18.62 5.29
C ASP B 146 17.51 -17.23 4.67
N ILE B 147 17.88 -16.25 5.49
CA ILE B 147 18.07 -14.88 5.03
C ILE B 147 19.37 -14.73 4.22
N GLY B 148 19.38 -13.82 3.26
CA GLY B 148 20.54 -13.57 2.45
C GLY B 148 20.20 -13.03 1.08
N GLU B 149 20.13 -11.71 0.96
CA GLU B 149 19.69 -11.12 -0.31
C GLU B 149 20.84 -10.88 -1.28
N SER B 150 20.71 -11.46 -2.48
CA SER B 150 21.75 -11.36 -3.48
C SER B 150 21.97 -9.92 -3.98
N SER B 151 23.20 -9.67 -4.41
CA SER B 151 23.61 -8.41 -5.02
C SER B 151 24.62 -8.72 -6.10
N PRO B 152 24.70 -7.87 -7.13
CA PRO B 152 25.77 -8.07 -8.13
C PRO B 152 27.15 -7.87 -7.49
N SER B 153 27.22 -7.11 -6.40
CA SER B 153 28.47 -6.86 -5.69
C SER B 153 28.74 -7.85 -4.56
N PRO B 154 29.88 -8.57 -4.65
CA PRO B 154 30.32 -9.51 -3.62
C PRO B 154 30.70 -8.79 -2.34
N GLU B 155 31.10 -7.53 -2.43
CA GLU B 155 31.39 -6.76 -1.22
C GLU B 155 30.10 -6.62 -0.41
N VAL B 156 29.01 -6.33 -1.12
CA VAL B 156 27.69 -6.18 -0.52
C VAL B 156 27.20 -7.50 0.06
N GLU B 157 27.24 -8.57 -0.75
CA GLU B 157 26.84 -9.90 -0.29
C GLU B 157 27.62 -10.31 0.96
N GLU B 158 28.89 -9.92 0.99
CA GLU B 158 29.77 -10.24 2.11
C GLU B 158 29.27 -9.55 3.37
N GLN B 159 28.95 -8.26 3.24
CA GLN B 159 28.43 -7.49 4.37
C GLN B 159 27.09 -8.07 4.86
N ARG B 160 26.25 -8.49 3.91
CA ARG B 160 24.98 -9.10 4.27
C ARG B 160 25.16 -10.45 4.97
N THR B 161 26.08 -11.26 4.47
CA THR B 161 26.29 -12.59 5.05
C THR B 161 26.84 -12.47 6.46
N LEU B 162 27.76 -11.52 6.65
CA LEU B 162 28.32 -11.27 7.96
C LEU B 162 27.23 -10.90 8.95
N ARG B 163 26.35 -10.01 8.51
CA ARG B 163 25.27 -9.56 9.36
C ARG B 163 24.40 -10.72 9.83
N VAL B 164 24.01 -11.58 8.89
CA VAL B 164 23.26 -12.78 9.23
C VAL B 164 24.02 -13.67 10.21
N LEU B 165 25.31 -13.88 9.93
CA LEU B 165 26.14 -14.75 10.76
C LEU B 165 26.27 -14.22 12.17
N GLU B 166 26.48 -12.91 12.30
CA GLU B 166 26.49 -12.28 13.61
C GLU B 166 25.16 -12.49 14.34
N MET B 167 24.06 -12.29 13.63
CA MET B 167 22.72 -12.37 14.23
C MET B 167 22.37 -13.78 14.68
N THR B 168 22.69 -14.78 13.87
CA THR B 168 22.38 -16.16 14.25
C THR B 168 23.24 -16.60 15.43
N SER B 169 24.35 -15.91 15.62
CA SER B 169 25.24 -16.21 16.72
C SER B 169 24.53 -16.09 18.07
N ASP B 170 23.70 -15.05 18.20
CA ASP B 170 22.95 -14.80 19.43
C ASP B 170 21.97 -15.93 19.68
N TRP B 171 21.40 -16.46 18.61
CA TRP B 171 20.39 -17.48 18.76
C TRP B 171 21.05 -18.81 19.11
N LEU B 172 22.16 -19.11 18.44
CA LEU B 172 22.93 -20.31 18.75
C LEU B 172 23.34 -20.39 20.22
N HIS B 173 23.66 -19.27 20.83
CA HIS B 173 24.02 -19.36 22.26
C HIS B 173 22.83 -19.54 23.22
N ARG B 174 21.79 -20.25 22.80
CA ARG B 174 20.64 -20.49 23.68
C ARG B 174 20.12 -21.91 23.52
N GLY B 175 21.00 -22.84 23.18
CA GLY B 175 20.63 -24.24 23.21
C GLY B 175 20.30 -25.03 21.95
N PRO B 176 20.20 -24.38 20.76
CA PRO B 176 19.92 -25.30 19.65
C PRO B 176 21.16 -26.12 19.30
N ARG B 177 21.05 -27.43 19.43
CA ARG B 177 22.15 -28.30 19.05
C ARG B 177 21.93 -28.74 17.61
N GLU B 178 20.75 -28.42 17.10
CA GLU B 178 20.42 -28.62 15.69
C GLU B 178 20.22 -27.27 15.01
N PHE B 179 20.94 -27.05 13.93
CA PHE B 179 20.80 -25.80 13.20
C PHE B 179 21.06 -25.96 11.70
N CYS B 180 20.63 -24.96 10.96
CA CYS B 180 20.77 -24.94 9.51
C CYS B 180 20.60 -23.51 9.05
N ILE B 181 21.70 -22.92 8.59
CA ILE B 181 21.77 -21.48 8.43
C ILE B 181 22.33 -21.16 7.09
N LYS B 182 21.62 -20.37 6.30
CA LYS B 182 22.11 -20.01 4.98
C LYS B 182 23.32 -19.10 5.06
N VAL B 183 24.32 -19.38 4.22
CA VAL B 183 25.49 -18.53 4.10
C VAL B 183 25.56 -18.08 2.66
N LEU B 184 25.18 -16.83 2.42
CA LEU B 184 24.86 -16.38 1.08
C LEU B 184 26.09 -16.31 0.18
N CYS B 185 27.18 -15.80 0.75
CA CYS B 185 28.40 -15.55 0.01
C CYS B 185 29.59 -16.10 0.79
N PRO B 186 29.80 -17.42 0.73
CA PRO B 186 30.85 -18.02 1.58
C PRO B 186 32.25 -17.95 0.97
N TYR B 187 32.43 -17.37 -0.22
CA TYR B 187 33.75 -17.33 -0.86
C TYR B 187 34.53 -16.04 -0.59
N MET B 188 33.99 -15.16 0.24
CA MET B 188 34.69 -13.92 0.52
C MET B 188 35.46 -14.04 1.84
N PRO B 189 36.66 -13.44 1.86
CA PRO B 189 37.63 -13.49 2.96
C PRO B 189 37.02 -13.34 4.35
N LYS B 190 36.27 -12.26 4.57
CA LYS B 190 35.71 -11.99 5.89
C LYS B 190 34.72 -13.06 6.32
N VAL B 191 34.04 -13.66 5.34
CA VAL B 191 33.07 -14.71 5.66
C VAL B 191 33.79 -16.00 6.05
N ILE B 192 34.76 -16.39 5.22
CA ILE B 192 35.66 -17.51 5.52
C ILE B 192 36.17 -17.45 6.96
N GLU B 193 36.88 -16.36 7.26
CA GLU B 193 37.29 -16.01 8.62
C GLU B 193 36.19 -16.33 9.64
N LYS B 194 35.13 -15.53 9.56
CA LYS B 194 34.00 -15.61 10.48
C LYS B 194 33.46 -17.03 10.65
N MET B 195 33.39 -17.78 9.56
CA MET B 195 32.87 -19.16 9.64
C MET B 195 33.74 -20.07 10.50
N GLU B 196 35.05 -19.93 10.39
CA GLU B 196 35.98 -20.77 11.15
C GLU B 196 35.84 -20.55 12.65
N VAL B 197 35.82 -19.28 13.02
CA VAL B 197 35.54 -18.89 14.40
C VAL B 197 34.24 -19.52 14.89
N LEU B 198 33.17 -19.34 14.12
CA LEU B 198 31.85 -19.84 14.46
C LEU B 198 31.81 -21.35 14.52
N GLN B 199 32.52 -21.97 13.58
CA GLN B 199 32.56 -23.41 13.50
C GLN B 199 33.27 -24.01 14.71
N ARG B 200 34.41 -23.42 15.10
CA ARG B 200 35.07 -23.85 16.34
C ARG B 200 34.10 -23.74 17.52
N ARG B 201 33.41 -22.61 17.58
CA ARG B 201 32.51 -22.27 18.69
C ARG B 201 31.23 -23.10 18.71
N PHE B 202 30.68 -23.42 17.54
CA PHE B 202 29.38 -24.10 17.52
C PHE B 202 29.34 -25.45 16.80
N GLY B 203 30.37 -25.74 16.01
CA GLY B 203 30.41 -27.00 15.31
C GLY B 203 29.75 -26.93 13.95
N GLY B 204 29.27 -28.08 13.48
CA GLY B 204 28.74 -28.18 12.14
C GLY B 204 29.74 -27.91 11.03
N GLY B 205 29.23 -27.76 9.81
CA GLY B 205 30.06 -27.54 8.64
C GLY B 205 29.26 -26.91 7.51
N LEU B 206 29.94 -26.62 6.41
CA LEU B 206 29.34 -25.93 5.27
C LEU B 206 29.00 -26.91 4.15
N VAL B 207 27.76 -26.90 3.68
CA VAL B 207 27.29 -27.87 2.69
C VAL B 207 26.61 -27.19 1.49
N ARG B 208 26.94 -27.64 0.30
CA ARG B 208 26.30 -27.15 -0.91
C ARG B 208 25.14 -28.06 -1.26
N LEU B 209 23.95 -27.48 -1.41
CA LEU B 209 22.79 -28.26 -1.82
C LEU B 209 22.91 -28.47 -3.32
N PRO B 210 22.68 -29.71 -3.77
CA PRO B 210 22.60 -29.95 -5.22
C PRO B 210 21.28 -29.46 -5.82
N LEU B 211 20.33 -29.08 -4.95
CA LEU B 211 19.06 -28.48 -5.38
C LEU B 211 19.25 -27.01 -5.71
N SER B 212 20.44 -26.47 -5.43
CA SER B 212 20.69 -25.03 -5.56
C SER B 212 20.92 -24.62 -7.00
N ARG B 213 20.63 -23.37 -7.33
CA ARG B 213 20.81 -22.89 -8.69
C ARG B 213 22.25 -22.40 -8.85
N ASN B 214 22.75 -22.43 -10.08
CA ASN B 214 24.15 -22.04 -10.31
C ASN B 214 24.31 -20.53 -10.27
N SER B 215 23.19 -19.81 -10.20
CA SER B 215 23.21 -18.35 -10.19
C SER B 215 23.58 -17.82 -8.79
N ASN B 216 23.70 -18.71 -7.82
CA ASN B 216 24.15 -18.31 -6.50
C ASN B 216 25.14 -19.32 -5.89
N HIS B 217 25.93 -18.83 -4.94
CA HIS B 217 26.99 -19.64 -4.35
C HIS B 217 26.62 -20.11 -2.93
N GLU B 218 25.33 -20.06 -2.61
CA GLU B 218 24.91 -20.27 -1.23
C GLU B 218 25.27 -21.66 -0.72
N MET B 219 25.75 -21.72 0.51
CA MET B 219 25.95 -22.99 1.19
C MET B 219 25.26 -22.94 2.53
N TYR B 220 24.86 -24.10 3.06
CA TYR B 220 24.24 -24.10 4.38
C TYR B 220 25.21 -24.57 5.48
N TRP B 221 25.33 -23.73 6.50
CA TRP B 221 26.05 -24.08 7.71
C TRP B 221 25.16 -24.98 8.56
N VAL B 222 25.28 -26.29 8.38
CA VAL B 222 24.44 -27.24 9.09
C VAL B 222 25.14 -27.95 10.25
N SER B 223 24.36 -28.33 11.25
CA SER B 223 24.90 -28.78 12.52
C SER B 223 25.56 -30.17 12.42
N GLY B 224 24.96 -31.06 11.64
CA GLY B 224 25.47 -32.42 11.49
C GLY B 224 26.55 -32.61 10.42
N ALA B 225 27.06 -31.54 9.85
CA ALA B 225 28.11 -31.69 8.86
C ALA B 225 29.44 -31.32 9.49
N ALA B 226 30.52 -31.43 8.73
CA ALA B 226 31.85 -31.22 9.28
C ALA B 226 32.86 -30.93 8.18
N GLY B 227 34.07 -30.58 8.58
CA GLY B 227 35.13 -30.42 7.63
C GLY B 227 35.67 -29.02 7.56
N ASN B 228 36.83 -28.92 6.93
CA ASN B 228 37.48 -27.65 6.69
C ASN B 228 36.61 -26.79 5.77
N VAL B 229 36.41 -25.55 6.19
CA VAL B 229 35.55 -24.60 5.47
C VAL B 229 36.09 -24.23 4.10
N VAL B 230 37.34 -23.76 4.06
CA VAL B 230 37.91 -23.29 2.80
C VAL B 230 37.85 -24.38 1.74
N HIS B 231 38.05 -25.63 2.16
CA HIS B 231 38.01 -26.72 1.21
C HIS B 231 36.62 -26.90 0.61
N ALA B 232 35.59 -27.01 1.45
CA ALA B 232 34.23 -27.17 0.97
C ALA B 232 33.83 -26.03 0.02
N VAL B 233 34.17 -24.81 0.38
CA VAL B 233 33.86 -23.66 -0.46
C VAL B 233 34.46 -23.75 -1.86
N ASN B 234 35.76 -24.00 -1.92
CA ASN B 234 36.47 -24.03 -3.20
C ASN B 234 36.00 -25.15 -4.11
N MET B 235 35.69 -26.31 -3.53
CA MET B 235 35.08 -27.40 -4.25
C MET B 235 33.82 -26.93 -4.97
N THR B 236 32.96 -26.25 -4.23
CA THR B 236 31.73 -25.72 -4.79
C THR B 236 32.03 -24.69 -5.88
N SER B 237 32.93 -23.74 -5.59
CA SER B 237 33.31 -22.75 -6.59
C SER B 237 33.79 -23.42 -7.86
N GLN B 238 34.48 -24.55 -7.70
CA GLN B 238 35.04 -25.25 -8.84
C GLN B 238 33.91 -25.84 -9.68
N VAL B 239 33.01 -26.56 -9.02
CA VAL B 239 31.84 -27.13 -9.68
C VAL B 239 31.06 -26.08 -10.47
N LEU B 240 30.75 -24.98 -9.81
CA LEU B 240 30.04 -23.88 -10.45
C LEU B 240 30.79 -23.38 -11.67
N LEU B 241 32.10 -23.22 -11.55
CA LEU B 241 32.93 -22.76 -12.67
C LEU B 241 32.96 -23.78 -13.82
N GLY B 242 32.98 -25.07 -13.47
CA GLY B 242 32.95 -26.12 -14.47
C GLY B 242 31.74 -26.03 -15.38
N ARG B 243 30.58 -25.75 -14.78
CA ARG B 243 29.34 -25.67 -15.53
C ARG B 243 29.21 -24.38 -16.35
N MET B 244 30.18 -23.49 -16.23
CA MET B 244 30.04 -22.14 -16.78
C MET B 244 30.22 -22.01 -18.27
N ASP B 245 30.90 -22.98 -18.86
CA ASP B 245 30.96 -23.02 -20.31
C ASP B 245 30.60 -24.43 -20.77
N ARG B 246 29.74 -24.49 -21.78
CA ARG B 246 29.23 -25.74 -22.28
C ARG B 246 29.16 -25.68 -23.79
N THR B 247 29.32 -26.85 -24.42
CA THR B 247 29.04 -27.02 -25.84
C THR B 247 27.52 -26.95 -26.06
N VAL B 248 26.80 -27.86 -25.41
CA VAL B 248 25.34 -27.80 -25.34
C VAL B 248 24.87 -27.82 -23.89
N TRP B 249 23.87 -26.98 -23.59
CA TRP B 249 23.24 -26.97 -22.27
C TRP B 249 22.29 -28.15 -22.15
N ARG B 250 22.68 -29.15 -21.36
CA ARG B 250 21.87 -30.36 -21.16
C ARG B 250 20.66 -30.16 -20.23
N GLY B 251 20.73 -29.17 -19.34
CA GLY B 251 19.62 -28.88 -18.46
C GLY B 251 19.78 -29.46 -17.07
N PRO B 252 18.68 -29.48 -16.30
CA PRO B 252 18.66 -30.03 -14.94
C PRO B 252 18.25 -31.50 -14.91
N LYS B 253 18.28 -32.10 -13.73
CA LYS B 253 17.79 -33.45 -13.52
C LYS B 253 16.56 -33.40 -12.64
N TYR B 254 15.39 -33.62 -13.24
CA TYR B 254 14.12 -33.51 -12.54
C TYR B 254 13.86 -34.60 -11.50
N GLU B 255 13.30 -34.21 -10.36
CA GLU B 255 12.94 -35.12 -9.30
C GLU B 255 11.56 -34.81 -8.78
N GLU B 256 11.00 -35.75 -8.04
CA GLU B 256 9.66 -35.57 -7.48
C GLU B 256 9.78 -34.59 -6.32
N ASP B 257 8.81 -33.69 -6.19
CA ASP B 257 8.77 -32.76 -5.08
C ASP B 257 8.35 -33.55 -3.84
N VAL B 258 8.52 -32.95 -2.67
CA VAL B 258 8.12 -33.64 -1.45
C VAL B 258 6.62 -33.53 -1.24
N ASN B 259 5.99 -34.60 -0.75
CA ASN B 259 4.58 -34.56 -0.40
C ASN B 259 4.44 -34.42 1.11
N LEU B 260 3.83 -33.32 1.55
CA LEU B 260 3.76 -33.03 2.98
C LEU B 260 2.44 -33.48 3.59
N GLY B 261 1.63 -34.18 2.82
CA GLY B 261 0.40 -34.75 3.33
C GLY B 261 -0.60 -33.72 3.86
N SER B 262 -1.46 -34.14 4.77
CA SER B 262 -2.50 -33.25 5.30
C SER B 262 -2.88 -33.64 6.72
N GLY B 263 -3.71 -32.85 7.40
CA GLY B 263 -4.24 -33.19 8.71
C GLY B 263 -3.43 -32.81 9.95
N THR B 264 -4.10 -32.77 11.11
CA THR B 264 -3.45 -32.36 12.36
C THR B 264 -2.58 -33.46 12.98
N ARG B 265 -1.64 -33.04 13.82
CA ARG B 265 -0.79 -33.98 14.56
C ARG B 265 -1.19 -33.98 16.03
N ALA B 266 -1.10 -35.16 16.63
CA ALA B 266 -1.37 -35.29 18.06
C ALA B 266 -0.29 -34.58 18.83
N VAL B 267 -0.71 -33.88 19.88
CA VAL B 267 0.17 -33.14 20.75
C VAL B 267 0.36 -33.93 22.03
N GLY B 268 1.24 -33.47 22.91
CA GLY B 268 1.47 -34.14 24.18
C GLY B 268 0.16 -34.28 24.94
N LYS B 269 0.10 -35.26 25.85
CA LYS B 269 -1.14 -35.54 26.58
C LYS B 269 -1.64 -34.35 27.41
N GLY B 270 -1.20 -34.25 28.66
CA GLY B 270 -1.61 -33.15 29.52
C GLY B 270 -2.87 -33.46 30.31
N SER B 274 -12.19 -37.02 33.54
CA SER B 274 -12.43 -36.86 34.96
C SER B 274 -13.86 -36.37 35.26
N ASN B 275 -14.52 -37.02 36.22
CA ASN B 275 -15.93 -36.78 36.54
C ASN B 275 -16.83 -36.96 35.30
N GLN B 276 -16.52 -37.98 34.52
CA GLN B 276 -17.21 -38.24 33.27
C GLN B 276 -18.59 -38.85 33.49
N GLU B 277 -18.98 -39.02 34.74
CA GLU B 277 -20.29 -39.53 35.07
C GLU B 277 -21.37 -38.56 34.59
N LYS B 278 -21.12 -37.27 34.80
CA LYS B 278 -22.14 -36.26 34.59
C LYS B 278 -22.34 -35.84 33.13
N ILE B 279 -21.56 -36.43 32.22
CA ILE B 279 -21.65 -36.08 30.81
C ILE B 279 -21.81 -37.30 29.93
N LYS B 280 -21.69 -38.49 30.53
CA LYS B 280 -21.73 -39.76 29.80
C LYS B 280 -23.04 -39.86 29.01
N LYS B 281 -24.09 -39.29 29.59
CA LYS B 281 -25.39 -39.22 28.94
C LYS B 281 -25.26 -38.59 27.56
N ARG B 282 -24.96 -37.28 27.56
CA ARG B 282 -24.85 -36.51 26.32
C ARG B 282 -23.91 -37.16 25.31
N ILE B 283 -22.76 -37.63 25.78
CA ILE B 283 -21.81 -38.26 24.87
C ILE B 283 -22.42 -39.47 24.19
N GLN B 284 -22.97 -40.38 25.00
CA GLN B 284 -23.63 -41.58 24.48
C GLN B 284 -24.74 -41.26 23.48
N LYS B 285 -25.56 -40.27 23.79
CA LYS B 285 -26.64 -39.85 22.89
C LYS B 285 -26.07 -39.31 21.58
N LEU B 286 -24.94 -38.62 21.66
CA LEU B 286 -24.26 -38.10 20.48
C LEU B 286 -23.64 -39.22 19.68
N LYS B 287 -22.98 -40.14 20.38
CA LYS B 287 -22.34 -41.27 19.73
C LYS B 287 -23.37 -42.14 19.03
N GLU B 288 -24.58 -42.17 19.58
CA GLU B 288 -25.67 -42.92 18.98
C GLU B 288 -26.18 -42.28 17.69
N GLU B 289 -26.59 -41.02 17.75
CA GLU B 289 -27.12 -40.33 16.56
C GLU B 289 -26.12 -40.24 15.40
N PHE B 290 -24.83 -40.17 15.72
CA PHE B 290 -23.81 -40.05 14.68
C PHE B 290 -22.92 -41.26 14.68
N ALA B 291 -23.49 -42.43 14.91
CA ALA B 291 -22.70 -43.65 15.02
C ALA B 291 -22.10 -44.02 13.66
N THR B 292 -22.77 -43.57 12.61
CA THR B 292 -22.40 -43.90 11.23
C THR B 292 -20.92 -43.69 10.95
N THR B 293 -20.45 -42.46 11.19
CA THR B 293 -19.07 -42.10 10.91
C THR B 293 -18.22 -41.91 12.17
N TRP B 294 -18.80 -42.19 13.34
CA TRP B 294 -18.10 -41.97 14.60
C TRP B 294 -16.79 -42.74 14.69
N HIS B 295 -15.72 -42.05 15.08
CA HIS B 295 -14.42 -42.67 15.27
C HIS B 295 -13.64 -41.87 16.29
N LYS B 296 -12.50 -42.39 16.69
CA LYS B 296 -11.61 -41.70 17.61
C LYS B 296 -10.26 -41.43 16.93
N ASP B 297 -10.08 -40.19 16.48
CA ASP B 297 -8.86 -39.75 15.82
C ASP B 297 -7.68 -39.75 16.79
N PRO B 298 -6.62 -40.53 16.48
CA PRO B 298 -5.40 -40.50 17.31
C PRO B 298 -4.58 -39.25 17.06
N GLU B 299 -4.92 -38.48 16.03
CA GLU B 299 -4.16 -37.30 15.66
C GLU B 299 -4.93 -36.01 15.87
N HIS B 300 -5.82 -35.98 16.87
CA HIS B 300 -6.55 -34.77 17.21
C HIS B 300 -5.59 -33.83 17.93
N PRO B 301 -5.85 -32.51 17.87
CA PRO B 301 -4.86 -31.52 18.33
C PRO B 301 -5.12 -31.00 19.74
N TYR B 302 -6.04 -31.58 20.49
CA TYR B 302 -6.38 -30.99 21.78
C TYR B 302 -5.35 -31.32 22.85
N ARG B 303 -5.07 -30.33 23.71
CA ARG B 303 -4.06 -30.45 24.76
C ARG B 303 -4.71 -30.38 26.12
N THR B 304 -5.59 -29.41 26.30
CA THR B 304 -6.18 -29.14 27.59
C THR B 304 -7.68 -29.40 27.58
N TRP B 305 -8.20 -29.88 26.45
CA TRP B 305 -9.61 -30.26 26.37
C TRP B 305 -9.63 -31.77 26.39
N THR B 306 -10.65 -32.38 26.98
CA THR B 306 -10.68 -33.84 26.92
C THR B 306 -11.46 -34.25 25.67
N TYR B 307 -10.94 -35.27 24.98
CA TYR B 307 -11.47 -35.65 23.66
C TYR B 307 -12.27 -36.95 23.67
N HIS B 308 -13.48 -36.88 23.15
CA HIS B 308 -14.38 -38.03 23.16
C HIS B 308 -14.48 -38.76 21.81
N GLY B 309 -14.62 -38.00 20.74
CA GLY B 309 -14.71 -38.62 19.44
C GLY B 309 -15.02 -37.60 18.36
N SER B 310 -15.03 -38.08 17.12
CA SER B 310 -15.28 -37.24 15.97
C SER B 310 -16.24 -37.93 15.02
N TYR B 311 -16.97 -37.16 14.25
CA TYR B 311 -17.76 -37.73 13.16
C TYR B 311 -17.68 -36.80 11.95
N GLU B 312 -18.01 -37.31 10.76
CA GLU B 312 -17.86 -36.52 9.54
C GLU B 312 -18.99 -35.50 9.32
N VAL B 313 -18.65 -34.32 8.80
CA VAL B 313 -19.62 -33.26 8.53
C VAL B 313 -19.22 -32.41 7.35
N LYS B 314 -20.21 -31.76 6.73
CA LYS B 314 -19.94 -30.77 5.71
C LYS B 314 -19.44 -29.52 6.42
N ALA B 315 -18.37 -28.92 5.90
CA ALA B 315 -17.83 -27.71 6.50
C ALA B 315 -18.82 -26.56 6.41
N THR B 316 -18.81 -25.70 7.41
CA THR B 316 -19.64 -24.51 7.40
C THR B 316 -18.71 -23.29 7.53
N GLY B 317 -19.25 -22.08 7.66
CA GLY B 317 -18.41 -20.90 7.80
C GLY B 317 -17.89 -20.33 6.48
N SER B 318 -17.24 -19.16 6.55
CA SER B 318 -16.87 -18.40 5.36
C SER B 318 -15.48 -17.75 5.48
N ALA B 319 -14.77 -17.63 4.34
CA ALA B 319 -13.51 -16.89 4.32
C ALA B 319 -13.58 -15.75 3.31
N SER B 320 -14.79 -15.27 3.04
CA SER B 320 -14.91 -14.20 2.06
C SER B 320 -14.78 -12.86 2.76
N SER B 321 -14.33 -11.85 2.02
CA SER B 321 -14.23 -10.50 2.54
C SER B 321 -14.40 -9.53 1.39
N LEU B 322 -15.61 -9.00 1.24
CA LEU B 322 -15.97 -8.14 0.11
C LEU B 322 -16.00 -6.68 0.53
N VAL B 323 -15.88 -5.75 -0.41
CA VAL B 323 -15.97 -4.36 0.01
C VAL B 323 -17.30 -3.72 -0.33
N ASN B 324 -17.63 -2.66 0.42
CA ASN B 324 -18.88 -1.96 0.25
C ASN B 324 -18.71 -0.83 -0.78
N GLY B 325 -19.33 -1.04 -1.93
CA GLY B 325 -19.19 -0.14 -3.05
C GLY B 325 -19.51 1.30 -2.73
N VAL B 326 -20.60 1.53 -2.00
CA VAL B 326 -20.98 2.91 -1.80
C VAL B 326 -20.05 3.61 -0.82
N VAL B 327 -19.69 2.93 0.26
CA VAL B 327 -18.75 3.57 1.19
C VAL B 327 -17.39 3.79 0.53
N LYS B 328 -16.94 2.84 -0.30
CA LYS B 328 -15.67 3.06 -1.02
C LYS B 328 -15.71 4.30 -1.93
N LEU B 329 -16.77 4.43 -2.71
CA LEU B 329 -16.93 5.62 -3.55
C LEU B 329 -16.92 6.92 -2.74
N MET B 330 -17.43 6.89 -1.50
CA MET B 330 -17.48 8.12 -0.70
C MET B 330 -16.20 8.41 0.06
N SER B 331 -15.24 7.47 0.03
CA SER B 331 -14.03 7.61 0.83
C SER B 331 -12.70 7.46 0.06
N LYS B 332 -12.60 8.09 -1.11
CA LYS B 332 -11.40 7.94 -1.96
C LYS B 332 -10.05 8.26 -1.29
N PRO B 333 -9.98 9.34 -0.49
CA PRO B 333 -8.68 9.61 0.13
C PRO B 333 -8.16 8.44 0.97
N TRP B 334 -9.07 7.57 1.38
CA TRP B 334 -8.71 6.47 2.28
C TRP B 334 -8.23 5.25 1.50
N ASP B 335 -8.34 5.33 0.18
CA ASP B 335 -7.80 4.27 -0.67
C ASP B 335 -6.29 4.14 -0.47
N ALA B 336 -5.68 5.23 -0.03
CA ALA B 336 -4.23 5.30 0.20
C ALA B 336 -3.75 4.84 1.57
N ILE B 337 -4.69 4.62 2.50
CA ILE B 337 -4.34 4.36 3.89
C ILE B 337 -4.39 2.87 4.21
N ALA B 338 -3.24 2.27 4.48
CA ALA B 338 -3.15 0.83 4.68
C ALA B 338 -4.05 0.31 5.83
N ASN B 339 -4.10 1.08 6.91
CA ASN B 339 -4.92 0.71 8.03
C ASN B 339 -6.37 0.48 7.67
N VAL B 340 -6.89 1.26 6.71
CA VAL B 340 -8.24 0.98 6.25
C VAL B 340 -8.32 -0.15 5.23
N THR B 341 -7.43 -0.16 4.25
CA THR B 341 -7.58 -1.09 3.13
C THR B 341 -7.24 -2.54 3.43
N THR B 342 -6.37 -2.76 4.41
CA THR B 342 -5.95 -4.13 4.70
C THR B 342 -6.83 -4.84 5.70
N MET B 343 -7.89 -4.18 6.15
CA MET B 343 -8.84 -4.86 7.03
C MET B 343 -9.59 -5.89 6.25
N ALA B 344 -10.09 -6.89 6.95
CA ALA B 344 -10.73 -8.02 6.32
C ALA B 344 -11.65 -8.72 7.32
N MET B 345 -12.77 -9.24 6.83
CA MET B 345 -13.61 -10.10 7.63
C MET B 345 -12.80 -11.34 8.01
N THR B 346 -12.95 -11.79 9.26
CA THR B 346 -12.24 -12.99 9.72
C THR B 346 -12.76 -14.27 9.04
N ASP B 347 -11.92 -15.30 9.04
CA ASP B 347 -12.23 -16.57 8.39
C ASP B 347 -12.90 -17.53 9.38
N THR B 348 -14.18 -17.80 9.19
CA THR B 348 -14.92 -18.71 10.08
C THR B 348 -15.06 -20.14 9.60
N THR B 349 -14.32 -20.52 8.55
CA THR B 349 -14.27 -21.93 8.15
C THR B 349 -13.62 -22.75 9.26
N PRO B 350 -13.79 -24.08 9.26
CA PRO B 350 -13.16 -24.86 10.32
C PRO B 350 -11.66 -24.57 10.45
N PHE B 351 -10.93 -24.54 9.34
CA PHE B 351 -9.53 -24.15 9.38
C PHE B 351 -9.33 -22.76 9.98
N GLY B 352 -10.16 -21.82 9.55
CA GLY B 352 -10.13 -20.46 10.07
C GLY B 352 -10.17 -20.35 11.58
N GLN B 353 -11.16 -20.96 12.24
CA GLN B 353 -11.26 -20.81 13.69
C GLN B 353 -10.31 -21.75 14.42
N GLN B 354 -10.07 -22.91 13.85
CA GLN B 354 -9.25 -23.91 14.51
C GLN B 354 -7.81 -23.42 14.71
N ARG B 355 -7.28 -22.65 13.75
CA ARG B 355 -5.89 -22.15 13.87
C ARG B 355 -5.74 -21.03 14.89
N VAL B 356 -6.86 -20.42 15.27
CA VAL B 356 -6.90 -19.49 16.41
C VAL B 356 -7.10 -20.24 17.74
N PHE B 357 -7.93 -21.28 17.68
CA PHE B 357 -8.29 -22.09 18.83
C PHE B 357 -7.04 -22.67 19.49
N LYS B 358 -6.10 -23.14 18.67
CA LYS B 358 -4.88 -23.78 19.20
C LYS B 358 -4.04 -22.84 20.06
N GLU B 359 -4.12 -21.53 19.79
CA GLU B 359 -3.31 -20.58 20.52
C GLU B 359 -4.05 -19.92 21.68
N LYS B 360 -5.36 -19.75 21.52
CA LYS B 360 -6.15 -18.94 22.44
C LYS B 360 -7.07 -19.72 23.39
N VAL B 361 -7.60 -20.85 22.92
CA VAL B 361 -8.61 -21.59 23.67
C VAL B 361 -8.11 -22.91 24.26
N ASP B 362 -7.11 -23.52 23.64
CA ASP B 362 -6.53 -24.75 24.16
C ASP B 362 -5.43 -24.46 25.17
N THR B 363 -5.79 -23.71 26.21
CA THR B 363 -4.87 -23.31 27.26
C THR B 363 -5.47 -23.69 28.59
N LYS B 364 -4.63 -23.82 29.61
CA LYS B 364 -5.11 -24.13 30.94
C LYS B 364 -4.64 -23.06 31.90
N ALA B 365 -5.58 -22.41 32.59
CA ALA B 365 -5.21 -21.42 33.59
C ALA B 365 -5.21 -22.09 34.96
N PRO B 366 -4.04 -22.09 35.63
CA PRO B 366 -3.83 -22.78 36.90
C PRO B 366 -4.73 -22.22 38.00
N GLU B 367 -5.22 -23.10 38.86
CA GLU B 367 -6.05 -22.68 39.99
C GLU B 367 -5.24 -21.82 40.96
N PRO B 368 -5.86 -20.77 41.51
CA PRO B 368 -5.11 -19.86 42.39
C PRO B 368 -4.66 -20.55 43.68
N PRO B 369 -3.56 -20.08 44.27
CA PRO B 369 -3.04 -20.66 45.53
C PRO B 369 -4.05 -20.48 46.67
N ALA B 370 -3.85 -21.19 47.78
CA ALA B 370 -4.84 -21.27 48.84
C ALA B 370 -5.14 -19.94 49.54
N GLY B 371 -4.10 -19.13 49.77
CA GLY B 371 -4.28 -17.80 50.33
C GLY B 371 -5.14 -16.93 49.42
N ALA B 372 -4.87 -16.99 48.12
CA ALA B 372 -5.69 -16.26 47.16
C ALA B 372 -7.13 -16.78 47.12
N LYS B 373 -7.33 -18.10 47.18
CA LYS B 373 -8.68 -18.65 47.27
C LYS B 373 -9.48 -18.01 48.41
N GLU B 374 -8.88 -17.97 49.59
CA GLU B 374 -9.55 -17.42 50.76
C GLU B 374 -9.86 -15.95 50.63
N VAL B 375 -8.97 -15.17 50.01
CA VAL B 375 -9.27 -13.76 49.76
C VAL B 375 -10.44 -13.58 48.78
N LEU B 376 -10.52 -14.43 47.77
CA LEU B 376 -11.60 -14.36 46.80
C LEU B 376 -12.90 -14.76 47.46
N ASN B 377 -12.80 -15.75 48.35
CA ASN B 377 -13.97 -16.27 49.06
C ASN B 377 -14.62 -15.20 49.92
N GLU B 378 -13.80 -14.45 50.64
CA GLU B 378 -14.28 -13.31 51.39
C GLU B 378 -14.90 -12.28 50.46
N THR B 379 -14.19 -12.00 49.37
CA THR B 379 -14.56 -10.93 48.46
C THR B 379 -15.88 -11.23 47.77
N THR B 380 -16.01 -12.41 47.18
CA THR B 380 -17.26 -12.78 46.56
C THR B 380 -18.42 -12.97 47.56
N ASN B 381 -18.12 -13.43 48.78
CA ASN B 381 -19.14 -13.50 49.82
C ASN B 381 -19.72 -12.12 50.05
N TRP B 382 -18.84 -11.14 50.24
CA TRP B 382 -19.28 -9.78 50.44
C TRP B 382 -20.07 -9.29 49.25
N LEU B 383 -19.56 -9.56 48.04
CA LEU B 383 -20.18 -9.03 46.83
C LEU B 383 -21.60 -9.59 46.61
N TRP B 384 -21.78 -10.91 46.74
CA TRP B 384 -23.11 -11.50 46.59
C TRP B 384 -24.11 -10.92 47.59
N ALA B 385 -23.64 -10.70 48.82
CA ALA B 385 -24.42 -10.01 49.84
C ALA B 385 -24.87 -8.65 49.33
N TYR B 386 -23.93 -7.87 48.80
CA TYR B 386 -24.19 -6.50 48.37
C TYR B 386 -25.16 -6.41 47.19
N LEU B 387 -25.18 -7.44 46.36
CA LEU B 387 -26.02 -7.42 45.17
C LEU B 387 -27.44 -7.87 45.49
N SER B 388 -27.58 -8.62 46.57
CA SER B 388 -28.88 -9.14 47.02
C SER B 388 -29.48 -8.26 48.13
N ARG B 389 -28.75 -7.21 48.48
CA ARG B 389 -29.12 -6.23 49.49
C ARG B 389 -30.58 -5.74 49.43
N GLU B 390 -31.10 -5.51 48.23
CA GLU B 390 -32.45 -4.98 48.05
C GLU B 390 -33.14 -5.61 46.87
N LYS B 391 -32.75 -6.82 46.48
CA LYS B 391 -33.31 -7.44 45.29
C LYS B 391 -33.59 -8.88 45.55
N ARG B 392 -34.65 -9.38 44.93
CA ARG B 392 -35.05 -10.75 45.18
C ARG B 392 -34.95 -11.53 43.89
N PRO B 393 -34.19 -12.63 43.93
CA PRO B 393 -34.17 -13.60 42.83
C PRO B 393 -35.57 -14.04 42.50
N ARG B 394 -35.77 -14.61 41.31
CA ARG B 394 -37.06 -15.09 40.90
C ARG B 394 -36.87 -15.97 39.70
N LEU B 395 -37.91 -16.69 39.30
CA LEU B 395 -37.82 -17.44 38.06
C LEU B 395 -38.16 -16.51 36.92
N CYS B 396 -37.80 -16.93 35.72
CA CYS B 396 -38.18 -16.20 34.51
C CYS B 396 -39.09 -17.09 33.70
N THR B 397 -40.13 -16.48 33.13
CA THR B 397 -41.24 -17.22 32.56
C THR B 397 -41.11 -17.41 31.06
N LYS B 398 -41.87 -18.35 30.53
CA LYS B 398 -41.81 -18.62 29.10
C LYS B 398 -42.50 -17.51 28.30
N GLU B 399 -43.29 -16.69 28.99
CA GLU B 399 -43.87 -15.52 28.35
C GLU B 399 -42.76 -14.48 28.17
N GLU B 400 -41.99 -14.27 29.23
CA GLU B 400 -40.85 -13.36 29.20
C GLU B 400 -39.85 -13.73 28.11
N PHE B 401 -39.57 -15.02 27.99
CA PHE B 401 -38.63 -15.54 27.01
C PHE B 401 -39.08 -15.20 25.61
N ILE B 402 -40.30 -15.63 25.27
CA ILE B 402 -40.85 -15.41 23.94
C ILE B 402 -40.87 -13.93 23.55
N LYS B 403 -41.22 -13.05 24.48
CA LYS B 403 -41.28 -11.63 24.17
C LYS B 403 -39.94 -11.07 23.72
N LYS B 404 -38.89 -11.43 24.45
CA LYS B 404 -37.55 -10.92 24.18
C LYS B 404 -36.72 -11.80 23.24
N VAL B 405 -37.15 -13.04 23.00
CA VAL B 405 -36.55 -13.87 21.96
C VAL B 405 -36.57 -13.13 20.64
N ASN B 406 -35.40 -13.01 20.03
CA ASN B 406 -35.29 -12.48 18.70
C ASN B 406 -35.93 -13.47 17.74
N SER B 407 -36.72 -12.96 16.79
CA SER B 407 -37.30 -13.83 15.76
C SER B 407 -36.16 -14.48 14.97
N ASN B 408 -34.97 -13.91 15.12
CA ASN B 408 -33.76 -14.31 14.42
C ASN B 408 -32.61 -14.56 15.41
N ALA B 409 -32.84 -15.50 16.33
CA ALA B 409 -31.84 -15.94 17.28
C ALA B 409 -31.43 -17.34 16.88
N ALA B 410 -30.26 -17.79 17.31
CA ALA B 410 -29.76 -19.08 16.86
C ALA B 410 -30.60 -20.19 17.43
N LEU B 411 -30.86 -21.22 16.63
CA LEU B 411 -31.54 -22.39 17.12
C LEU B 411 -30.52 -23.29 17.82
N GLY B 412 -29.32 -23.33 17.26
CA GLY B 412 -28.22 -24.07 17.86
C GLY B 412 -28.46 -25.55 17.99
N ALA B 413 -29.23 -26.12 17.07
CA ALA B 413 -29.49 -27.56 17.08
C ALA B 413 -28.21 -28.40 17.21
N VAL B 414 -28.26 -29.44 18.04
CA VAL B 414 -27.14 -30.35 18.24
C VAL B 414 -27.55 -31.76 17.82
N PHE B 415 -28.86 -32.00 17.86
CA PHE B 415 -29.44 -33.26 17.41
C PHE B 415 -30.45 -33.01 16.30
N ALA B 416 -30.75 -34.05 15.51
CA ALA B 416 -31.76 -33.96 14.48
C ALA B 416 -33.08 -33.43 15.04
N GLU B 417 -33.51 -34.02 16.14
CA GLU B 417 -34.74 -33.65 16.84
C GLU B 417 -34.91 -32.13 17.09
N GLN B 418 -33.80 -31.40 17.19
CA GLN B 418 -33.85 -29.98 17.50
C GLN B 418 -33.86 -29.12 16.25
N ASN B 419 -33.74 -29.74 15.08
CA ASN B 419 -33.74 -28.97 13.85
C ASN B 419 -35.05 -28.98 13.09
N GLN B 420 -36.15 -29.15 13.81
CA GLN B 420 -37.48 -29.17 13.21
C GLN B 420 -37.81 -27.82 12.59
N TRP B 421 -37.51 -26.77 13.33
CA TRP B 421 -37.84 -25.42 12.93
C TRP B 421 -36.70 -24.81 12.15
N SER B 422 -36.99 -23.70 11.47
CA SER B 422 -35.99 -23.01 10.68
C SER B 422 -35.88 -21.61 11.24
N THR B 423 -36.55 -21.38 12.36
CA THR B 423 -36.55 -20.05 12.97
C THR B 423 -36.82 -20.17 14.47
N ALA B 424 -36.16 -19.31 15.24
CA ALA B 424 -36.41 -19.21 16.67
C ALA B 424 -37.89 -18.88 16.92
N ARG B 425 -38.43 -17.96 16.13
CA ARG B 425 -39.84 -17.58 16.24
C ARG B 425 -40.77 -18.76 16.02
N GLU B 426 -40.46 -19.56 15.00
CA GLU B 426 -41.23 -20.77 14.74
C GLU B 426 -41.20 -21.68 15.94
N ALA B 427 -39.99 -21.98 16.42
CA ALA B 427 -39.78 -22.89 17.53
C ALA B 427 -40.63 -22.54 18.75
N VAL B 428 -40.58 -21.29 19.19
CA VAL B 428 -41.28 -20.89 20.41
C VAL B 428 -42.80 -20.85 20.26
N ASP B 429 -43.29 -20.88 19.03
CA ASP B 429 -44.74 -20.86 18.79
C ASP B 429 -45.26 -22.27 18.52
N ASP B 430 -44.40 -23.25 18.69
CA ASP B 430 -44.76 -24.65 18.48
C ASP B 430 -44.73 -25.40 19.81
N PRO B 431 -45.88 -25.93 20.22
CA PRO B 431 -46.03 -26.73 21.45
C PRO B 431 -45.12 -27.94 21.48
N ARG B 432 -44.64 -28.40 20.33
CA ARG B 432 -43.72 -29.54 20.29
C ARG B 432 -42.39 -29.17 20.95
N PHE B 433 -41.92 -27.97 20.64
CA PHE B 433 -40.67 -27.42 21.18
C PHE B 433 -40.71 -27.37 22.69
N TRP B 434 -41.77 -26.77 23.22
CA TRP B 434 -41.90 -26.57 24.66
C TRP B 434 -42.09 -27.88 25.42
N GLU B 435 -42.35 -28.96 24.71
CA GLU B 435 -42.42 -30.26 25.34
C GLU B 435 -41.03 -30.82 25.56
N MET B 436 -40.17 -30.67 24.54
CA MET B 436 -38.77 -31.11 24.63
C MET B 436 -38.09 -30.41 25.80
N VAL B 437 -38.33 -29.10 25.89
CA VAL B 437 -37.90 -28.29 27.02
C VAL B 437 -38.21 -28.98 28.35
N ASP B 438 -39.49 -29.30 28.56
CA ASP B 438 -39.98 -29.86 29.83
C ASP B 438 -39.43 -31.22 30.17
N GLU B 439 -39.30 -32.09 29.17
CA GLU B 439 -38.69 -33.38 29.39
C GLU B 439 -37.26 -33.24 29.94
N GLU B 440 -36.52 -32.27 29.40
CA GLU B 440 -35.16 -32.03 29.85
C GLU B 440 -35.20 -31.31 31.20
N ARG B 441 -36.17 -30.42 31.35
CA ARG B 441 -36.35 -29.74 32.63
C ARG B 441 -36.68 -30.71 33.77
N GLU B 442 -37.33 -31.82 33.45
CA GLU B 442 -37.60 -32.85 34.44
C GLU B 442 -36.31 -33.58 34.74
N ASN B 443 -35.54 -33.86 33.70
CA ASN B 443 -34.21 -34.47 33.84
C ASN B 443 -33.32 -33.62 34.72
N HIS B 444 -33.37 -32.31 34.53
CA HIS B 444 -32.57 -31.40 35.35
C HIS B 444 -33.02 -31.48 36.81
N LEU B 445 -34.31 -31.64 37.02
CA LEU B 445 -34.84 -31.77 38.37
C LEU B 445 -34.32 -33.03 39.09
N ARG B 446 -34.25 -34.15 38.39
CA ARG B 446 -33.64 -35.36 38.95
C ARG B 446 -32.14 -35.17 39.11
N GLY B 447 -31.57 -34.22 38.39
CA GLY B 447 -30.15 -33.93 38.49
C GLY B 447 -29.32 -34.55 37.38
N GLU B 448 -29.96 -34.78 36.24
CA GLU B 448 -29.25 -35.25 35.06
C GLU B 448 -29.40 -34.26 33.91
N CYS B 449 -28.43 -34.28 33.00
CA CYS B 449 -28.55 -33.52 31.77
C CYS B 449 -28.35 -34.41 30.55
N HIS B 450 -29.30 -34.35 29.63
CA HIS B 450 -29.33 -35.28 28.50
C HIS B 450 -29.02 -34.59 27.18
N THR B 451 -29.42 -33.33 27.05
CA THR B 451 -29.40 -32.68 25.74
C THR B 451 -28.82 -31.27 25.70
N CYS B 452 -28.27 -30.78 26.81
CA CYS B 452 -27.75 -29.42 26.80
C CYS B 452 -26.26 -29.42 26.48
N ILE B 453 -25.96 -29.11 25.22
CA ILE B 453 -24.63 -29.25 24.65
C ILE B 453 -24.27 -27.97 23.88
N TYR B 454 -22.99 -27.58 23.90
CA TYR B 454 -22.60 -26.37 23.19
C TYR B 454 -22.19 -26.64 21.74
N ASN B 455 -22.56 -25.72 20.86
CA ASN B 455 -21.94 -25.61 19.53
C ASN B 455 -20.83 -24.55 19.60
N MET B 456 -19.66 -24.87 19.07
CA MET B 456 -18.60 -23.86 18.99
C MET B 456 -18.20 -23.61 17.54
N MET B 457 -18.11 -22.33 17.18
CA MET B 457 -17.77 -21.93 15.83
C MET B 457 -17.08 -20.57 15.79
N GLY B 458 -16.57 -20.20 14.63
CA GLY B 458 -15.95 -18.89 14.47
C GLY B 458 -16.97 -17.77 14.40
N LYS B 459 -16.57 -16.59 14.84
CA LYS B 459 -17.42 -15.41 14.77
C LYS B 459 -16.93 -14.47 13.67
N ARG B 460 -17.85 -14.03 12.81
CA ARG B 460 -17.50 -13.14 11.71
C ARG B 460 -17.29 -11.70 12.19
N GLU B 461 -16.03 -11.26 12.17
CA GLU B 461 -15.68 -9.92 12.65
C GLU B 461 -14.85 -9.20 11.61
N LYS B 462 -14.83 -7.89 11.71
CA LYS B 462 -14.02 -7.06 10.85
C LYS B 462 -12.75 -6.66 11.60
N LYS B 463 -11.62 -7.27 11.23
CA LYS B 463 -10.35 -7.08 11.94
C LYS B 463 -9.23 -6.59 11.02
N PRO B 464 -8.14 -6.07 11.59
CA PRO B 464 -6.92 -5.89 10.79
C PRO B 464 -6.52 -7.19 10.09
N GLY B 465 -5.98 -7.11 8.89
CA GLY B 465 -5.63 -8.31 8.16
C GLY B 465 -4.34 -8.96 8.63
N GLU B 466 -4.06 -10.15 8.12
CA GLU B 466 -2.84 -10.88 8.46
C GLU B 466 -2.29 -11.56 7.20
N PHE B 467 -0.99 -11.39 6.95
CA PHE B 467 -0.30 -11.93 5.77
C PHE B 467 -0.92 -11.47 4.46
N GLY B 468 -1.43 -10.24 4.42
CA GLY B 468 -2.12 -9.73 3.26
C GLY B 468 -3.51 -10.31 3.03
N LYS B 469 -3.99 -11.12 3.96
CA LYS B 469 -5.33 -11.70 3.88
C LYS B 469 -6.06 -11.61 5.23
N ALA B 470 -6.92 -12.57 5.52
CA ALA B 470 -7.77 -12.46 6.71
C ALA B 470 -7.22 -13.21 7.93
N LYS B 471 -7.43 -12.65 9.11
CA LYS B 471 -7.16 -13.38 10.34
C LYS B 471 -8.13 -14.54 10.48
N GLY B 472 -7.75 -15.50 11.32
CA GLY B 472 -8.65 -16.57 11.71
C GLY B 472 -9.65 -16.02 12.71
N SER B 473 -10.59 -16.85 13.13
CA SER B 473 -11.71 -16.32 13.91
C SER B 473 -11.73 -16.68 15.40
N ARG B 474 -12.24 -15.73 16.18
CA ARG B 474 -12.53 -15.92 17.59
C ARG B 474 -13.63 -16.97 17.72
N ALA B 475 -13.52 -17.82 18.72
CA ALA B 475 -14.49 -18.88 18.91
C ALA B 475 -15.64 -18.39 19.77
N ILE B 476 -16.88 -18.64 19.32
CA ILE B 476 -18.05 -18.41 20.16
C ILE B 476 -18.76 -19.72 20.43
N TRP B 477 -19.42 -19.80 21.59
CA TRP B 477 -20.15 -21.01 21.93
C TRP B 477 -21.40 -20.80 22.76
N PHE B 478 -22.44 -21.55 22.39
CA PHE B 478 -23.74 -21.43 23.02
C PHE B 478 -24.47 -22.75 22.85
N MET B 479 -25.40 -23.01 23.76
CA MET B 479 -26.23 -24.20 23.68
C MET B 479 -27.50 -23.87 22.92
N TRP B 480 -28.25 -24.90 22.58
CA TRP B 480 -29.45 -24.73 21.76
C TRP B 480 -30.57 -23.93 22.45
N LEU B 481 -31.57 -23.53 21.67
CA LEU B 481 -32.63 -22.62 22.11
C LEU B 481 -33.37 -23.10 23.38
N GLY B 482 -33.56 -24.41 23.49
CA GLY B 482 -34.25 -24.96 24.64
C GLY B 482 -33.42 -24.88 25.90
N ALA B 483 -32.15 -25.29 25.77
CA ALA B 483 -31.18 -25.25 26.86
C ALA B 483 -31.02 -23.81 27.35
N ARG B 484 -30.96 -22.88 26.40
CA ARG B 484 -30.88 -21.47 26.71
C ARG B 484 -32.10 -21.00 27.51
N TYR B 485 -33.29 -21.54 27.21
CA TYR B 485 -34.47 -21.18 28.00
C TYR B 485 -34.31 -21.61 29.46
N LEU B 486 -33.85 -22.84 29.66
CA LEU B 486 -33.59 -23.33 31.00
C LEU B 486 -32.63 -22.40 31.75
N GLU B 487 -31.57 -21.90 31.09
CA GLU B 487 -30.66 -20.96 31.73
C GLU B 487 -31.40 -19.69 32.12
N PHE B 488 -32.12 -19.15 31.16
CA PHE B 488 -32.87 -17.93 31.35
C PHE B 488 -33.88 -18.08 32.49
N GLU B 489 -34.52 -19.25 32.54
CA GLU B 489 -35.48 -19.51 33.60
C GLU B 489 -34.80 -19.41 34.95
N ALA B 490 -33.75 -20.21 35.13
CA ALA B 490 -33.03 -20.30 36.41
C ALA B 490 -32.17 -19.07 36.76
N LEU B 491 -31.54 -18.46 35.76
CA LEU B 491 -30.52 -17.45 36.07
C LEU B 491 -30.81 -16.10 35.45
N GLY B 492 -31.75 -16.08 34.51
CA GLY B 492 -32.11 -14.88 33.78
C GLY B 492 -32.42 -13.66 34.62
N PHE B 493 -32.80 -13.87 35.88
CA PHE B 493 -33.13 -12.72 36.72
C PHE B 493 -31.94 -11.77 36.88
N LEU B 494 -30.73 -12.35 36.85
CA LEU B 494 -29.50 -11.57 36.95
C LEU B 494 -29.46 -10.47 35.88
N ASN B 495 -29.96 -10.82 34.69
CA ASN B 495 -30.07 -9.86 33.58
C ASN B 495 -31.34 -9.03 33.68
N GLU B 496 -32.48 -9.72 33.68
CA GLU B 496 -33.79 -9.08 33.63
C GLU B 496 -34.04 -8.06 34.73
N ASP B 497 -33.58 -8.38 35.94
CA ASP B 497 -33.74 -7.47 37.07
C ASP B 497 -32.57 -6.50 37.25
N HIS B 498 -31.58 -6.58 36.37
CA HIS B 498 -30.45 -5.64 36.35
C HIS B 498 -29.61 -5.71 37.62
N TRP B 499 -29.22 -6.92 37.98
CA TRP B 499 -28.39 -7.11 39.17
C TRP B 499 -27.06 -6.41 39.03
N LEU B 500 -26.56 -6.26 37.81
CA LEU B 500 -25.27 -5.61 37.62
C LEU B 500 -25.31 -4.22 37.05
N SER B 501 -26.43 -3.54 37.24
CA SER B 501 -26.53 -2.12 36.90
C SER B 501 -25.62 -1.33 37.82
N ARG B 502 -25.41 -0.07 37.51
CA ARG B 502 -24.57 0.77 38.35
C ARG B 502 -25.21 1.07 39.71
N GLU B 503 -26.53 1.24 39.72
CA GLU B 503 -27.24 1.43 40.98
C GLU B 503 -27.07 0.22 41.90
N ASN B 504 -27.39 -0.98 41.42
CA ASN B 504 -27.22 -2.17 42.24
C ASN B 504 -25.76 -2.56 42.53
N SER B 505 -24.87 -2.45 41.55
CA SER B 505 -23.54 -3.02 41.76
C SER B 505 -22.47 -2.00 42.12
N GLY B 506 -22.77 -0.72 41.97
CA GLY B 506 -21.79 0.31 42.27
C GLY B 506 -20.75 0.42 41.17
N GLY B 507 -20.20 -0.73 40.76
CA GLY B 507 -19.11 -0.79 39.80
C GLY B 507 -19.57 -1.01 38.37
N GLY B 508 -20.67 -1.74 38.19
CA GLY B 508 -21.18 -2.04 36.87
C GLY B 508 -21.69 -0.83 36.07
N VAL B 509 -22.15 -1.13 34.86
CA VAL B 509 -22.64 -0.14 33.93
C VAL B 509 -23.69 -0.82 33.08
N GLU B 510 -24.19 -1.96 33.54
CA GLU B 510 -25.18 -2.72 32.78
C GLU B 510 -26.36 -1.81 32.40
N GLY B 511 -26.83 -2.00 31.17
CA GLY B 511 -27.88 -1.18 30.61
C GLY B 511 -27.43 0.10 29.91
N SER B 512 -26.31 0.68 30.31
CA SER B 512 -25.89 1.97 29.73
C SER B 512 -25.44 1.85 28.27
N GLY B 513 -25.71 2.89 27.48
CA GLY B 513 -25.24 2.92 26.10
C GLY B 513 -23.97 3.74 26.06
N VAL B 514 -23.25 3.69 24.93
CA VAL B 514 -21.93 4.34 24.84
C VAL B 514 -21.95 5.80 25.31
N GLN B 515 -23.06 6.47 25.01
CA GLN B 515 -23.32 7.87 25.36
C GLN B 515 -23.18 8.17 26.85
N LYS B 516 -23.43 7.16 27.68
CA LYS B 516 -23.36 7.33 29.12
C LYS B 516 -21.93 7.17 29.63
N LEU B 517 -21.19 6.25 29.01
CA LEU B 517 -19.94 5.75 29.59
C LEU B 517 -18.89 6.83 29.91
N GLY B 518 -18.79 7.85 29.11
CA GLY B 518 -17.79 8.87 29.38
C GLY B 518 -18.14 9.69 30.61
N TYR B 519 -19.44 9.92 30.82
CA TYR B 519 -19.90 10.70 31.96
C TYR B 519 -19.54 9.94 33.23
N ILE B 520 -19.78 8.64 33.20
CA ILE B 520 -19.39 7.74 34.26
C ILE B 520 -17.88 7.81 34.55
N LEU B 521 -17.07 7.80 33.50
CA LEU B 521 -15.62 7.95 33.68
C LEU B 521 -15.26 9.31 34.21
N ARG B 522 -15.88 10.37 33.70
CA ARG B 522 -15.61 11.71 34.22
C ARG B 522 -15.91 11.78 35.73
N ASP B 523 -16.88 10.98 36.18
CA ASP B 523 -17.27 10.99 37.59
C ASP B 523 -16.22 10.30 38.45
N ILE B 524 -15.83 9.10 38.03
CA ILE B 524 -14.70 8.42 38.65
C ILE B 524 -13.47 9.32 38.68
N ALA B 525 -13.19 10.02 37.58
CA ALA B 525 -12.08 10.97 37.53
C ALA B 525 -12.11 12.00 38.67
N GLY B 526 -13.31 12.35 39.13
CA GLY B 526 -13.46 13.42 40.09
C GLY B 526 -13.11 13.04 41.51
N LYS B 527 -13.25 11.76 41.83
CA LYS B 527 -12.80 11.24 43.12
C LYS B 527 -11.31 11.51 43.32
N GLN B 528 -10.88 11.57 44.58
CA GLN B 528 -9.46 11.72 44.92
C GLN B 528 -8.74 10.40 44.73
N GLY B 529 -7.53 10.45 44.20
CA GLY B 529 -6.75 9.23 44.06
C GLY B 529 -5.59 9.35 43.12
N GLY B 530 -5.12 8.21 42.63
CA GLY B 530 -4.00 8.20 41.70
C GLY B 530 -4.42 8.34 40.25
N LYS B 531 -3.65 7.69 39.37
CA LYS B 531 -3.96 7.69 37.95
C LYS B 531 -5.14 6.77 37.70
N MET B 532 -5.67 6.80 36.49
CA MET B 532 -6.76 5.91 36.15
C MET B 532 -6.17 4.75 35.36
N TYR B 533 -6.60 3.54 35.68
CA TYR B 533 -6.01 2.35 35.08
C TYR B 533 -7.06 1.59 34.32
N ALA B 534 -6.64 0.84 33.30
CA ALA B 534 -7.58 0.19 32.41
C ALA B 534 -6.98 -1.05 31.78
N ASP B 535 -6.54 -1.98 32.61
CA ASP B 535 -5.84 -3.14 32.11
C ASP B 535 -6.76 -4.19 31.48
N ASP B 536 -6.59 -4.44 30.18
CA ASP B 536 -7.23 -5.59 29.54
C ASP B 536 -6.60 -6.89 30.04
N THR B 537 -7.42 -7.93 30.16
CA THR B 537 -6.97 -9.26 30.55
C THR B 537 -6.94 -10.03 29.27
N ALA B 538 -5.99 -10.94 29.12
CA ALA B 538 -5.87 -11.67 27.87
C ALA B 538 -6.81 -12.87 27.88
N GLY B 539 -7.72 -12.92 26.92
CA GLY B 539 -8.68 -14.01 26.82
C GLY B 539 -9.44 -14.33 28.11
N TRP B 540 -10.10 -13.32 28.67
CA TRP B 540 -10.90 -13.46 29.89
C TRP B 540 -11.63 -14.78 30.03
N ASP B 541 -12.54 -15.08 29.09
CA ASP B 541 -13.33 -16.30 29.22
C ASP B 541 -12.50 -17.58 29.36
N THR B 542 -11.27 -17.56 28.84
CA THR B 542 -10.41 -18.73 28.92
C THR B 542 -9.71 -18.77 30.27
N ARG B 543 -9.79 -17.66 30.99
CA ARG B 543 -9.09 -17.51 32.27
C ARG B 543 -10.00 -17.77 33.49
N ILE B 544 -11.26 -18.11 33.24
CA ILE B 544 -12.20 -18.36 34.32
C ILE B 544 -11.89 -19.73 34.91
N THR B 545 -11.41 -19.75 36.14
CA THR B 545 -10.98 -20.99 36.78
C THR B 545 -12.11 -21.72 37.47
N ARG B 546 -11.82 -22.90 38.02
CA ARG B 546 -12.80 -23.64 38.82
C ARG B 546 -13.16 -22.86 40.07
N THR B 547 -12.17 -22.19 40.64
CA THR B 547 -12.39 -21.32 41.78
C THR B 547 -13.39 -20.22 41.47
N ASP B 548 -13.26 -19.62 40.28
CA ASP B 548 -14.09 -18.50 39.88
C ASP B 548 -15.53 -18.98 39.69
N LEU B 549 -15.68 -20.18 39.15
CA LEU B 549 -16.99 -20.75 38.93
C LEU B 549 -17.66 -21.11 40.26
N GLU B 550 -16.89 -21.73 41.16
CA GLU B 550 -17.35 -22.01 42.53
C GLU B 550 -17.86 -20.75 43.22
N ASN B 551 -17.09 -19.67 43.15
CA ASN B 551 -17.51 -18.43 43.80
C ASN B 551 -18.77 -17.83 43.16
N GLU B 552 -18.97 -18.05 41.86
CA GLU B 552 -20.18 -17.59 41.19
C GLU B 552 -21.38 -18.45 41.62
N ALA B 553 -21.14 -19.75 41.78
CA ALA B 553 -22.18 -20.70 42.19
C ALA B 553 -22.77 -20.44 43.57
N LYS B 554 -22.27 -19.44 44.28
CA LYS B 554 -22.84 -19.04 45.55
C LYS B 554 -24.21 -18.39 45.36
N VAL B 555 -24.62 -18.18 44.11
CA VAL B 555 -25.98 -17.72 43.84
C VAL B 555 -26.94 -18.68 44.51
N LEU B 556 -26.57 -19.95 44.49
CA LEU B 556 -27.42 -21.01 45.00
C LEU B 556 -27.89 -20.75 46.44
N GLU B 557 -27.06 -20.07 47.23
CA GLU B 557 -27.38 -19.77 48.63
C GLU B 557 -28.44 -18.67 48.74
N LEU B 558 -28.82 -18.10 47.60
CA LEU B 558 -29.77 -17.01 47.56
C LEU B 558 -31.09 -17.52 47.02
N LEU B 559 -31.09 -18.79 46.64
CA LEU B 559 -32.27 -19.44 46.10
C LEU B 559 -32.80 -20.50 47.05
N ASP B 560 -33.94 -21.10 46.68
CA ASP B 560 -34.56 -22.16 47.47
C ASP B 560 -35.59 -22.90 46.63
N GLY B 561 -35.88 -24.12 47.06
CA GLY B 561 -36.96 -24.87 46.46
C GLY B 561 -36.66 -25.33 45.06
N GLU B 562 -37.67 -25.21 44.19
CA GLU B 562 -37.56 -25.67 42.82
C GLU B 562 -36.59 -24.79 42.05
N HIS B 563 -36.54 -23.52 42.41
CA HIS B 563 -35.65 -22.57 41.75
C HIS B 563 -34.20 -23.01 41.92
N ARG B 564 -33.77 -23.05 43.17
CA ARG B 564 -32.44 -23.55 43.55
C ARG B 564 -32.14 -24.92 42.94
N MET B 565 -33.17 -25.73 42.74
CA MET B 565 -32.98 -27.05 42.14
C MET B 565 -32.58 -26.89 40.69
N LEU B 566 -33.33 -26.02 40.00
CA LEU B 566 -33.16 -25.78 38.58
C LEU B 566 -31.81 -25.11 38.28
N ALA B 567 -31.54 -24.04 39.02
CA ALA B 567 -30.27 -23.34 38.92
C ALA B 567 -29.07 -24.25 39.21
N ARG B 568 -29.23 -25.20 40.12
CA ARG B 568 -28.13 -26.12 40.43
C ARG B 568 -27.86 -26.98 39.21
N ALA B 569 -28.90 -27.29 38.44
CA ALA B 569 -28.71 -28.10 37.24
C ALA B 569 -27.84 -27.34 36.25
N ILE B 570 -28.22 -26.09 36.00
CA ILE B 570 -27.53 -25.25 35.03
C ILE B 570 -26.06 -25.03 35.39
N ILE B 571 -25.83 -24.71 36.65
CA ILE B 571 -24.50 -24.43 37.13
C ILE B 571 -23.60 -25.66 37.17
N GLU B 572 -24.11 -26.80 37.63
CA GLU B 572 -23.26 -27.98 37.78
C GLU B 572 -23.18 -28.84 36.52
N LEU B 573 -24.25 -28.90 35.76
CA LEU B 573 -24.27 -29.84 34.65
C LEU B 573 -23.94 -29.16 33.34
N THR B 574 -23.96 -27.83 33.35
CA THR B 574 -24.01 -27.10 32.10
C THR B 574 -23.03 -25.91 32.01
N TYR B 575 -22.71 -25.33 33.16
CA TYR B 575 -21.72 -24.26 33.20
C TYR B 575 -20.39 -24.82 33.69
N ARG B 576 -20.42 -26.02 34.27
CA ARG B 576 -19.21 -26.63 34.80
C ARG B 576 -18.83 -27.88 34.03
N HIS B 577 -19.77 -28.76 33.76
CA HIS B 577 -19.46 -29.90 32.92
C HIS B 577 -19.89 -29.68 31.47
N LYS B 578 -19.14 -28.86 30.75
CA LYS B 578 -19.50 -28.51 29.39
C LYS B 578 -19.15 -29.60 28.39
N VAL B 579 -20.06 -29.86 27.47
CA VAL B 579 -19.76 -30.69 26.31
C VAL B 579 -19.90 -29.81 25.06
N VAL B 580 -18.86 -29.83 24.24
CA VAL B 580 -18.74 -28.92 23.12
C VAL B 580 -18.58 -29.68 21.81
N LYS B 581 -19.27 -29.21 20.76
CA LYS B 581 -19.04 -29.70 19.40
C LYS B 581 -18.33 -28.62 18.59
N VAL B 582 -17.20 -28.98 17.96
CA VAL B 582 -16.46 -28.06 17.06
C VAL B 582 -16.02 -28.75 15.81
N MET B 583 -16.08 -28.04 14.69
CA MET B 583 -15.54 -28.58 13.44
C MET B 583 -14.02 -28.49 13.40
N ARG B 584 -13.40 -29.44 12.70
CA ARG B 584 -11.97 -29.45 12.52
C ARG B 584 -11.60 -29.95 11.12
N PRO B 585 -10.62 -29.31 10.49
CA PRO B 585 -10.04 -29.85 9.26
C PRO B 585 -9.51 -31.27 9.50
N ALA B 586 -9.92 -32.20 8.64
CA ALA B 586 -9.42 -33.56 8.72
C ALA B 586 -8.41 -33.71 7.61
N ALA B 587 -8.01 -34.94 7.32
CA ALA B 587 -7.13 -35.16 6.18
C ALA B 587 -7.89 -34.98 4.86
N GLU B 588 -7.18 -34.42 3.88
CA GLU B 588 -7.62 -34.38 2.49
C GLU B 588 -8.92 -33.64 2.21
N GLY B 589 -9.05 -32.44 2.72
CA GLY B 589 -10.20 -31.60 2.40
C GLY B 589 -11.46 -31.97 3.16
N LYS B 590 -11.48 -33.15 3.74
CA LYS B 590 -12.64 -33.54 4.53
C LYS B 590 -12.67 -32.74 5.82
N THR B 591 -13.84 -32.56 6.40
CA THR B 591 -13.91 -32.00 7.74
C THR B 591 -14.75 -32.86 8.70
N VAL B 592 -14.58 -32.62 9.99
CA VAL B 592 -15.00 -33.54 11.02
C VAL B 592 -15.54 -32.71 12.20
N MET B 593 -16.49 -33.26 12.95
CA MET B 593 -16.97 -32.62 14.19
C MET B 593 -16.32 -33.30 15.36
N ASP B 594 -15.58 -32.56 16.17
CA ASP B 594 -15.03 -33.13 17.37
C ASP B 594 -16.02 -32.92 18.50
N VAL B 595 -16.07 -33.90 19.40
CA VAL B 595 -16.82 -33.76 20.63
C VAL B 595 -15.81 -33.71 21.74
N ILE B 596 -15.80 -32.60 22.47
CA ILE B 596 -14.78 -32.37 23.48
C ILE B 596 -15.45 -31.78 24.70
N SER B 597 -14.75 -31.81 25.83
CA SER B 597 -15.31 -31.31 27.07
C SER B 597 -14.21 -30.77 27.97
N ARG B 598 -14.57 -29.83 28.82
CA ARG B 598 -13.68 -29.35 29.87
C ARG B 598 -14.52 -28.77 31.01
N GLU B 599 -13.93 -28.66 32.19
CA GLU B 599 -14.65 -28.29 33.40
C GLU B 599 -14.50 -26.82 33.83
N ASP B 600 -13.49 -26.13 33.32
CA ASP B 600 -13.36 -24.69 33.58
C ASP B 600 -13.66 -23.84 32.33
N GLN B 601 -13.25 -22.57 32.36
CA GLN B 601 -13.57 -21.58 31.31
C GLN B 601 -15.06 -21.20 31.27
N ARG B 602 -15.32 -20.04 30.66
CA ARG B 602 -16.68 -19.53 30.50
C ARG B 602 -17.11 -19.71 29.05
N GLY B 603 -18.37 -20.13 28.85
CA GLY B 603 -18.94 -20.17 27.51
C GLY B 603 -19.35 -18.77 27.05
N SER B 604 -18.90 -18.41 25.86
CA SER B 604 -19.21 -17.15 25.19
C SER B 604 -20.69 -16.72 25.36
N GLY B 605 -21.60 -17.58 24.92
CA GLY B 605 -23.01 -17.26 24.88
C GLY B 605 -23.87 -18.04 25.85
N GLN B 606 -23.40 -18.18 27.08
CA GLN B 606 -24.29 -18.54 28.16
C GLN B 606 -25.11 -17.30 28.40
N VAL B 607 -26.36 -17.48 28.86
CA VAL B 607 -27.29 -16.37 29.03
C VAL B 607 -26.80 -15.36 30.07
N VAL B 608 -25.93 -15.79 30.99
CA VAL B 608 -25.43 -14.86 31.99
C VAL B 608 -23.92 -14.51 31.89
N THR B 609 -23.29 -14.86 30.77
CA THR B 609 -21.87 -14.56 30.56
C THR B 609 -21.50 -13.15 30.95
N TYR B 610 -22.20 -12.15 30.40
CA TYR B 610 -21.89 -10.78 30.72
C TYR B 610 -22.04 -10.53 32.22
N ALA B 611 -23.14 -11.04 32.78
CA ALA B 611 -23.45 -10.79 34.19
C ALA B 611 -22.38 -11.39 35.09
N LEU B 612 -22.10 -12.68 34.89
CA LEU B 612 -21.10 -13.38 35.66
C LEU B 612 -19.69 -12.78 35.48
N ASN B 613 -19.30 -12.44 34.25
CA ASN B 613 -17.99 -11.85 34.05
C ASN B 613 -17.86 -10.56 34.82
N THR B 614 -18.92 -9.76 34.82
CA THR B 614 -18.86 -8.47 35.49
C THR B 614 -18.68 -8.68 36.99
N PHE B 615 -19.35 -9.68 37.51
CA PHE B 615 -19.28 -10.02 38.92
C PHE B 615 -17.82 -10.31 39.30
N THR B 616 -17.30 -11.40 38.73
CA THR B 616 -15.93 -11.83 38.92
C THR B 616 -14.90 -10.74 38.67
N ASN B 617 -15.19 -9.84 37.74
CA ASN B 617 -14.23 -8.80 37.43
C ASN B 617 -14.24 -7.73 38.51
N ILE B 618 -15.41 -7.45 39.07
CA ILE B 618 -15.53 -6.60 40.27
C ILE B 618 -14.75 -7.19 41.44
N ALA B 619 -14.90 -8.50 41.65
CA ALA B 619 -14.20 -9.17 42.73
C ALA B 619 -12.69 -9.03 42.55
N VAL B 620 -12.23 -9.40 41.35
CA VAL B 620 -10.81 -9.31 41.00
C VAL B 620 -10.23 -7.93 41.31
N GLN B 621 -10.96 -6.86 40.99
CA GLN B 621 -10.42 -5.52 41.17
C GLN B 621 -10.39 -5.14 42.64
N LEU B 622 -11.34 -5.70 43.40
CA LEU B 622 -11.39 -5.44 44.83
C LEU B 622 -10.15 -6.07 45.45
N VAL B 623 -9.93 -7.35 45.15
CA VAL B 623 -8.71 -8.02 45.59
C VAL B 623 -7.47 -7.20 45.25
N ARG B 624 -7.41 -6.65 44.04
CA ARG B 624 -6.24 -5.89 43.63
C ARG B 624 -6.11 -4.61 44.44
N LEU B 625 -7.23 -3.98 44.77
CA LEU B 625 -7.19 -2.77 45.58
C LEU B 625 -6.71 -3.06 47.00
N MET B 626 -7.04 -4.24 47.52
CA MET B 626 -6.57 -4.63 48.84
C MET B 626 -5.04 -4.80 48.85
N GLU B 627 -4.52 -5.54 47.88
CA GLU B 627 -3.09 -5.67 47.70
C GLU B 627 -2.47 -4.29 47.53
N ALA B 628 -3.13 -3.43 46.75
CA ALA B 628 -2.59 -2.10 46.52
C ALA B 628 -2.57 -1.26 47.80
N GLU B 629 -3.50 -1.54 48.71
CA GLU B 629 -3.66 -0.71 49.89
C GLU B 629 -2.88 -1.26 51.10
N GLY B 630 -2.47 -2.51 51.02
CA GLY B 630 -1.55 -3.09 51.99
C GLY B 630 -2.22 -4.12 52.88
N VAL B 631 -3.50 -4.33 52.63
CA VAL B 631 -4.26 -5.33 53.36
C VAL B 631 -3.68 -6.74 53.16
N ILE B 632 -3.08 -6.97 52.00
CA ILE B 632 -2.47 -8.26 51.70
C ILE B 632 -1.23 -8.06 50.85
N GLY B 633 -0.33 -9.04 50.92
CA GLY B 633 0.92 -9.00 50.18
C GLY B 633 1.24 -10.37 49.62
N PRO B 634 2.36 -10.48 48.88
CA PRO B 634 2.76 -11.74 48.22
C PRO B 634 2.94 -12.87 49.24
N GLN B 635 3.31 -12.49 50.45
CA GLN B 635 3.47 -13.45 51.56
C GLN B 635 2.22 -14.28 51.83
N HIS B 636 1.06 -13.77 51.43
CA HIS B 636 -0.18 -14.42 51.81
C HIS B 636 -0.76 -15.30 50.71
N LEU B 637 -0.01 -15.44 49.63
CA LEU B 637 -0.47 -16.19 48.47
C LEU B 637 -0.82 -17.64 48.81
N GLU B 638 0.08 -18.32 49.50
CA GLU B 638 -0.12 -19.73 49.79
C GLU B 638 -0.92 -19.95 51.07
N GLN B 639 -0.70 -19.07 52.03
CA GLN B 639 -1.37 -19.18 53.31
C GLN B 639 -1.82 -17.82 53.79
N LEU B 640 -3.09 -17.70 54.13
CA LEU B 640 -3.62 -16.43 54.58
C LEU B 640 -3.77 -16.46 56.09
N PRO B 641 -2.95 -15.68 56.81
CA PRO B 641 -3.09 -15.63 58.28
C PRO B 641 -4.49 -15.15 58.71
N ARG B 642 -4.94 -15.57 59.90
CA ARG B 642 -6.25 -15.16 60.42
C ARG B 642 -6.32 -13.64 60.52
N LYS B 643 -5.24 -13.07 61.06
CA LYS B 643 -5.07 -11.63 61.17
C LYS B 643 -5.52 -10.88 59.89
N ASN B 644 -5.00 -11.27 58.73
CA ASN B 644 -5.35 -10.60 57.47
C ASN B 644 -6.70 -11.02 56.94
N LYS B 645 -7.09 -12.27 57.17
CA LYS B 645 -8.42 -12.71 56.74
C LYS B 645 -9.51 -11.87 57.42
N ILE B 646 -9.29 -11.52 58.68
CA ILE B 646 -10.21 -10.62 59.35
C ILE B 646 -10.04 -9.20 58.82
N ALA B 647 -8.80 -8.79 58.57
CA ALA B 647 -8.58 -7.46 57.99
C ALA B 647 -9.21 -7.31 56.59
N VAL B 648 -9.40 -8.43 55.90
CA VAL B 648 -10.06 -8.41 54.60
C VAL B 648 -11.57 -8.24 54.75
N ARG B 649 -12.21 -9.08 55.58
CA ARG B 649 -13.62 -8.90 55.96
C ARG B 649 -13.90 -7.45 56.32
N THR B 650 -13.04 -6.92 57.18
CA THR B 650 -13.24 -5.59 57.71
C THR B 650 -13.13 -4.53 56.62
N TRP B 651 -12.02 -4.53 55.88
CA TRP B 651 -11.78 -3.60 54.75
C TRP B 651 -12.95 -3.59 53.77
N LEU B 652 -13.44 -4.78 53.44
CA LEU B 652 -14.61 -4.94 52.59
C LEU B 652 -15.81 -4.23 53.22
N PHE B 653 -16.11 -4.63 54.46
CA PHE B 653 -17.22 -4.09 55.23
C PHE B 653 -17.22 -2.57 55.34
N GLU B 654 -16.06 -1.96 55.56
CA GLU B 654 -16.03 -0.52 55.77
C GLU B 654 -15.59 0.30 54.55
N ASN B 655 -15.23 -0.36 53.46
CA ASN B 655 -14.74 0.36 52.30
C ASN B 655 -15.31 -0.13 50.98
N GLY B 656 -15.81 -1.35 50.98
CA GLY B 656 -16.30 -1.99 49.77
C GLY B 656 -17.18 -1.09 48.93
N GLU B 657 -18.25 -0.58 49.53
CA GLU B 657 -19.22 0.22 48.79
C GLU B 657 -18.62 1.45 48.17
N GLU B 658 -17.64 2.08 48.82
CA GLU B 658 -17.03 3.28 48.25
C GLU B 658 -16.11 2.86 47.13
N ARG B 659 -15.46 1.72 47.31
CA ARG B 659 -14.45 1.25 46.39
C ARG B 659 -15.01 0.93 44.99
N VAL B 660 -16.20 0.35 44.95
CA VAL B 660 -16.78 -0.03 43.67
C VAL B 660 -17.22 1.19 42.87
N THR B 661 -17.39 2.33 43.52
CA THR B 661 -17.75 3.53 42.76
C THR B 661 -16.52 4.09 42.09
N ARG B 662 -15.36 3.48 42.34
CA ARG B 662 -14.13 3.90 41.67
C ARG B 662 -13.88 3.07 40.40
N MET B 663 -14.74 2.07 40.19
CA MET B 663 -14.68 1.21 39.01
C MET B 663 -15.77 1.47 37.97
N ALA B 664 -15.43 1.18 36.72
CA ALA B 664 -16.42 1.01 35.67
C ALA B 664 -16.15 -0.36 35.06
N ILE B 665 -17.04 -1.31 35.30
CA ILE B 665 -16.76 -2.68 34.90
C ILE B 665 -17.83 -3.15 33.94
N SER B 666 -17.46 -3.47 32.71
CA SER B 666 -18.40 -4.04 31.77
C SER B 666 -17.85 -5.35 31.27
N GLY B 667 -18.46 -6.44 31.69
CA GLY B 667 -17.89 -7.76 31.44
C GLY B 667 -16.41 -7.73 31.84
N ASP B 668 -15.55 -8.18 30.93
CA ASP B 668 -14.11 -8.17 31.15
C ASP B 668 -13.44 -6.81 30.97
N ASP B 669 -14.18 -5.77 30.63
CA ASP B 669 -13.62 -4.43 30.50
C ASP B 669 -13.67 -3.68 31.80
N CYS B 670 -12.57 -3.04 32.16
CA CYS B 670 -12.54 -2.30 33.41
C CYS B 670 -11.75 -1.01 33.38
N VAL B 671 -12.23 -0.04 34.15
CA VAL B 671 -11.47 1.16 34.46
C VAL B 671 -11.53 1.30 35.99
N VAL B 672 -10.39 1.51 36.63
CA VAL B 672 -10.32 1.62 38.09
C VAL B 672 -9.52 2.85 38.46
N LYS B 673 -10.00 3.64 39.42
CA LYS B 673 -9.16 4.72 39.98
C LYS B 673 -8.92 4.49 41.46
N PRO B 674 -7.70 4.03 41.81
CA PRO B 674 -7.34 3.67 43.19
C PRO B 674 -6.88 4.89 44.00
N LEU B 675 -6.60 4.70 45.28
CA LEU B 675 -6.19 5.81 46.14
C LEU B 675 -4.81 6.33 45.77
N ASP B 676 -3.92 5.41 45.38
CA ASP B 676 -2.55 5.80 45.08
C ASP B 676 -2.05 4.99 43.92
N ASP B 677 -0.84 5.29 43.47
CA ASP B 677 -0.33 4.56 42.33
C ASP B 677 0.39 3.25 42.67
N ARG B 678 0.31 2.83 43.93
CA ARG B 678 0.81 1.52 44.33
C ARG B 678 0.06 0.41 43.60
N PHE B 679 -1.12 0.76 43.10
CA PHE B 679 -1.97 -0.14 42.33
C PHE B 679 -1.23 -0.68 41.10
N ALA B 680 -0.31 0.12 40.57
CA ALA B 680 0.42 -0.21 39.35
C ALA B 680 1.29 -1.48 39.47
N THR B 681 1.77 -1.75 40.67
CA THR B 681 2.60 -2.93 40.93
C THR B 681 1.86 -3.96 41.76
N ALA B 682 0.64 -3.62 42.17
CA ALA B 682 -0.20 -4.60 42.84
C ALA B 682 -0.55 -5.76 41.89
N LEU B 683 0.40 -6.66 41.64
CA LEU B 683 0.23 -7.68 40.60
C LEU B 683 0.24 -9.12 41.11
N HIS B 684 0.59 -9.33 42.37
CA HIS B 684 0.77 -10.71 42.84
C HIS B 684 -0.51 -11.50 42.87
N PHE B 685 -1.60 -10.87 43.33
CA PHE B 685 -2.89 -11.58 43.35
C PHE B 685 -3.50 -11.64 41.96
N LEU B 686 -3.43 -10.53 41.23
CA LEU B 686 -3.87 -10.48 39.83
C LEU B 686 -3.29 -11.65 39.03
N ASN B 687 -1.96 -11.73 39.00
CA ASN B 687 -1.28 -12.85 38.33
C ASN B 687 -1.62 -14.21 38.93
N ALA B 688 -1.68 -14.30 40.26
CA ALA B 688 -2.02 -15.57 40.91
C ALA B 688 -3.46 -16.04 40.66
N MET B 689 -4.36 -15.10 40.36
CA MET B 689 -5.74 -15.46 39.96
C MET B 689 -5.83 -15.76 38.47
N SER B 690 -4.67 -15.80 37.80
CA SER B 690 -4.57 -16.11 36.37
C SER B 690 -5.19 -15.04 35.46
N LYS B 691 -5.44 -13.87 36.03
CA LYS B 691 -6.01 -12.77 35.25
C LYS B 691 -4.87 -11.91 34.71
N VAL B 692 -4.05 -12.50 33.87
CA VAL B 692 -2.84 -11.81 33.45
C VAL B 692 -3.13 -10.79 32.34
N ARG B 693 -2.60 -9.59 32.55
CA ARG B 693 -2.86 -8.46 31.66
C ARG B 693 -2.31 -8.73 30.26
N LYS B 694 -2.98 -8.21 29.24
CA LYS B 694 -2.51 -8.46 27.88
C LYS B 694 -1.57 -7.40 27.33
N ASP B 695 -0.75 -7.80 26.37
CA ASP B 695 0.21 -6.92 25.74
C ASP B 695 1.14 -6.21 26.72
N ILE B 696 1.52 -6.90 27.79
CA ILE B 696 2.48 -6.34 28.76
C ILE B 696 3.20 -7.47 29.46
N GLN B 697 4.46 -7.24 29.83
CA GLN B 697 5.25 -8.27 30.50
C GLN B 697 4.67 -8.57 31.88
N GLU B 698 4.65 -9.84 32.25
CA GLU B 698 3.95 -10.29 33.45
C GLU B 698 4.13 -9.45 34.71
N TRP B 699 5.30 -8.86 34.91
CA TRP B 699 5.55 -8.11 36.14
C TRP B 699 5.87 -6.64 35.92
N LYS B 700 5.79 -6.18 34.69
CA LYS B 700 5.97 -4.76 34.42
C LYS B 700 4.77 -3.99 34.99
N PRO B 701 5.02 -2.86 35.66
CA PRO B 701 3.94 -2.10 36.29
C PRO B 701 2.93 -1.64 35.25
N SER B 702 1.65 -1.60 35.61
CA SER B 702 0.61 -1.09 34.72
C SER B 702 0.82 0.39 34.42
N HIS B 703 0.40 0.79 33.22
CA HIS B 703 0.41 2.18 32.79
C HIS B 703 -0.95 2.78 33.15
N GLY B 704 -0.94 3.95 33.78
CA GLY B 704 -2.18 4.63 34.11
C GLY B 704 -2.18 5.98 33.44
N TRP B 705 -3.37 6.58 33.29
CA TRP B 705 -3.46 7.92 32.71
C TRP B 705 -3.75 9.01 33.73
N HIS B 706 -3.20 10.19 33.50
CA HIS B 706 -3.56 11.38 34.28
C HIS B 706 -4.84 11.99 33.71
N ASP B 707 -4.97 11.98 32.38
CA ASP B 707 -6.11 12.55 31.68
C ASP B 707 -7.23 11.52 31.52
N TRP B 708 -8.38 11.75 32.14
CA TRP B 708 -9.47 10.78 32.06
C TRP B 708 -9.98 10.67 30.62
N GLN B 709 -9.71 11.70 29.82
CA GLN B 709 -10.14 11.72 28.44
C GLN B 709 -9.34 10.81 27.52
N GLN B 710 -8.25 10.21 28.04
CA GLN B 710 -7.45 9.29 27.25
C GLN B 710 -7.57 7.84 27.69
N VAL B 711 -8.33 7.61 28.73
CA VAL B 711 -8.55 6.26 29.20
C VAL B 711 -9.46 5.50 28.25
N PRO B 712 -9.00 4.35 27.76
CA PRO B 712 -9.84 3.52 26.88
C PRO B 712 -10.85 2.69 27.69
N PHE B 713 -12.12 2.69 27.28
CA PHE B 713 -13.13 1.84 27.92
C PHE B 713 -14.10 1.43 26.83
N CYS B 714 -14.31 0.13 26.68
CA CYS B 714 -15.12 -0.44 25.62
C CYS B 714 -14.82 0.09 24.21
N SER B 715 -13.56 -0.04 23.79
CA SER B 715 -13.13 0.38 22.46
C SER B 715 -13.28 1.88 22.18
N ASN B 716 -13.53 2.69 23.19
CA ASN B 716 -13.54 4.15 23.00
C ASN B 716 -12.74 4.82 24.10
N HIS B 717 -12.27 6.03 23.84
CA HIS B 717 -11.98 6.98 24.92
C HIS B 717 -13.02 8.11 24.81
N PHE B 718 -12.96 9.10 25.70
CA PHE B 718 -14.06 10.05 25.76
C PHE B 718 -13.60 11.49 25.86
N GLN B 719 -14.29 12.38 25.15
CA GLN B 719 -13.88 13.78 25.09
C GLN B 719 -15.00 14.69 25.58
N GLU B 720 -14.63 15.68 26.37
CA GLU B 720 -15.58 16.71 26.75
C GLU B 720 -15.48 17.89 25.79
N ILE B 721 -16.56 18.17 25.08
CA ILE B 721 -16.57 19.31 24.16
C ILE B 721 -17.69 20.32 24.46
N VAL B 722 -17.37 21.61 24.32
CA VAL B 722 -18.29 22.70 24.59
C VAL B 722 -19.09 23.12 23.37
N MET B 723 -20.40 23.26 23.53
CA MET B 723 -21.22 23.72 22.42
C MET B 723 -21.25 25.23 22.28
N LYS B 724 -21.78 25.73 21.16
CA LYS B 724 -21.93 27.17 20.94
C LYS B 724 -22.67 27.82 22.11
N ASP B 725 -23.85 27.27 22.41
CA ASP B 725 -24.70 27.79 23.49
C ASP B 725 -24.06 27.79 24.88
N GLY B 726 -23.07 26.93 25.12
CA GLY B 726 -22.32 26.97 26.35
C GLY B 726 -22.39 25.68 27.16
N ARG B 727 -23.35 24.82 26.84
CA ARG B 727 -23.42 23.51 27.44
C ARG B 727 -22.25 22.67 26.96
N SER B 728 -22.05 21.51 27.58
CA SER B 728 -21.02 20.61 27.10
C SER B 728 -21.52 19.17 27.09
N ILE B 729 -20.83 18.32 26.33
CA ILE B 729 -21.20 16.93 26.24
C ILE B 729 -19.93 16.10 26.36
N VAL B 730 -20.10 14.81 26.64
CA VAL B 730 -18.95 13.92 26.70
C VAL B 730 -19.16 12.84 25.65
N VAL B 731 -18.30 12.85 24.63
CA VAL B 731 -18.53 12.03 23.44
C VAL B 731 -17.50 10.91 23.29
N PRO B 732 -17.94 9.77 22.74
CA PRO B 732 -17.04 8.64 22.47
C PRO B 732 -16.14 8.92 21.24
N CYS B 733 -14.90 8.43 21.31
CA CYS B 733 -13.89 8.74 20.32
C CYS B 733 -12.94 7.57 20.17
N ARG B 734 -12.70 7.17 18.93
CA ARG B 734 -11.80 6.07 18.59
C ARG B 734 -11.18 6.31 17.21
N GLY B 735 -10.21 5.50 16.82
CA GLY B 735 -9.47 5.73 15.58
C GLY B 735 -10.33 5.77 14.31
N GLN B 736 -10.17 6.83 13.52
CA GLN B 736 -10.99 7.01 12.33
C GLN B 736 -10.71 6.03 11.20
N ASP B 737 -9.46 5.60 11.07
CA ASP B 737 -9.09 4.63 10.04
C ASP B 737 -9.94 3.38 10.18
N GLU B 738 -9.99 2.85 11.39
CA GLU B 738 -10.73 1.62 11.62
C GLU B 738 -12.25 1.76 11.47
N LEU B 739 -12.78 2.92 11.81
CA LEU B 739 -14.21 3.18 11.63
C LEU B 739 -14.56 3.14 10.14
N ILE B 740 -13.80 3.89 9.33
CA ILE B 740 -13.97 3.90 7.90
C ILE B 740 -13.68 2.51 7.32
N GLY B 741 -12.59 1.91 7.78
CA GLY B 741 -12.22 0.59 7.31
C GLY B 741 -13.33 -0.42 7.52
N ARG B 742 -13.95 -0.39 8.69
CA ARG B 742 -15.06 -1.30 8.96
C ARG B 742 -16.26 -1.03 8.05
N ALA B 743 -16.62 0.24 7.93
CA ALA B 743 -17.75 0.64 7.08
C ALA B 743 -17.55 0.24 5.63
N ARG B 744 -16.29 0.09 5.20
CA ARG B 744 -16.00 -0.28 3.81
C ARG B 744 -16.05 -1.77 3.53
N ILE B 745 -16.37 -2.57 4.55
CA ILE B 745 -16.39 -4.02 4.36
C ILE B 745 -17.82 -4.54 4.38
N SER B 746 -18.18 -5.34 3.39
CA SER B 746 -19.48 -6.00 3.39
C SER B 746 -19.40 -7.34 4.09
N PRO B 747 -20.50 -7.75 4.74
CA PRO B 747 -20.64 -8.96 5.55
C PRO B 747 -20.53 -10.24 4.74
N GLY B 748 -20.70 -10.18 3.43
CA GLY B 748 -20.58 -11.38 2.63
C GLY B 748 -20.64 -11.08 1.15
N ALA B 749 -20.56 -12.13 0.34
CA ALA B 749 -20.75 -12.01 -1.11
C ALA B 749 -22.24 -11.94 -1.48
N GLY B 750 -22.52 -11.56 -2.72
CA GLY B 750 -23.88 -11.63 -3.25
C GLY B 750 -24.84 -10.55 -2.81
N TRP B 751 -24.29 -9.44 -2.30
CA TRP B 751 -25.12 -8.38 -1.76
C TRP B 751 -25.46 -7.38 -2.84
N ASN B 752 -26.76 -7.22 -3.12
CA ASN B 752 -27.23 -6.31 -4.18
C ASN B 752 -27.11 -4.86 -3.79
N VAL B 753 -27.30 -3.97 -4.75
CA VAL B 753 -27.08 -2.54 -4.56
C VAL B 753 -27.85 -1.92 -3.37
N LYS B 754 -29.11 -2.29 -3.23
CA LYS B 754 -29.94 -1.71 -2.15
C LYS B 754 -29.43 -2.13 -0.78
N ASP B 755 -29.21 -3.43 -0.61
CA ASP B 755 -28.68 -3.95 0.65
C ASP B 755 -27.38 -3.28 1.06
N THR B 756 -26.45 -3.15 0.12
CA THR B 756 -25.18 -2.55 0.47
C THR B 756 -25.31 -1.05 0.74
N ALA B 757 -26.20 -0.38 0.00
CA ALA B 757 -26.50 1.02 0.28
C ALA B 757 -27.19 1.17 1.64
N CYS B 758 -28.00 0.20 2.03
CA CYS B 758 -28.67 0.30 3.31
C CYS B 758 -27.67 0.16 4.45
N LEU B 759 -26.73 -0.75 4.30
CA LEU B 759 -25.69 -0.95 5.29
C LEU B 759 -24.81 0.29 5.39
N ALA B 760 -24.53 0.91 4.24
CA ALA B 760 -23.78 2.16 4.22
C ALA B 760 -24.52 3.21 5.03
N LYS B 761 -25.84 3.20 4.89
CA LYS B 761 -26.66 4.22 5.55
C LYS B 761 -26.65 4.00 7.05
N ALA B 762 -26.73 2.73 7.48
CA ALA B 762 -26.53 2.41 8.89
C ALA B 762 -25.23 3.01 9.45
N TYR B 763 -24.08 2.73 8.80
CA TYR B 763 -22.81 3.24 9.28
C TYR B 763 -22.83 4.75 9.31
N ALA B 764 -23.43 5.35 8.29
CA ALA B 764 -23.49 6.81 8.20
C ALA B 764 -24.28 7.39 9.37
N GLN B 765 -25.40 6.77 9.70
CA GLN B 765 -26.24 7.32 10.74
C GLN B 765 -25.62 7.05 12.11
N MET B 766 -24.98 5.90 12.25
CA MET B 766 -24.22 5.65 13.47
C MET B 766 -23.15 6.72 13.71
N TRP B 767 -22.51 7.17 12.64
CA TRP B 767 -21.47 8.17 12.79
C TRP B 767 -22.09 9.49 13.21
N LEU B 768 -23.26 9.79 12.65
CA LEU B 768 -24.00 11.01 12.98
C LEU B 768 -24.42 11.03 14.45
N LEU B 769 -24.84 9.89 14.97
CA LEU B 769 -25.18 9.76 16.38
C LEU B 769 -23.96 9.78 17.34
N LEU B 770 -22.94 8.93 17.06
CA LEU B 770 -21.79 8.78 17.99
C LEU B 770 -20.53 9.57 17.66
N TYR B 771 -20.23 9.77 16.39
CA TYR B 771 -18.94 10.37 16.01
C TYR B 771 -19.10 11.61 15.13
N PHE B 772 -20.26 12.22 15.27
CA PHE B 772 -20.62 13.47 14.59
C PHE B 772 -19.55 14.54 14.81
N HIS B 773 -18.78 14.39 15.86
CA HIS B 773 -17.80 15.41 16.25
C HIS B 773 -16.48 15.20 15.51
N ARG B 774 -16.39 14.11 14.75
CA ARG B 774 -15.21 13.91 13.87
C ARG B 774 -15.49 14.54 12.51
N ARG B 775 -14.70 15.56 12.16
CA ARG B 775 -14.92 16.30 10.90
C ARG B 775 -15.09 15.45 9.63
N ASP B 776 -14.17 14.53 9.33
CA ASP B 776 -14.29 13.70 8.12
C ASP B 776 -15.54 12.84 8.16
N LEU B 777 -15.89 12.38 9.35
CA LEU B 777 -17.02 11.47 9.48
C LEU B 777 -18.36 12.19 9.28
N ARG B 778 -18.46 13.44 9.75
CA ARG B 778 -19.68 14.19 9.56
C ARG B 778 -19.93 14.43 8.06
N LEU B 779 -18.91 14.93 7.38
CA LEU B 779 -18.96 15.10 5.92
C LEU B 779 -19.31 13.80 5.21
N MET B 780 -18.54 12.77 5.48
CA MET B 780 -18.74 11.51 4.79
C MET B 780 -20.09 10.91 5.11
N ALA B 781 -20.57 11.07 6.35
CA ALA B 781 -21.86 10.47 6.71
C ALA B 781 -22.96 11.17 5.95
N ASN B 782 -22.91 12.49 5.94
CA ASN B 782 -23.86 13.28 5.15
C ASN B 782 -23.86 12.91 3.67
N ALA B 783 -22.68 12.81 3.08
CA ALA B 783 -22.56 12.48 1.67
C ALA B 783 -23.20 11.11 1.39
N ILE B 784 -22.92 10.15 2.23
CA ILE B 784 -23.50 8.83 2.04
C ILE B 784 -25.02 8.89 2.10
N CYS B 785 -25.53 9.73 2.99
CA CYS B 785 -26.98 9.81 3.18
C CYS B 785 -27.65 10.57 2.04
N SER B 786 -26.89 11.51 1.45
CA SER B 786 -27.29 12.23 0.25
C SER B 786 -27.36 11.33 -0.98
N ALA B 787 -26.73 10.17 -0.90
CA ALA B 787 -26.55 9.32 -2.08
C ALA B 787 -27.36 8.05 -1.97
N VAL B 788 -28.02 7.89 -0.84
CA VAL B 788 -28.86 6.73 -0.64
C VAL B 788 -30.31 7.25 -0.60
N PRO B 789 -31.23 6.52 -1.25
CA PRO B 789 -32.63 6.94 -1.24
C PRO B 789 -33.17 7.16 0.18
N VAL B 790 -33.79 8.33 0.41
CA VAL B 790 -34.29 8.72 1.73
C VAL B 790 -35.21 7.69 2.35
N ASP B 791 -36.08 7.12 1.54
CA ASP B 791 -37.06 6.23 2.10
C ASP B 791 -36.47 4.85 2.41
N TRP B 792 -35.19 4.66 2.07
CA TRP B 792 -34.54 3.37 2.31
C TRP B 792 -34.13 3.17 3.75
N VAL B 793 -34.44 2.00 4.28
CA VAL B 793 -34.26 1.73 5.70
C VAL B 793 -32.96 0.98 6.03
N PRO B 794 -32.11 1.60 6.87
CA PRO B 794 -30.82 1.04 7.33
C PRO B 794 -30.96 -0.39 7.82
N THR B 795 -30.04 -1.26 7.42
CA THR B 795 -30.02 -2.64 7.93
C THR B 795 -28.58 -3.06 8.19
N GLY B 796 -28.41 -4.25 8.77
CA GLY B 796 -27.10 -4.80 9.04
C GLY B 796 -26.46 -4.37 10.35
N ARG B 797 -25.35 -5.03 10.69
CA ARG B 797 -24.63 -4.79 11.95
C ARG B 797 -23.54 -3.77 11.76
N THR B 798 -23.52 -2.72 12.59
CA THR B 798 -22.43 -1.76 12.54
C THR B 798 -21.54 -1.87 13.77
N SER B 799 -21.99 -2.68 14.74
CA SER B 799 -21.28 -2.79 16.01
C SER B 799 -21.60 -4.08 16.75
N TRP B 800 -20.66 -4.54 17.56
CA TRP B 800 -20.86 -5.74 18.37
C TRP B 800 -21.00 -5.38 19.85
N SER B 801 -20.60 -4.16 20.20
CA SER B 801 -20.58 -3.72 21.58
C SER B 801 -21.96 -3.75 22.20
N ILE B 802 -22.07 -4.43 23.35
CA ILE B 802 -23.31 -4.48 24.10
C ILE B 802 -23.82 -3.07 24.40
N HIS B 803 -22.91 -2.10 24.43
CA HIS B 803 -23.25 -0.71 24.67
C HIS B 803 -23.73 0.04 23.43
N SER B 804 -23.73 -0.64 22.27
CA SER B 804 -24.27 -0.01 21.05
C SER B 804 -25.75 -0.28 20.96
N LYS B 805 -26.54 0.77 21.13
CA LYS B 805 -27.98 0.61 21.34
C LYS B 805 -28.82 0.58 20.05
N GLY B 806 -28.34 1.21 18.99
CA GLY B 806 -28.91 1.03 17.68
C GLY B 806 -29.93 2.06 17.30
N GLU B 807 -29.77 3.26 17.85
CA GLU B 807 -30.74 4.32 17.68
C GLU B 807 -30.68 4.87 16.26
N TRP B 808 -29.56 4.62 15.58
CA TRP B 808 -29.32 5.12 14.22
C TRP B 808 -30.04 4.26 13.19
N MET B 809 -30.53 3.09 13.61
CA MET B 809 -31.27 2.23 12.70
C MET B 809 -32.75 2.64 12.54
N THR B 810 -33.00 3.93 12.28
CA THR B 810 -34.34 4.42 11.98
C THR B 810 -34.31 5.02 10.60
N THR B 811 -35.49 5.44 10.15
CA THR B 811 -35.59 6.31 9.00
C THR B 811 -35.99 7.71 9.48
N GLU B 812 -35.98 7.88 10.79
CA GLU B 812 -36.24 9.18 11.40
C GLU B 812 -35.09 10.14 11.15
N ASP B 813 -35.40 11.42 11.00
CA ASP B 813 -34.38 12.45 10.89
C ASP B 813 -33.35 12.31 12.02
N MET B 814 -32.07 12.37 11.67
CA MET B 814 -31.00 12.14 12.63
C MET B 814 -30.73 13.29 13.60
N LEU B 815 -31.11 14.51 13.25
CA LEU B 815 -31.02 15.60 14.24
C LEU B 815 -32.04 15.33 15.34
N GLN B 816 -33.10 14.60 15.00
CA GLN B 816 -34.09 14.30 15.99
C GLN B 816 -33.52 13.31 16.98
N VAL B 817 -33.06 12.17 16.49
CA VAL B 817 -32.49 11.17 17.39
C VAL B 817 -31.24 11.68 18.11
N TRP B 818 -30.51 12.61 17.50
CA TRP B 818 -29.43 13.25 18.24
C TRP B 818 -29.92 14.05 19.44
N ASN B 819 -31.00 14.80 19.26
CA ASN B 819 -31.57 15.54 20.38
C ASN B 819 -32.02 14.57 21.48
N ARG B 820 -32.72 13.53 21.07
CA ARG B 820 -33.17 12.51 22.01
C ARG B 820 -32.03 11.95 22.87
N VAL B 821 -30.90 11.56 22.27
CA VAL B 821 -29.84 10.99 23.12
C VAL B 821 -28.94 12.01 23.81
N TRP B 822 -28.53 13.05 23.11
CA TRP B 822 -27.57 13.99 23.72
C TRP B 822 -28.18 15.12 24.58
N ILE B 823 -29.47 15.37 24.42
CA ILE B 823 -30.14 16.41 25.19
C ILE B 823 -31.17 15.81 26.16
N GLU B 824 -32.29 15.32 25.62
CA GLU B 824 -33.41 14.82 26.42
C GLU B 824 -33.07 13.73 27.42
N GLU B 825 -32.60 12.60 26.90
CA GLU B 825 -32.31 11.44 27.72
C GLU B 825 -30.93 11.50 28.35
N ASN B 826 -30.28 12.64 28.20
CA ASN B 826 -28.96 12.80 28.77
C ASN B 826 -29.01 13.31 30.21
N GLU B 827 -29.01 12.37 31.14
CA GLU B 827 -29.13 12.71 32.57
C GLU B 827 -28.03 13.59 33.13
N TRP B 828 -27.04 13.94 32.31
CA TRP B 828 -25.94 14.74 32.82
C TRP B 828 -26.01 16.14 32.28
N MET B 829 -27.16 16.44 31.68
CA MET B 829 -27.44 17.76 31.17
C MET B 829 -28.76 18.31 31.71
N MET B 830 -28.66 19.48 32.34
CA MET B 830 -29.80 20.14 32.95
C MET B 830 -30.73 20.77 31.92
N ASP B 831 -30.17 21.72 31.15
CA ASP B 831 -30.89 22.42 30.10
C ASP B 831 -31.39 21.49 29.01
N LYS B 832 -32.71 21.39 28.82
CA LYS B 832 -33.20 20.52 27.75
C LYS B 832 -33.62 21.24 26.46
N THR B 833 -33.19 22.49 26.29
CA THR B 833 -33.43 23.22 25.04
C THR B 833 -32.84 22.46 23.83
N PRO B 834 -33.71 22.10 22.86
CA PRO B 834 -33.28 21.28 21.72
C PRO B 834 -32.33 22.01 20.78
N ILE B 835 -31.56 21.27 19.98
CA ILE B 835 -30.68 21.88 18.99
C ILE B 835 -31.41 21.93 17.64
N THR B 836 -31.44 23.10 17.01
CA THR B 836 -32.27 23.27 15.81
C THR B 836 -31.53 22.90 14.51
N SER B 837 -30.22 23.19 14.49
CA SER B 837 -29.39 22.85 13.34
C SER B 837 -28.05 22.16 13.67
N TRP B 838 -27.64 21.25 12.78
CA TRP B 838 -26.38 20.53 12.88
C TRP B 838 -25.17 21.42 13.07
N THR B 839 -25.26 22.64 12.60
CA THR B 839 -24.14 23.57 12.73
C THR B 839 -23.94 24.00 14.20
N ASP B 840 -24.85 23.58 15.07
CA ASP B 840 -24.74 23.87 16.50
C ASP B 840 -24.14 22.69 17.29
N VAL B 841 -24.24 21.50 16.70
CA VAL B 841 -23.54 20.32 17.17
C VAL B 841 -22.03 20.51 16.97
N PRO B 842 -21.25 20.39 18.05
CA PRO B 842 -19.81 20.73 18.09
C PRO B 842 -18.84 19.67 17.50
N TYR B 843 -17.58 20.05 17.32
CA TYR B 843 -16.50 19.12 16.90
C TYR B 843 -15.47 19.03 18.02
N VAL B 844 -14.78 17.90 18.15
CA VAL B 844 -13.57 17.87 19.00
C VAL B 844 -12.59 18.86 18.39
N GLY B 845 -11.56 19.21 19.14
CA GLY B 845 -10.56 20.13 18.65
C GLY B 845 -9.79 19.47 17.54
N LYS B 846 -9.29 20.27 16.59
CA LYS B 846 -8.52 19.76 15.46
C LYS B 846 -7.34 18.91 15.93
N ARG B 847 -6.68 19.33 17.00
CA ARG B 847 -5.58 18.54 17.56
C ARG B 847 -6.01 17.11 17.82
N GLU B 848 -7.19 16.93 18.40
CA GLU B 848 -7.63 15.60 18.77
C GLU B 848 -8.12 14.85 17.55
N ASP B 849 -8.77 15.56 16.63
CA ASP B 849 -9.22 14.98 15.37
C ASP B 849 -8.04 14.33 14.62
N ILE B 850 -6.95 15.07 14.52
CA ILE B 850 -5.77 14.60 13.79
C ILE B 850 -5.11 13.43 14.51
N TRP B 851 -4.97 13.57 15.83
CA TRP B 851 -4.44 12.50 16.64
C TRP B 851 -5.21 11.20 16.45
N CYS B 852 -6.49 11.30 16.15
CA CYS B 852 -7.27 10.09 16.01
C CYS B 852 -7.59 9.74 14.57
N GLY B 853 -6.78 10.28 13.65
CA GLY B 853 -6.75 9.79 12.29
C GLY B 853 -7.39 10.68 11.26
N SER B 854 -7.66 11.93 11.59
CA SER B 854 -8.38 12.80 10.66
C SER B 854 -7.49 13.19 9.51
N LEU B 855 -8.09 13.37 8.34
CA LEU B 855 -7.35 13.84 7.18
C LEU B 855 -7.42 15.35 6.97
N ILE B 856 -7.95 16.10 7.94
CA ILE B 856 -8.10 17.55 7.76
C ILE B 856 -6.77 18.27 7.57
N GLY B 857 -6.75 19.29 6.72
CA GLY B 857 -5.54 20.05 6.47
C GLY B 857 -4.63 19.45 5.42
N THR B 858 -5.18 18.49 4.68
CA THR B 858 -4.47 17.60 3.77
C THR B 858 -5.04 17.81 2.38
N ARG B 859 -4.18 17.90 1.37
CA ARG B 859 -4.71 18.28 0.05
C ARG B 859 -5.60 17.21 -0.57
N SER B 860 -5.28 15.98 -0.25
CA SER B 860 -6.10 14.85 -0.62
C SER B 860 -7.52 15.05 -0.10
N ARG B 861 -7.64 15.57 1.12
CA ARG B 861 -8.95 15.69 1.76
C ARG B 861 -9.68 16.87 1.19
N ALA B 862 -8.91 17.94 0.95
CA ALA B 862 -9.45 19.17 0.37
C ALA B 862 -10.16 18.85 -0.94
N THR B 863 -9.42 18.22 -1.84
CA THR B 863 -9.96 17.84 -3.14
C THR B 863 -11.22 17.00 -3.02
N TRP B 864 -11.23 16.12 -2.02
CA TRP B 864 -12.36 15.24 -1.75
C TRP B 864 -13.60 16.03 -1.35
N ALA B 865 -13.39 17.04 -0.52
CA ALA B 865 -14.46 17.87 0.00
C ALA B 865 -15.02 18.79 -1.09
N GLU B 866 -14.14 19.55 -1.74
CA GLU B 866 -14.52 20.38 -2.87
C GLU B 866 -15.32 19.62 -3.93
N ASN B 867 -14.96 18.38 -4.22
CA ASN B 867 -15.64 17.64 -5.27
C ASN B 867 -16.65 16.60 -4.81
N ILE B 868 -17.10 16.73 -3.56
CA ILE B 868 -17.98 15.74 -2.97
C ILE B 868 -19.29 15.47 -3.74
N TYR B 869 -19.86 16.51 -4.34
CA TYR B 869 -21.11 16.35 -5.09
C TYR B 869 -20.96 15.38 -6.27
N ALA B 870 -19.79 15.41 -6.90
CA ALA B 870 -19.47 14.47 -7.97
C ALA B 870 -19.51 13.02 -7.46
N ALA B 871 -18.91 12.78 -6.29
CA ALA B 871 -18.93 11.45 -5.68
C ALA B 871 -20.35 11.04 -5.35
N ILE B 872 -21.11 11.97 -4.79
CA ILE B 872 -22.51 11.68 -4.46
C ILE B 872 -23.26 11.27 -5.72
N ASN B 873 -23.12 12.08 -6.78
CA ASN B 873 -23.76 11.79 -8.05
C ASN B 873 -23.32 10.45 -8.67
N GLN B 874 -22.03 10.14 -8.59
CA GLN B 874 -21.55 8.81 -8.98
C GLN B 874 -22.40 7.68 -8.35
N VAL B 875 -22.54 7.72 -7.02
CA VAL B 875 -23.30 6.70 -6.32
C VAL B 875 -24.78 6.68 -6.75
N ARG B 876 -25.41 7.86 -6.76
CA ARG B 876 -26.80 7.99 -7.22
C ARG B 876 -27.02 7.37 -8.60
N ALA B 877 -26.05 7.61 -9.50
CA ALA B 877 -26.11 7.03 -10.85
C ALA B 877 -26.16 5.49 -10.79
N VAL B 878 -25.30 4.90 -9.97
CA VAL B 878 -25.28 3.45 -9.81
C VAL B 878 -26.61 2.90 -9.31
N ILE B 879 -27.15 3.56 -8.29
CA ILE B 879 -28.39 3.12 -7.67
C ILE B 879 -29.59 3.31 -8.60
N GLY B 880 -29.68 4.49 -9.22
CA GLY B 880 -30.75 4.76 -10.16
C GLY B 880 -31.65 5.95 -9.84
N LYS B 881 -32.77 6.04 -10.56
CA LYS B 881 -33.76 7.08 -10.32
C LYS B 881 -34.56 6.68 -9.09
N GLU B 882 -34.56 7.57 -8.11
CA GLU B 882 -35.13 7.29 -6.79
C GLU B 882 -35.26 8.64 -6.09
N ASN B 883 -35.80 8.64 -4.87
CA ASN B 883 -35.90 9.89 -4.13
C ASN B 883 -34.68 10.19 -3.25
N TYR B 884 -34.05 11.33 -3.49
CA TYR B 884 -32.82 11.70 -2.81
C TYR B 884 -32.96 13.07 -2.21
N VAL B 885 -32.26 13.28 -1.10
CA VAL B 885 -32.24 14.57 -0.44
C VAL B 885 -30.78 14.98 -0.32
N ASP B 886 -30.49 16.27 -0.50
CA ASP B 886 -29.15 16.79 -0.28
C ASP B 886 -28.95 17.20 1.17
N TYR B 887 -28.13 16.43 1.89
CA TYR B 887 -27.90 16.76 3.29
C TYR B 887 -26.64 17.60 3.46
N MET B 888 -25.85 17.74 2.41
CA MET B 888 -24.58 18.46 2.54
C MET B 888 -24.76 19.88 3.07
N THR B 889 -25.93 20.46 2.81
CA THR B 889 -26.29 21.80 3.30
C THR B 889 -26.30 21.94 4.84
N SER B 890 -26.50 20.82 5.53
CA SER B 890 -26.22 20.68 6.98
C SER B 890 -24.91 21.31 7.46
N LEU B 891 -23.92 21.40 6.56
CA LEU B 891 -22.59 21.85 6.95
C LEU B 891 -22.33 23.27 6.49
N ARG B 892 -21.62 24.02 7.32
CA ARG B 892 -21.22 25.41 7.03
C ARG B 892 -20.51 25.57 5.67
N ARG B 893 -19.93 24.48 5.19
CA ARG B 893 -19.10 24.47 3.99
C ARG B 893 -19.95 24.53 2.72
N TYR B 894 -21.14 23.96 2.78
CA TYR B 894 -21.99 23.88 1.60
C TYR B 894 -23.26 24.73 1.76
N GLU B 895 -23.08 26.01 2.08
CA GLU B 895 -24.23 26.87 2.35
C GLU B 895 -24.44 27.99 1.33
N SAH C . -8.39 -8.20 -21.75
CA SAH C . -7.36 -8.30 -20.72
CB SAH C . -7.98 -8.85 -19.44
CG SAH C . -8.58 -7.71 -18.64
SD SAH C . -9.31 -8.28 -17.09
C SAH C . -6.10 -9.08 -21.11
O SAH C . -5.04 -8.94 -20.49
OXT SAH C . -6.09 -9.89 -22.03
C5' SAH C . -10.28 -6.76 -17.01
C4' SAH C . -9.52 -5.69 -16.23
O4' SAH C . -10.27 -4.49 -16.12
C3' SAH C . -9.23 -6.18 -14.81
O3' SAH C . -7.84 -6.28 -14.63
C2' SAH C . -9.88 -5.15 -13.90
O2' SAH C . -9.07 -4.81 -12.81
C1' SAH C . -10.11 -3.96 -14.82
N9 SAH C . -11.27 -3.17 -14.36
C8 SAH C . -12.37 -3.61 -13.65
N7 SAH C . -13.20 -2.56 -13.43
C5 SAH C . -12.64 -1.45 -13.99
C6 SAH C . -13.05 -0.11 -14.05
N6 SAH C . -14.20 0.27 -13.51
N1 SAH C . -12.25 0.80 -14.70
C2 SAH C . -11.04 0.39 -15.28
N3 SAH C . -10.64 -0.92 -15.21
C4 SAH C . -11.42 -1.83 -14.57
S SO4 D . 3.89 -23.65 -14.80
O1 SO4 D . 5.19 -23.19 -15.31
O2 SO4 D . 3.42 -22.73 -13.78
O3 SO4 D . 2.93 -23.70 -15.90
O4 SO4 D . 4.05 -24.99 -14.23
S SO4 E . -5.30 -21.66 -15.14
O1 SO4 E . -4.46 -21.07 -16.17
O2 SO4 E . -6.00 -20.59 -14.41
O3 SO4 E . -6.24 -22.59 -15.77
O4 SO4 E . -4.49 -22.46 -14.21
S SO4 F . -1.41 -16.71 -16.96
O1 SO4 F . -0.77 -15.41 -16.85
O2 SO4 F . -2.69 -16.67 -16.28
O3 SO4 F . -1.63 -17.04 -18.36
O4 SO4 F . -0.58 -17.73 -16.37
S SO4 G . -19.32 -31.32 -25.03
O1 SO4 G . -19.76 -30.13 -25.77
O2 SO4 G . -19.26 -31.01 -23.61
O3 SO4 G . -20.28 -32.41 -25.23
O4 SO4 G . -17.99 -31.76 -25.48
S SO4 H . -13.19 -17.66 -14.26
O1 SO4 H . -12.41 -17.43 -15.49
O2 SO4 H . -13.45 -16.40 -13.56
O3 SO4 H . -14.51 -18.23 -14.54
O4 SO4 H . -12.44 -18.59 -13.40
S SO4 I . 31.20 9.69 -20.82
O1 SO4 I . 32.20 10.56 -20.21
O2 SO4 I . 30.26 10.43 -21.68
O3 SO4 I . 30.46 9.06 -19.72
O4 SO4 I . 31.82 8.63 -21.62
S SO4 J . 14.78 19.02 -8.07
O1 SO4 J . 14.84 20.09 -9.06
O2 SO4 J . 15.19 19.53 -6.76
O3 SO4 J . 13.38 18.57 -8.03
O4 SO4 J . 15.68 17.90 -8.39
S SO4 K . 7.05 17.69 -19.50
O1 SO4 K . 8.33 18.04 -20.12
O2 SO4 K . 6.49 18.88 -18.88
O3 SO4 K . 6.13 17.15 -20.50
O4 SO4 K . 7.29 16.65 -18.48
S SO4 L . 33.81 40.35 -42.17
O1 SO4 L . 34.82 40.35 -41.11
O2 SO4 L . 32.79 41.31 -41.76
O3 SO4 L . 33.20 39.03 -42.37
O4 SO4 L . 34.40 40.77 -43.44
S SO4 M . -8.01 -8.50 -12.09
O1 SO4 M . -7.22 -7.34 -12.47
O2 SO4 M . -8.64 -8.31 -10.79
O3 SO4 M . -9.07 -8.71 -13.08
O4 SO4 M . -7.13 -9.66 -12.07
ZN ZN N . 31.16 20.54 -36.16
ZN ZN O . 4.60 24.19 1.46
N SAH P . 12.98 -20.97 3.57
CA SAH P . 11.91 -20.30 2.82
CB SAH P . 12.51 -19.36 1.78
CG SAH P . 12.64 -17.95 2.34
SD SAH P . 13.52 -16.79 1.28
C SAH P . 10.87 -21.26 2.22
O SAH P . 9.76 -20.85 1.87
OXT SAH P . 11.11 -22.45 2.10
C5' SAH P . 14.05 -15.89 2.75
C4' SAH P . 12.95 -14.97 3.26
O4' SAH P . 13.44 -14.24 4.37
C3' SAH P . 12.51 -13.94 2.20
O3' SAH P . 11.13 -14.06 1.89
C2' SAH P . 12.85 -12.59 2.80
O2' SAH P . 11.85 -11.62 2.61
C1' SAH P . 13.00 -12.90 4.29
N9 SAH P . 13.87 -11.90 4.94
C8 SAH P . 14.95 -11.25 4.41
N7 SAH P . 15.44 -10.40 5.34
C5 SAH P . 14.68 -10.49 6.47
C6 SAH P . 14.75 -9.85 7.70
N6 SAH P . 15.69 -8.95 7.96
N1 SAH P . 13.80 -10.18 8.67
C2 SAH P . 12.82 -11.13 8.40
N3 SAH P . 12.76 -11.75 7.18
C4 SAH P . 13.68 -11.43 6.22
S SO4 Q . 12.07 -21.33 -11.45
O1 SO4 Q . 12.09 -19.93 -11.00
O2 SO4 Q . 11.31 -22.14 -10.51
O3 SO4 Q . 11.51 -21.44 -12.80
O4 SO4 Q . 13.43 -21.87 -11.48
S SO4 R . 7.37 -21.77 -7.00
O1 SO4 R . 8.50 -20.89 -6.73
O2 SO4 R . 6.47 -21.75 -5.84
O3 SO4 R . 6.70 -21.32 -8.21
O4 SO4 R . 7.84 -23.13 -7.20
S SO4 S . 28.68 -31.58 -13.39
O1 SO4 S . 29.19 -30.41 -12.67
O2 SO4 S . 27.62 -32.24 -12.61
O3 SO4 S . 28.15 -31.18 -14.70
O4 SO4 S . 29.77 -32.52 -13.60
S SO4 T . 18.48 -17.40 -7.43
O1 SO4 T . 18.12 -16.36 -6.47
O2 SO4 T . 19.96 -17.45 -7.49
O3 SO4 T . 17.98 -17.02 -8.76
O4 SO4 T . 17.88 -18.68 -7.03
S SO4 U . -29.32 -21.46 13.45
O1 SO4 U . -28.15 -20.60 13.30
O2 SO4 U . -30.44 -20.65 13.95
O3 SO4 U . -29.68 -22.02 12.15
O4 SO4 U . -29.01 -22.55 14.37
S SO4 V . -17.41 -2.77 18.01
O1 SO4 V . -18.64 -2.34 18.66
O2 SO4 V . -16.29 -2.31 18.84
O3 SO4 V . -17.41 -2.22 16.65
O4 SO4 V . -17.42 -4.24 17.89
S SO4 W . -8.14 -11.53 23.53
O1 SO4 W . -8.26 -10.73 22.31
O2 SO4 W . -8.78 -10.79 24.62
O3 SO4 W . -8.82 -12.81 23.36
O4 SO4 W . -6.72 -11.74 23.83
S SO4 X . 11.50 -12.37 -1.07
O1 SO4 X . 11.82 -11.08 -1.69
O2 SO4 X . 10.74 -12.20 0.16
O3 SO4 X . 10.67 -13.17 -1.99
O4 SO4 X . 12.74 -13.09 -0.80
ZN ZN Y . -9.93 10.39 19.99
ZN ZN Z . -29.74 -30.34 30.10
#